data_2FN2
#
_entry.id   2FN2
#
_cell.length_a   1.000
_cell.length_b   1.000
_cell.length_c   1.000
_cell.angle_alpha   90.00
_cell.angle_beta   90.00
_cell.angle_gamma   90.00
#
_symmetry.space_group_name_H-M   'P 1'
#
loop_
_entity.id
_entity.type
_entity.pdbx_description
1 polymer FIBRONECTIN
2 non-polymer 2-acetamido-2-deoxy-beta-D-glucopyranose
#
_entity_poly.entity_id   1
_entity_poly.type   'polypeptide(L)'
_entity_poly.pdbx_seq_one_letter_code
;VLVQTRGGNSNGALCHFPFLYNNHNYTDCTSEGRRDNMKWCGTTQNYDADQKFGFCPMA
;
_entity_poly.pdbx_strand_id   A
#
loop_
_chem_comp.id
_chem_comp.type
_chem_comp.name
_chem_comp.formula
NAG D-saccharide, beta linking 2-acetamido-2-deoxy-beta-D-glucopyranose 'C8 H15 N O6'
#
# COMPACT_ATOMS: atom_id res chain seq x y z
N VAL A 1 2.29 4.81 -14.36
CA VAL A 1 2.35 3.45 -13.76
C VAL A 1 0.98 3.08 -13.17
N LEU A 2 0.76 1.82 -12.91
CA LEU A 2 -0.55 1.39 -12.34
C LEU A 2 -0.34 0.33 -11.26
N VAL A 3 -0.45 0.69 -10.02
CA VAL A 3 -0.26 -0.30 -8.93
C VAL A 3 -1.60 -0.89 -8.47
N GLN A 4 -1.94 -2.05 -8.95
CA GLN A 4 -3.24 -2.66 -8.55
C GLN A 4 -3.00 -3.90 -7.68
N THR A 5 -3.84 -4.14 -6.71
CA THR A 5 -3.63 -5.32 -5.84
C THR A 5 -4.92 -6.13 -5.70
N ARG A 6 -4.83 -7.28 -5.10
CA ARG A 6 -6.04 -8.14 -4.91
C ARG A 6 -5.76 -9.23 -3.88
N GLY A 7 -6.14 -9.02 -2.65
CA GLY A 7 -5.89 -10.05 -1.61
C GLY A 7 -5.54 -9.37 -0.29
N GLY A 8 -4.91 -8.23 -0.35
CA GLY A 8 -4.54 -7.51 0.91
C GLY A 8 -5.80 -7.20 1.71
N ASN A 9 -5.83 -6.06 2.34
CA ASN A 9 -7.04 -5.68 3.14
C ASN A 9 -8.00 -4.85 2.29
N SER A 10 -7.73 -4.74 1.01
CA SER A 10 -8.64 -3.95 0.13
C SER A 10 -9.66 -4.87 -0.53
N ASN A 11 -9.58 -6.14 -0.29
CA ASN A 11 -10.55 -7.09 -0.90
C ASN A 11 -10.53 -6.97 -2.43
N GLY A 12 -9.50 -6.36 -2.97
CA GLY A 12 -9.43 -6.22 -4.45
C GLY A 12 -9.56 -4.74 -4.83
N ALA A 13 -8.52 -3.98 -4.64
CA ALA A 13 -8.58 -2.53 -4.99
C ALA A 13 -7.24 -2.07 -5.57
N LEU A 14 -7.21 -0.91 -6.17
CA LEU A 14 -5.93 -0.41 -6.75
C LEU A 14 -5.19 0.46 -5.74
N CYS A 15 -3.98 0.12 -5.41
CA CYS A 15 -3.22 0.95 -4.42
C CYS A 15 -3.28 2.42 -4.85
N HIS A 16 -3.12 3.33 -3.92
CA HIS A 16 -3.18 4.77 -4.30
C HIS A 16 -1.99 5.54 -3.71
N PHE A 17 -1.77 6.72 -4.21
CA PHE A 17 -0.64 7.55 -3.70
C PHE A 17 -0.99 9.04 -3.84
N PRO A 18 -0.50 9.84 -2.92
CA PRO A 18 0.30 9.34 -1.79
C PRO A 18 -0.61 8.67 -0.76
N PHE A 19 -0.07 7.93 0.17
CA PHE A 19 -0.93 7.29 1.20
C PHE A 19 -0.26 7.33 2.57
N LEU A 20 -0.84 8.06 3.49
CA LEU A 20 -0.25 8.17 4.85
C LEU A 20 -0.14 6.80 5.50
N TYR A 21 1.06 6.35 5.76
CA TYR A 21 1.24 5.02 6.42
C TYR A 21 1.87 5.21 7.80
N ASN A 22 1.07 5.26 8.83
CA ASN A 22 1.63 5.46 10.20
C ASN A 22 2.31 6.82 10.28
N ASN A 23 1.63 7.85 9.83
CA ASN A 23 2.23 9.22 9.88
C ASN A 23 3.37 9.32 8.86
N HIS A 24 3.49 8.35 7.99
CA HIS A 24 4.58 8.39 6.98
C HIS A 24 3.99 8.53 5.57
N ASN A 25 3.61 9.72 5.18
CA ASN A 25 3.04 9.92 3.83
C ASN A 25 3.97 9.32 2.77
N TYR A 26 3.64 8.16 2.27
CA TYR A 26 4.51 7.52 1.23
C TYR A 26 3.89 7.69 -0.15
N THR A 27 4.58 8.34 -1.04
CA THR A 27 4.01 8.52 -2.42
C THR A 27 4.41 7.34 -3.30
N ASP A 28 4.55 6.17 -2.73
CA ASP A 28 4.94 4.98 -3.53
C ASP A 28 4.82 3.71 -2.69
N CYS A 29 5.36 2.63 -3.15
CA CYS A 29 5.28 1.36 -2.37
C CYS A 29 6.44 1.28 -1.37
N THR A 30 6.26 0.55 -0.29
CA THR A 30 7.35 0.43 0.70
C THR A 30 7.37 -0.99 1.29
N SER A 31 8.53 -1.48 1.62
CA SER A 31 8.62 -2.85 2.20
C SER A 31 8.94 -2.76 3.70
N GLU A 32 8.61 -1.67 4.32
CA GLU A 32 8.90 -1.52 5.78
C GLU A 32 8.06 -2.50 6.60
N GLY A 33 7.02 -2.99 6.03
CA GLY A 33 6.15 -3.96 6.76
C GLY A 33 6.36 -5.37 6.20
N ARG A 34 7.42 -5.56 5.47
CA ARG A 34 7.69 -6.91 4.90
C ARG A 34 9.05 -7.43 5.37
N ARG A 35 9.27 -8.70 5.23
CA ARG A 35 10.58 -9.29 5.65
C ARG A 35 11.15 -10.12 4.50
N ASP A 36 10.71 -9.85 3.29
CA ASP A 36 11.22 -10.62 2.12
C ASP A 36 11.92 -9.68 1.14
N ASN A 37 11.18 -8.90 0.41
CA ASN A 37 11.80 -7.96 -0.57
C ASN A 37 10.71 -7.20 -1.33
N MET A 38 9.64 -7.85 -1.66
CA MET A 38 8.54 -7.16 -2.41
C MET A 38 8.14 -5.88 -1.69
N LYS A 39 7.23 -5.12 -2.25
CA LYS A 39 6.79 -3.86 -1.61
C LYS A 39 5.26 -3.76 -1.63
N TRP A 40 4.67 -3.33 -0.54
CA TRP A 40 3.18 -3.21 -0.51
C TRP A 40 2.79 -1.74 -0.59
N CYS A 41 1.52 -1.45 -0.54
CA CYS A 41 1.06 -0.03 -0.61
C CYS A 41 -0.30 0.12 0.08
N GLY A 42 -0.58 1.27 0.62
CA GLY A 42 -1.89 1.47 1.30
C GLY A 42 -2.99 1.69 0.25
N THR A 43 -4.17 1.24 0.52
CA THR A 43 -5.29 1.42 -0.45
C THR A 43 -6.19 2.57 0.01
N THR A 44 -5.91 3.12 1.16
CA THR A 44 -6.75 4.26 1.67
C THR A 44 -5.93 5.55 1.70
N GLN A 45 -6.53 6.63 2.11
CA GLN A 45 -5.79 7.92 2.16
C GLN A 45 -5.33 8.21 3.60
N ASN A 46 -5.67 7.33 4.52
CA ASN A 46 -5.27 7.54 5.93
C ASN A 46 -5.03 6.19 6.60
N TYR A 47 -3.90 5.58 6.36
CA TYR A 47 -3.61 4.25 6.97
C TYR A 47 -3.73 4.33 8.49
N ASP A 48 -3.21 5.37 9.10
CA ASP A 48 -3.30 5.47 10.58
C ASP A 48 -4.76 5.42 11.03
N ALA A 49 -5.66 5.81 10.18
CA ALA A 49 -7.11 5.79 10.55
C ALA A 49 -7.88 4.82 9.66
N ASP A 50 -7.20 4.10 8.81
CA ASP A 50 -7.92 3.15 7.91
C ASP A 50 -7.43 1.72 8.16
N GLN A 51 -6.14 1.50 8.14
CA GLN A 51 -5.61 0.12 8.37
C GLN A 51 -5.90 -0.76 7.15
N LYS A 52 -5.63 -0.27 5.97
CA LYS A 52 -5.89 -1.07 4.74
C LYS A 52 -4.67 -1.00 3.80
N PHE A 53 -4.09 -2.12 3.50
CA PHE A 53 -2.90 -2.11 2.59
C PHE A 53 -3.15 -3.00 1.37
N GLY A 54 -2.13 -3.19 0.58
CA GLY A 54 -2.25 -4.03 -0.64
C GLY A 54 -0.85 -4.34 -1.13
N PHE A 55 -0.70 -4.88 -2.30
CA PHE A 55 0.66 -5.19 -2.80
C PHE A 55 1.04 -4.20 -3.91
N CYS A 56 2.29 -4.18 -4.31
CA CYS A 56 2.71 -3.22 -5.37
C CYS A 56 3.31 -3.97 -6.57
N PRO A 57 2.54 -4.82 -7.19
CA PRO A 57 3.02 -5.58 -8.36
C PRO A 57 3.44 -4.62 -9.49
N MET A 58 4.67 -4.19 -9.49
CA MET A 58 5.12 -3.25 -10.56
C MET A 58 6.65 -3.12 -10.52
N ALA A 59 7.19 -2.20 -11.28
CA ALA A 59 8.66 -2.01 -11.29
C ALA A 59 9.03 -0.66 -10.66
C1 NAG B . 0.02 13.39 5.06
C2 NAG B . 0.30 14.36 6.20
C3 NAG B . -1.02 14.72 6.86
C4 NAG B . -1.99 15.37 5.84
C5 NAG B . -2.20 14.37 4.64
C6 NAG B . -2.99 15.00 3.49
C7 NAG B . 2.54 13.88 7.06
C8 NAG B . 3.37 13.15 8.12
N2 NAG B . 1.21 13.77 7.18
O3 NAG B . -0.81 15.63 7.93
O4 NAG B . -3.20 15.68 6.50
O5 NAG B . -0.88 14.00 4.12
O6 NAG B . -2.49 16.30 3.23
O7 NAG B . 3.08 14.55 6.16
H1 NAG B . -0.43 12.48 5.47
H2 NAG B . 0.76 15.28 5.79
H3 NAG B . -1.48 13.80 7.24
H4 NAG B . -1.52 16.29 5.45
H5 NAG B . -2.72 13.47 5.00
H61 NAG B . -4.06 15.05 3.76
H62 NAG B . -2.88 14.38 2.59
H81 NAG B . 3.63 12.15 7.74
H82 NAG B . 2.78 13.06 9.04
H83 NAG B . 4.29 13.71 8.31
HN2 NAG B . 0.83 13.23 7.90
HO3 NAG B . -1.16 15.25 8.75
HO4 NAG B . -3.59 16.47 6.13
HO6 NAG B . -3.09 16.78 2.65
N VAL A 1 2.03 6.08 -11.65
CA VAL A 1 1.98 4.64 -12.04
C VAL A 1 0.60 4.05 -11.69
N LEU A 2 0.31 2.87 -12.17
CA LEU A 2 -1.01 2.24 -11.88
C LEU A 2 -0.81 1.00 -11.00
N VAL A 3 -0.72 1.18 -9.71
CA VAL A 3 -0.54 0.02 -8.80
C VAL A 3 -1.89 -0.49 -8.31
N GLN A 4 -2.24 -1.70 -8.65
CA GLN A 4 -3.55 -2.26 -8.19
C GLN A 4 -3.35 -3.60 -7.48
N THR A 5 -4.05 -3.83 -6.41
CA THR A 5 -3.91 -5.13 -5.70
C THR A 5 -5.24 -5.86 -5.63
N ARG A 6 -5.23 -7.10 -5.22
CA ARG A 6 -6.50 -7.88 -5.13
C ARG A 6 -6.27 -9.14 -4.30
N GLY A 7 -5.77 -8.99 -3.11
CA GLY A 7 -5.54 -10.18 -2.25
C GLY A 7 -5.36 -9.72 -0.79
N GLY A 8 -4.70 -8.61 -0.60
CA GLY A 8 -4.49 -8.10 0.78
C GLY A 8 -5.83 -7.71 1.40
N ASN A 9 -5.92 -6.53 1.97
CA ASN A 9 -7.20 -6.10 2.59
C ASN A 9 -8.00 -5.24 1.60
N SER A 10 -7.66 -5.28 0.35
CA SER A 10 -8.42 -4.47 -0.66
C SER A 10 -9.53 -5.31 -1.30
N ASN A 11 -9.59 -6.57 -0.96
CA ASN A 11 -10.64 -7.45 -1.55
C ASN A 11 -10.83 -7.15 -3.04
N GLY A 12 -9.79 -6.69 -3.69
CA GLY A 12 -9.92 -6.39 -5.15
C GLY A 12 -10.04 -4.88 -5.35
N ALA A 13 -9.10 -4.12 -4.83
CA ALA A 13 -9.16 -2.64 -4.99
C ALA A 13 -7.81 -2.10 -5.47
N LEU A 14 -7.82 -1.06 -6.25
CA LEU A 14 -6.54 -0.49 -6.77
C LEU A 14 -5.87 0.34 -5.67
N CYS A 15 -4.59 0.15 -5.46
CA CYS A 15 -3.88 0.94 -4.42
C CYS A 15 -3.86 2.42 -4.82
N HIS A 16 -3.60 3.31 -3.90
CA HIS A 16 -3.57 4.75 -4.27
C HIS A 16 -2.44 5.49 -3.56
N PHE A 17 -2.10 6.63 -4.07
CA PHE A 17 -1.02 7.45 -3.44
C PHE A 17 -1.27 8.93 -3.69
N PRO A 18 -0.69 9.77 -2.87
CA PRO A 18 0.16 9.30 -1.73
C PRO A 18 -0.73 8.74 -0.62
N PHE A 19 -0.16 8.01 0.30
CA PHE A 19 -0.99 7.45 1.40
C PHE A 19 -0.22 7.53 2.74
N LEU A 20 -0.76 8.25 3.68
CA LEU A 20 -0.10 8.39 5.01
C LEU A 20 0.07 7.01 5.66
N TYR A 21 1.27 6.49 5.68
CA TYR A 21 1.48 5.16 6.30
C TYR A 21 2.22 5.31 7.64
N ASN A 22 1.50 5.24 8.73
CA ASN A 22 2.17 5.38 10.06
C ASN A 22 2.73 6.79 10.20
N ASN A 23 1.96 7.78 9.86
CA ASN A 23 2.45 9.18 9.96
C ASN A 23 3.56 9.40 8.93
N HIS A 24 3.70 8.51 7.99
CA HIS A 24 4.77 8.66 6.96
C HIS A 24 4.13 8.87 5.58
N ASN A 25 3.70 10.07 5.29
CA ASN A 25 3.08 10.33 3.98
C ASN A 25 3.95 9.77 2.85
N TYR A 26 3.61 8.62 2.33
CA TYR A 26 4.43 8.03 1.24
C TYR A 26 3.74 8.27 -0.12
N THR A 27 4.41 7.96 -1.19
CA THR A 27 3.80 8.16 -2.53
C THR A 27 4.15 6.99 -3.45
N ASP A 28 4.77 5.97 -2.91
CA ASP A 28 5.15 4.79 -3.76
C ASP A 28 5.06 3.51 -2.93
N CYS A 29 5.57 2.42 -3.44
CA CYS A 29 5.51 1.14 -2.68
C CYS A 29 6.57 1.14 -1.58
N THR A 30 6.34 0.41 -0.52
CA THR A 30 7.33 0.37 0.58
C THR A 30 7.28 -0.99 1.29
N SER A 31 8.42 -1.53 1.63
CA SER A 31 8.44 -2.85 2.32
C SER A 31 8.82 -2.66 3.79
N GLU A 32 8.51 -1.53 4.36
CA GLU A 32 8.85 -1.29 5.78
C GLU A 32 8.01 -2.18 6.69
N GLY A 33 7.03 -2.85 6.13
CA GLY A 33 6.17 -3.75 6.94
C GLY A 33 6.32 -5.18 6.43
N ARG A 34 7.31 -5.43 5.61
CA ARG A 34 7.51 -6.80 5.07
C ARG A 34 8.77 -7.43 5.67
N ARG A 35 8.93 -8.71 5.51
CA ARG A 35 10.14 -9.39 6.06
C ARG A 35 10.86 -10.15 4.95
N ASP A 36 10.64 -9.78 3.73
CA ASP A 36 11.32 -10.50 2.60
C ASP A 36 12.01 -9.50 1.67
N ASN A 37 11.25 -8.71 0.96
CA ASN A 37 11.88 -7.72 0.02
C ASN A 37 10.80 -7.07 -0.85
N MET A 38 9.72 -7.74 -1.08
CA MET A 38 8.63 -7.15 -1.93
C MET A 38 8.26 -5.77 -1.39
N LYS A 39 7.20 -5.19 -1.91
CA LYS A 39 6.78 -3.84 -1.44
C LYS A 39 5.26 -3.71 -1.49
N TRP A 40 4.64 -3.40 -0.38
CA TRP A 40 3.16 -3.25 -0.37
C TRP A 40 2.78 -1.79 -0.51
N CYS A 41 1.51 -1.51 -0.64
CA CYS A 41 1.07 -0.10 -0.77
C CYS A 41 -0.28 0.09 -0.07
N GLY A 42 -0.50 1.24 0.50
CA GLY A 42 -1.79 1.48 1.20
C GLY A 42 -2.91 1.69 0.19
N THR A 43 -4.08 1.19 0.47
CA THR A 43 -5.22 1.35 -0.46
C THR A 43 -6.11 2.50 0.01
N THR A 44 -5.62 3.32 0.89
CA THR A 44 -6.42 4.48 1.39
C THR A 44 -5.55 5.73 1.47
N GLN A 45 -6.08 6.78 2.01
CA GLN A 45 -5.29 8.04 2.12
C GLN A 45 -4.93 8.32 3.59
N ASN A 46 -5.31 7.45 4.48
CA ASN A 46 -4.98 7.66 5.91
C ASN A 46 -4.75 6.31 6.59
N TYR A 47 -3.60 5.72 6.37
CA TYR A 47 -3.30 4.40 6.99
C TYR A 47 -3.38 4.46 8.51
N ASP A 48 -2.92 5.52 9.09
CA ASP A 48 -2.97 5.63 10.58
C ASP A 48 -4.39 5.37 11.09
N ALA A 49 -5.36 5.57 10.26
CA ALA A 49 -6.77 5.34 10.70
C ALA A 49 -7.52 4.41 9.75
N ASP A 50 -6.82 3.86 8.78
CA ASP A 50 -7.51 2.95 7.81
C ASP A 50 -6.95 1.53 7.92
N GLN A 51 -5.79 1.38 8.49
CA GLN A 51 -5.17 0.03 8.64
C GLN A 51 -5.46 -0.85 7.42
N LYS A 52 -5.40 -0.28 6.24
CA LYS A 52 -5.68 -1.09 5.02
C LYS A 52 -4.52 -0.98 4.03
N PHE A 53 -3.90 -2.09 3.72
CA PHE A 53 -2.75 -2.06 2.76
C PHE A 53 -3.01 -3.05 1.63
N GLY A 54 -2.06 -3.20 0.75
CA GLY A 54 -2.22 -4.15 -0.38
C GLY A 54 -0.84 -4.45 -0.97
N PHE A 55 -0.79 -5.01 -2.13
CA PHE A 55 0.53 -5.30 -2.74
C PHE A 55 0.86 -4.23 -3.79
N CYS A 56 2.11 -4.06 -4.14
CA CYS A 56 2.46 -3.03 -5.14
C CYS A 56 3.19 -3.62 -6.34
N PRO A 57 2.64 -4.68 -6.90
CA PRO A 57 3.27 -5.32 -8.09
C PRO A 57 3.37 -4.32 -9.24
N MET A 58 4.42 -3.54 -9.27
CA MET A 58 4.56 -2.54 -10.37
C MET A 58 5.94 -1.86 -10.30
N ALA A 59 6.97 -2.53 -10.73
CA ALA A 59 8.33 -1.92 -10.69
C ALA A 59 8.88 -1.77 -12.10
C1 NAG B . 0.28 13.78 5.64
C2 NAG B . 0.66 14.65 6.83
C3 NAG B . -0.61 14.99 7.60
C4 NAG B . -1.62 15.73 6.69
C5 NAG B . -1.93 14.83 5.43
C6 NAG B . -2.78 15.57 4.39
C7 NAG B . 2.94 14.05 7.50
C8 NAG B . 3.81 13.22 8.43
N2 NAG B . 1.60 13.95 7.69
O3 NAG B . -0.32 15.80 8.72
O4 NAG B . -2.79 16.02 7.45
O5 NAG B . -0.66 14.48 4.81
O6 NAG B . -2.71 14.85 3.15
O7 NAG B . 3.43 14.76 6.62
H1 NAG B . -0.17 12.85 6.00
H2 NAG B . 1.11 15.58 6.46
H3 NAG B . -1.07 14.04 7.93
H4 NAG B . -1.16 16.67 6.34
H5 NAG B . -2.45 13.91 5.76
H61 NAG B . -2.39 16.58 4.24
H62 NAG B . -3.82 15.63 4.72
H81 NAG B . 3.29 12.28 8.69
H82 NAG B . 4.01 13.79 9.35
H83 NAG B . 4.76 12.97 7.94
HN2 NAG B . 1.26 13.38 8.41
HO3 NAG B . 0.11 15.26 9.39
HO4 NAG B . -2.55 16.53 8.22
HO6 NAG B . -2.95 13.92 3.31
N VAL A 1 3.08 3.20 -14.13
CA VAL A 1 2.24 3.51 -12.94
C VAL A 1 1.02 2.57 -12.90
N LEU A 2 1.14 1.46 -12.23
CA LEU A 2 0.00 0.51 -12.15
C LEU A 2 0.14 -0.39 -10.92
N VAL A 3 -0.10 0.14 -9.75
CA VAL A 3 0.01 -0.69 -8.53
C VAL A 3 -1.32 -1.37 -8.21
N GLN A 4 -1.58 -2.50 -8.79
CA GLN A 4 -2.86 -3.21 -8.52
C GLN A 4 -2.71 -4.19 -7.35
N THR A 5 -3.69 -4.25 -6.50
CA THR A 5 -3.61 -5.19 -5.34
C THR A 5 -4.82 -6.13 -5.33
N ARG A 6 -4.67 -7.31 -4.79
CA ARG A 6 -5.81 -8.27 -4.76
C ARG A 6 -5.57 -9.35 -3.71
N GLY A 7 -5.76 -9.03 -2.46
CA GLY A 7 -5.55 -10.03 -1.38
C GLY A 7 -5.32 -9.33 -0.06
N GLY A 8 -4.79 -8.13 -0.09
CA GLY A 8 -4.55 -7.39 1.19
C GLY A 8 -5.88 -7.04 1.84
N ASN A 9 -6.17 -5.78 1.94
CA ASN A 9 -7.47 -5.37 2.57
C ASN A 9 -8.35 -4.65 1.54
N SER A 10 -7.90 -4.57 0.32
CA SER A 10 -8.71 -3.88 -0.73
C SER A 10 -9.73 -4.85 -1.33
N ASN A 11 -9.71 -6.08 -0.91
CA ASN A 11 -10.67 -7.07 -1.45
C ASN A 11 -10.73 -6.99 -2.98
N GLY A 12 -9.62 -6.77 -3.62
CA GLY A 12 -9.61 -6.68 -5.10
C GLY A 12 -9.76 -5.23 -5.53
N ALA A 13 -8.76 -4.42 -5.30
CA ALA A 13 -8.84 -2.99 -5.70
C ALA A 13 -7.44 -2.43 -5.92
N LEU A 14 -7.32 -1.35 -6.65
CA LEU A 14 -5.98 -0.75 -6.89
C LEU A 14 -5.54 0.09 -5.70
N CYS A 15 -4.27 0.21 -5.48
CA CYS A 15 -3.78 1.02 -4.32
C CYS A 15 -3.92 2.51 -4.62
N HIS A 16 -3.62 3.37 -3.67
CA HIS A 16 -3.74 4.83 -3.94
C HIS A 16 -2.59 5.59 -3.26
N PHE A 17 -2.21 6.69 -3.83
CA PHE A 17 -1.10 7.50 -3.24
C PHE A 17 -1.30 8.99 -3.57
N PRO A 18 -0.69 9.84 -2.78
CA PRO A 18 0.13 9.41 -1.63
C PRO A 18 -0.76 8.89 -0.50
N PHE A 19 -0.21 8.18 0.45
CA PHE A 19 -1.05 7.65 1.56
C PHE A 19 -0.29 7.65 2.88
N LEU A 20 -0.83 8.28 3.88
CA LEU A 20 -0.16 8.32 5.21
C LEU A 20 0.00 6.92 5.78
N TYR A 21 1.20 6.40 5.80
CA TYR A 21 1.42 5.03 6.33
C TYR A 21 2.15 5.09 7.68
N ASN A 22 1.49 4.74 8.74
CA ASN A 22 2.15 4.79 10.07
C ASN A 22 2.64 6.20 10.36
N ASN A 23 1.85 7.19 10.00
CA ASN A 23 2.25 8.61 10.22
C ASN A 23 3.37 9.00 9.25
N HIS A 24 3.41 8.39 8.10
CA HIS A 24 4.48 8.74 7.10
C HIS A 24 3.86 8.86 5.71
N ASN A 25 3.44 10.04 5.34
CA ASN A 25 2.83 10.23 4.00
C ASN A 25 3.77 9.76 2.89
N TYR A 26 3.48 8.63 2.30
CA TYR A 26 4.34 8.12 1.20
C TYR A 26 3.64 8.34 -0.14
N THR A 27 4.24 7.90 -1.22
CA THR A 27 3.60 8.09 -2.55
C THR A 27 4.03 6.98 -3.51
N ASP A 28 4.41 5.85 -3.00
CA ASP A 28 4.84 4.73 -3.87
C ASP A 28 4.83 3.43 -3.07
N CYS A 29 5.30 2.36 -3.65
CA CYS A 29 5.31 1.06 -2.90
C CYS A 29 6.45 1.07 -1.88
N THR A 30 6.30 0.36 -0.80
CA THR A 30 7.39 0.34 0.22
C THR A 30 7.40 -1.01 0.94
N SER A 31 8.56 -1.50 1.29
CA SER A 31 8.64 -2.81 1.98
C SER A 31 9.02 -2.59 3.45
N GLU A 32 8.76 -1.43 3.97
CA GLU A 32 9.10 -1.14 5.40
C GLU A 32 8.18 -1.91 6.34
N GLY A 33 7.17 -2.54 5.80
CA GLY A 33 6.23 -3.31 6.67
C GLY A 33 6.29 -4.79 6.28
N ARG A 34 7.22 -5.15 5.44
CA ARG A 34 7.33 -6.58 5.02
C ARG A 34 8.57 -7.22 5.65
N ARG A 35 8.66 -8.52 5.59
CA ARG A 35 9.84 -9.22 6.17
C ARG A 35 10.54 -10.06 5.11
N ASP A 36 10.26 -9.80 3.86
CA ASP A 36 10.91 -10.61 2.78
C ASP A 36 11.67 -9.69 1.81
N ASN A 37 10.97 -8.92 1.01
CA ASN A 37 11.66 -8.02 0.06
C ASN A 37 10.65 -7.32 -0.85
N MET A 38 9.57 -7.99 -1.18
CA MET A 38 8.55 -7.37 -2.07
C MET A 38 8.16 -5.99 -1.53
N LYS A 39 7.27 -5.32 -2.21
CA LYS A 39 6.83 -3.97 -1.75
C LYS A 39 5.30 -3.86 -1.79
N TRP A 40 4.70 -3.48 -0.70
CA TRP A 40 3.22 -3.36 -0.67
C TRP A 40 2.82 -1.89 -0.85
N CYS A 41 1.56 -1.57 -0.70
CA CYS A 41 1.14 -0.15 -0.86
C CYS A 41 -0.21 0.09 -0.17
N GLY A 42 -0.35 1.20 0.51
CA GLY A 42 -1.64 1.49 1.21
C GLY A 42 -2.70 1.98 0.23
N THR A 43 -3.87 1.41 0.30
CA THR A 43 -4.96 1.84 -0.63
C THR A 43 -5.83 2.92 0.00
N THR A 44 -5.53 3.30 1.22
CA THR A 44 -6.35 4.36 1.89
C THR A 44 -5.58 5.67 1.98
N GLN A 45 -6.25 6.75 2.28
CA GLN A 45 -5.55 8.06 2.39
C GLN A 45 -5.07 8.29 3.83
N ASN A 46 -5.43 7.41 4.73
CA ASN A 46 -5.00 7.57 6.14
C ASN A 46 -4.74 6.19 6.76
N TYR A 47 -3.64 5.57 6.43
CA TYR A 47 -3.33 4.22 6.99
C TYR A 47 -3.44 4.23 8.51
N ASP A 48 -3.03 5.31 9.14
CA ASP A 48 -3.10 5.36 10.62
C ASP A 48 -4.55 5.23 11.09
N ALA A 49 -5.47 5.80 10.35
CA ALA A 49 -6.91 5.71 10.76
C ALA A 49 -7.64 4.70 9.87
N ASP A 50 -6.94 4.03 9.00
CA ASP A 50 -7.61 3.03 8.10
C ASP A 50 -6.95 1.65 8.26
N GLN A 51 -5.66 1.58 8.03
CA GLN A 51 -4.94 0.28 8.17
C GLN A 51 -5.29 -0.64 6.99
N LYS A 52 -5.31 -0.09 5.80
CA LYS A 52 -5.65 -0.94 4.61
C LYS A 52 -4.47 -0.94 3.64
N PHE A 53 -3.87 -2.07 3.41
CA PHE A 53 -2.72 -2.11 2.47
C PHE A 53 -2.98 -3.10 1.33
N GLY A 54 -2.06 -3.19 0.42
CA GLY A 54 -2.21 -4.13 -0.73
C GLY A 54 -0.82 -4.51 -1.21
N PHE A 55 -0.68 -4.89 -2.45
CA PHE A 55 0.67 -5.26 -2.95
C PHE A 55 1.06 -4.38 -4.14
N CYS A 56 2.30 -4.39 -4.51
CA CYS A 56 2.74 -3.55 -5.66
C CYS A 56 3.42 -4.40 -6.75
N PRO A 57 2.65 -5.26 -7.37
CA PRO A 57 3.18 -6.14 -8.44
C PRO A 57 3.68 -5.29 -9.62
N MET A 58 4.90 -4.84 -9.57
CA MET A 58 5.44 -4.02 -10.69
C MET A 58 6.96 -3.89 -10.56
N ALA A 59 7.69 -4.69 -11.27
CA ALA A 59 9.18 -4.61 -11.20
C ALA A 59 9.63 -4.66 -9.73
C1 NAG B . -0.49 13.54 5.10
C2 NAG B . -0.23 14.37 6.35
C3 NAG B . -1.58 14.67 7.00
C4 NAG B . -2.49 15.44 6.03
C5 NAG B . -2.68 14.59 4.72
C6 NAG B . -3.42 15.36 3.61
C7 NAG B . 1.97 13.78 7.24
C8 NAG B . 2.75 12.93 8.24
N2 NAG B . 0.63 13.65 7.28
O3 NAG B . -1.40 15.44 8.17
O4 NAG B . -3.73 15.69 6.69
O5 NAG B . -1.35 14.27 4.21
O6 NAG B . -4.83 15.26 3.84
O7 NAG B . 2.53 14.55 6.46
H1 NAG B . -0.97 12.59 5.38
H2 NAG B . 0.24 15.32 6.06
H3 NAG B . -2.07 13.71 7.26
H4 NAG B . -2.01 16.39 5.76
H5 NAG B . -3.22 13.67 4.95
H61 NAG B . -3.17 14.94 2.64
H62 NAG B . -3.12 16.43 3.65
H81 NAG B . 3.43 12.26 7.69
H82 NAG B . 2.05 12.32 8.83
H83 NAG B . 3.33 13.57 8.90
HN2 NAG B . 0.23 13.02 7.91
HO3 NAG B . -0.83 16.19 7.99
HO4 NAG B . -3.58 16.20 7.49
HO6 NAG B . -5.20 14.61 3.23
N VAL A 1 0.89 5.17 -13.22
CA VAL A 1 1.36 3.88 -12.64
C VAL A 1 0.19 2.91 -12.48
N LEU A 2 0.46 1.63 -12.54
CA LEU A 2 -0.65 0.63 -12.39
C LEU A 2 -0.36 -0.32 -11.23
N VAL A 3 -0.32 0.19 -10.03
CA VAL A 3 -0.06 -0.68 -8.86
C VAL A 3 -1.38 -1.22 -8.31
N GLN A 4 -1.84 -2.33 -8.81
CA GLN A 4 -3.13 -2.90 -8.34
C GLN A 4 -2.89 -3.90 -7.19
N THR A 5 -3.89 -4.12 -6.38
CA THR A 5 -3.74 -5.09 -5.25
C THR A 5 -4.93 -6.04 -5.22
N ARG A 6 -4.68 -7.30 -4.97
CA ARG A 6 -5.81 -8.29 -4.92
C ARG A 6 -5.49 -9.40 -3.94
N GLY A 7 -5.60 -9.15 -2.66
CA GLY A 7 -5.30 -10.19 -1.64
C GLY A 7 -4.95 -9.53 -0.31
N GLY A 8 -4.43 -8.34 -0.35
CA GLY A 8 -4.06 -7.64 0.91
C GLY A 8 -5.33 -7.27 1.67
N ASN A 9 -5.55 -6.00 1.91
CA ASN A 9 -6.77 -5.57 2.65
C ASN A 9 -7.67 -4.74 1.73
N SER A 10 -7.74 -5.06 0.47
CA SER A 10 -8.60 -4.28 -0.46
C SER A 10 -9.68 -5.19 -1.06
N ASN A 11 -9.61 -6.46 -0.79
CA ASN A 11 -10.64 -7.39 -1.34
C ASN A 11 -10.76 -7.24 -2.86
N GLY A 12 -9.73 -6.74 -3.50
CA GLY A 12 -9.80 -6.57 -4.97
C GLY A 12 -9.92 -5.09 -5.32
N ALA A 13 -8.85 -4.36 -5.20
CA ALA A 13 -8.91 -2.90 -5.52
C ALA A 13 -7.51 -2.38 -5.86
N LEU A 14 -7.43 -1.34 -6.65
CA LEU A 14 -6.09 -0.80 -7.02
C LEU A 14 -5.55 0.07 -5.88
N CYS A 15 -4.27 -0.05 -5.58
CA CYS A 15 -3.68 0.78 -4.50
C CYS A 15 -3.80 2.26 -4.84
N HIS A 16 -3.54 3.13 -3.89
CA HIS A 16 -3.66 4.59 -4.20
C HIS A 16 -2.53 5.37 -3.51
N PHE A 17 -2.22 6.52 -4.05
CA PHE A 17 -1.11 7.34 -3.45
C PHE A 17 -1.41 8.83 -3.64
N PRO A 18 -0.84 9.65 -2.80
CA PRO A 18 0.04 9.16 -1.70
C PRO A 18 -0.80 8.54 -0.59
N PHE A 19 -0.19 7.80 0.30
CA PHE A 19 -0.98 7.18 1.40
C PHE A 19 -0.26 7.35 2.75
N LEU A 20 -0.84 8.07 3.65
CA LEU A 20 -0.22 8.30 4.98
C LEU A 20 -0.04 6.97 5.72
N TYR A 21 1.16 6.49 5.83
CA TYR A 21 1.38 5.21 6.55
C TYR A 21 2.13 5.46 7.86
N ASN A 22 1.51 5.18 8.97
CA ASN A 22 2.20 5.43 10.27
C ASN A 22 2.56 6.90 10.40
N ASN A 23 1.68 7.77 9.97
CA ASN A 23 1.96 9.23 10.05
C ASN A 23 3.09 9.59 9.09
N HIS A 24 3.21 8.88 8.00
CA HIS A 24 4.29 9.19 7.02
C HIS A 24 3.73 9.10 5.59
N ASN A 25 3.31 10.20 5.05
CA ASN A 25 2.74 10.18 3.66
C ASN A 25 3.76 9.65 2.66
N TYR A 26 3.60 8.42 2.25
CA TYR A 26 4.54 7.84 1.24
C TYR A 26 3.86 7.85 -0.14
N THR A 27 4.47 8.45 -1.12
CA THR A 27 3.83 8.47 -2.47
C THR A 27 4.30 7.28 -3.30
N ASP A 28 4.98 6.35 -2.70
CA ASP A 28 5.45 5.16 -3.48
C ASP A 28 5.27 3.89 -2.65
N CYS A 29 5.62 2.75 -3.18
CA CYS A 29 5.46 1.50 -2.40
C CYS A 29 6.57 1.41 -1.35
N THR A 30 6.26 0.91 -0.19
CA THR A 30 7.29 0.78 0.86
C THR A 30 7.32 -0.64 1.42
N SER A 31 8.47 -1.15 1.74
CA SER A 31 8.54 -2.54 2.29
C SER A 31 8.94 -2.50 3.77
N GLU A 32 8.51 -1.50 4.47
CA GLU A 32 8.87 -1.40 5.92
C GLU A 32 8.08 -2.42 6.74
N GLY A 33 7.20 -3.14 6.10
CA GLY A 33 6.40 -4.15 6.85
C GLY A 33 6.43 -5.50 6.13
N ARG A 34 7.40 -5.73 5.29
CA ARG A 34 7.46 -7.03 4.58
C ARG A 34 8.45 -7.98 5.27
N ARG A 35 8.61 -9.16 4.75
CA ARG A 35 9.56 -10.12 5.36
C ARG A 35 10.19 -10.98 4.26
N ASP A 36 10.14 -10.53 3.04
CA ASP A 36 10.74 -11.34 1.93
C ASP A 36 11.60 -10.45 1.03
N ASN A 37 11.00 -9.71 0.14
CA ASN A 37 11.79 -8.83 -0.77
C ASN A 37 10.87 -8.06 -1.72
N MET A 38 9.66 -7.79 -1.30
CA MET A 38 8.72 -7.04 -2.18
C MET A 38 8.19 -5.80 -1.45
N LYS A 39 7.43 -4.97 -2.12
CA LYS A 39 6.91 -3.76 -1.45
C LYS A 39 5.38 -3.72 -1.53
N TRP A 40 4.76 -3.07 -0.58
CA TRP A 40 3.27 -2.98 -0.58
C TRP A 40 2.86 -1.51 -0.63
N CYS A 41 1.59 -1.24 -0.55
CA CYS A 41 1.13 0.18 -0.59
C CYS A 41 -0.24 0.32 0.06
N GLY A 42 -0.50 1.44 0.67
CA GLY A 42 -1.81 1.64 1.34
C GLY A 42 -2.92 1.76 0.30
N THR A 43 -4.08 1.28 0.62
CA THR A 43 -5.23 1.37 -0.33
C THR A 43 -6.16 2.51 0.09
N THR A 44 -5.84 3.20 1.15
CA THR A 44 -6.71 4.33 1.60
C THR A 44 -5.91 5.63 1.62
N GLN A 45 -6.53 6.69 2.07
CA GLN A 45 -5.83 8.00 2.11
C GLN A 45 -5.38 8.33 3.54
N ASN A 46 -5.50 7.40 4.44
CA ASN A 46 -5.08 7.65 5.85
C ASN A 46 -4.86 6.32 6.57
N TYR A 47 -3.72 5.72 6.39
CA TYR A 47 -3.44 4.41 7.06
C TYR A 47 -3.59 4.53 8.58
N ASP A 48 -3.13 5.61 9.14
CA ASP A 48 -3.23 5.77 10.62
C ASP A 48 -4.69 5.75 11.07
N ALA A 49 -5.60 6.09 10.19
CA ALA A 49 -7.04 6.11 10.59
C ALA A 49 -7.82 5.04 9.83
N ASP A 50 -7.16 4.22 9.05
CA ASP A 50 -7.90 3.16 8.30
C ASP A 50 -7.21 1.80 8.49
N GLN A 51 -5.92 1.75 8.32
CA GLN A 51 -5.19 0.46 8.47
C GLN A 51 -5.50 -0.49 7.32
N LYS A 52 -5.26 -0.05 6.11
CA LYS A 52 -5.53 -0.93 4.93
C LYS A 52 -4.36 -0.87 3.96
N PHE A 53 -3.76 -1.98 3.65
CA PHE A 53 -2.61 -1.97 2.72
C PHE A 53 -2.87 -2.88 1.51
N GLY A 54 -1.90 -2.99 0.65
CA GLY A 54 -2.06 -3.85 -0.56
C GLY A 54 -0.67 -4.23 -1.07
N PHE A 55 -0.52 -4.52 -2.33
CA PHE A 55 0.83 -4.88 -2.84
C PHE A 55 1.24 -3.94 -3.96
N CYS A 56 2.49 -3.98 -4.35
CA CYS A 56 2.96 -3.08 -5.44
C CYS A 56 3.60 -3.87 -6.59
N PRO A 57 2.91 -4.88 -7.05
CA PRO A 57 3.43 -5.70 -8.18
C PRO A 57 3.64 -4.82 -9.41
N MET A 58 4.80 -4.21 -9.53
CA MET A 58 5.06 -3.33 -10.71
C MET A 58 6.54 -2.98 -10.79
N ALA A 59 7.16 -3.19 -11.91
CA ALA A 59 8.60 -2.86 -12.05
C ALA A 59 9.01 -2.91 -13.52
C1 NAG B . -0.37 13.75 4.81
C2 NAG B . -0.29 14.62 6.06
C3 NAG B . -1.66 15.22 6.32
C4 NAG B . -2.14 16.05 5.12
C5 NAG B . -2.15 15.14 3.84
C6 NAG B . -2.44 15.94 2.55
C7 NAG B . 1.47 13.67 7.48
C8 NAG B . 1.79 12.86 8.73
N2 NAG B . 0.16 13.83 7.21
O3 NAG B . -1.63 16.04 7.48
O4 NAG B . -3.43 16.58 5.42
O5 NAG B . -0.83 14.54 3.70
O6 NAG B . -1.43 16.94 2.41
O7 NAG B . 2.37 14.15 6.77
H1 NAG B . -1.08 12.93 4.99
H2 NAG B . 0.43 15.44 5.87
H3 NAG B . -2.38 14.38 6.48
H4 NAG B . -1.42 16.87 4.96
H5 NAG B . -2.90 14.35 3.95
H61 NAG B . -3.42 16.43 2.64
H62 NAG B . -2.41 15.27 1.69
H81 NAG B . 0.86 12.48 9.18
H82 NAG B . 2.32 13.49 9.46
H83 NAG B . 2.43 12.00 8.45
HN2 NAG B . -0.51 13.43 7.80
HO3 NAG B . -1.24 15.55 8.21
HO4 NAG B . -3.38 17.08 6.25
HO6 NAG B . -0.56 16.53 2.47
N VAL A 1 1.47 2.78 -15.74
CA VAL A 1 1.74 2.50 -14.30
C VAL A 1 0.45 2.08 -13.61
N LEU A 2 0.21 0.80 -13.50
CA LEU A 2 -1.04 0.32 -12.82
C LEU A 2 -0.67 -0.63 -11.66
N VAL A 3 -0.88 -0.20 -10.45
CA VAL A 3 -0.56 -1.08 -9.29
C VAL A 3 -1.85 -1.64 -8.68
N GLN A 4 -2.38 -2.69 -9.24
CA GLN A 4 -3.64 -3.27 -8.69
C GLN A 4 -3.30 -4.41 -7.72
N THR A 5 -3.99 -4.48 -6.62
CA THR A 5 -3.70 -5.58 -5.64
C THR A 5 -4.98 -6.34 -5.31
N ARG A 6 -4.84 -7.47 -4.67
CA ARG A 6 -6.04 -8.28 -4.30
C ARG A 6 -5.66 -9.33 -3.26
N GLY A 7 -5.80 -9.01 -2.00
CA GLY A 7 -5.46 -9.99 -0.93
C GLY A 7 -5.20 -9.24 0.38
N GLY A 8 -4.68 -8.04 0.29
CA GLY A 8 -4.43 -7.26 1.53
C GLY A 8 -5.75 -7.02 2.27
N ASN A 9 -6.17 -5.79 2.34
CA ASN A 9 -7.45 -5.49 3.04
C ASN A 9 -8.44 -4.83 2.07
N SER A 10 -8.07 -4.68 0.84
CA SER A 10 -9.00 -4.05 -0.15
C SER A 10 -9.88 -5.12 -0.80
N ASN A 11 -9.61 -6.36 -0.53
CA ASN A 11 -10.43 -7.46 -1.11
C ASN A 11 -10.52 -7.32 -2.64
N GLY A 12 -9.62 -6.60 -3.25
CA GLY A 12 -9.68 -6.45 -4.73
C GLY A 12 -9.82 -4.96 -5.08
N ALA A 13 -8.74 -4.23 -5.02
CA ALA A 13 -8.82 -2.78 -5.36
C ALA A 13 -7.43 -2.26 -5.76
N LEU A 14 -7.37 -1.20 -6.51
CA LEU A 14 -6.05 -0.65 -6.92
C LEU A 14 -5.46 0.20 -5.81
N CYS A 15 -4.18 0.05 -5.54
CA CYS A 15 -3.55 0.87 -4.46
C CYS A 15 -3.58 2.36 -4.84
N HIS A 16 -3.27 3.22 -3.91
CA HIS A 16 -3.30 4.67 -4.22
C HIS A 16 -2.18 5.41 -3.46
N PHE A 17 -1.75 6.52 -3.98
CA PHE A 17 -0.67 7.31 -3.31
C PHE A 17 -0.87 8.81 -3.58
N PRO A 18 -0.30 9.63 -2.74
CA PRO A 18 0.47 9.15 -1.56
C PRO A 18 -0.48 8.60 -0.48
N PHE A 19 0.00 7.74 0.38
CA PHE A 19 -0.89 7.21 1.45
C PHE A 19 -0.22 7.30 2.82
N LEU A 20 -0.82 8.02 3.73
CA LEU A 20 -0.24 8.19 5.09
C LEU A 20 -0.16 6.84 5.81
N TYR A 21 1.03 6.35 6.05
CA TYR A 21 1.17 5.05 6.76
C TYR A 21 1.85 5.27 8.11
N ASN A 22 1.16 5.06 9.19
CA ASN A 22 1.79 5.28 10.53
C ASN A 22 2.28 6.72 10.62
N ASN A 23 1.53 7.64 10.10
CA ASN A 23 1.95 9.07 10.14
C ASN A 23 3.13 9.28 9.20
N HIS A 24 3.19 8.53 8.13
CA HIS A 24 4.32 8.68 7.16
C HIS A 24 3.78 8.67 5.73
N ASN A 25 3.37 9.81 5.24
CA ASN A 25 2.82 9.87 3.84
C ASN A 25 3.84 9.29 2.85
N TYR A 26 3.68 8.05 2.50
CA TYR A 26 4.62 7.43 1.51
C TYR A 26 4.02 7.52 0.10
N THR A 27 4.68 8.18 -0.80
CA THR A 27 4.12 8.29 -2.18
C THR A 27 4.48 7.06 -3.01
N ASP A 28 5.17 6.12 -2.42
CA ASP A 28 5.56 4.89 -3.18
C ASP A 28 5.35 3.65 -2.30
N CYS A 29 5.67 2.49 -2.79
CA CYS A 29 5.48 1.25 -1.98
C CYS A 29 6.62 1.12 -0.97
N THR A 30 6.36 0.52 0.15
CA THR A 30 7.42 0.35 1.17
C THR A 30 7.45 -1.10 1.67
N SER A 31 8.61 -1.63 1.90
CA SER A 31 8.70 -3.04 2.39
C SER A 31 8.95 -3.05 3.91
N GLU A 32 8.50 -2.03 4.60
CA GLU A 32 8.71 -1.98 6.07
C GLU A 32 7.96 -3.11 6.76
N GLY A 33 7.12 -3.79 6.05
CA GLY A 33 6.36 -4.92 6.66
C GLY A 33 6.69 -6.23 5.93
N ARG A 34 7.59 -6.17 4.99
CA ARG A 34 7.96 -7.41 4.24
C ARG A 34 9.43 -7.72 4.44
N ARG A 35 10.27 -6.84 3.98
CA ARG A 35 11.74 -7.07 4.13
C ARG A 35 12.13 -8.40 3.49
N ASP A 36 11.30 -8.92 2.63
CA ASP A 36 11.62 -10.22 1.97
C ASP A 36 12.07 -9.98 0.53
N ASN A 37 11.39 -9.14 -0.18
CA ASN A 37 11.79 -8.88 -1.60
C ASN A 37 10.82 -7.89 -2.26
N MET A 38 9.54 -8.16 -2.22
CA MET A 38 8.56 -7.24 -2.86
C MET A 38 8.19 -6.09 -1.92
N LYS A 39 7.21 -5.30 -2.28
CA LYS A 39 6.81 -4.15 -1.41
C LYS A 39 5.29 -3.99 -1.45
N TRP A 40 4.71 -3.38 -0.44
CA TRP A 40 3.23 -3.20 -0.42
C TRP A 40 2.90 -1.71 -0.40
N CYS A 41 1.63 -1.38 -0.38
CA CYS A 41 1.24 0.06 -0.35
C CYS A 41 -0.09 0.24 0.41
N GLY A 42 -0.68 1.40 0.34
CA GLY A 42 -1.96 1.61 1.08
C GLY A 42 -3.10 1.86 0.10
N THR A 43 -4.26 1.34 0.39
CA THR A 43 -5.41 1.55 -0.53
C THR A 43 -6.25 2.76 -0.09
N THR A 44 -5.79 3.49 0.89
CA THR A 44 -6.59 4.67 1.34
C THR A 44 -5.70 5.92 1.41
N GLN A 45 -6.27 7.01 1.86
CA GLN A 45 -5.49 8.28 1.96
C GLN A 45 -5.08 8.53 3.42
N ASN A 46 -5.46 7.65 4.30
CA ASN A 46 -5.09 7.82 5.74
C ASN A 46 -5.01 6.45 6.43
N TYR A 47 -3.93 5.76 6.24
CA TYR A 47 -3.77 4.42 6.86
C TYR A 47 -4.03 4.49 8.38
N ASP A 48 -3.54 5.49 9.03
CA ASP A 48 -3.76 5.59 10.50
C ASP A 48 -5.25 5.77 10.81
N ALA A 49 -5.99 6.35 9.91
CA ALA A 49 -7.45 6.56 10.15
C ALA A 49 -8.29 5.58 9.32
N ASP A 50 -7.67 4.71 8.58
CA ASP A 50 -8.45 3.74 7.76
C ASP A 50 -7.92 2.32 7.95
N GLN A 51 -6.62 2.14 7.84
CA GLN A 51 -6.03 0.78 8.01
C GLN A 51 -6.35 -0.09 6.79
N LYS A 52 -5.59 0.06 5.74
CA LYS A 52 -5.84 -0.75 4.51
C LYS A 52 -4.58 -0.78 3.64
N PHE A 53 -4.06 -1.94 3.40
CA PHE A 53 -2.83 -2.05 2.55
C PHE A 53 -3.03 -3.10 1.46
N GLY A 54 -2.21 -3.04 0.45
CA GLY A 54 -2.29 -4.02 -0.66
C GLY A 54 -0.87 -4.31 -1.10
N PHE A 55 -0.70 -4.95 -2.21
CA PHE A 55 0.69 -5.23 -2.67
C PHE A 55 1.06 -4.27 -3.80
N CYS A 56 2.30 -4.24 -4.19
CA CYS A 56 2.71 -3.30 -5.27
C CYS A 56 3.35 -4.06 -6.45
N PRO A 57 2.66 -5.06 -6.95
CA PRO A 57 3.16 -5.83 -8.10
C PRO A 57 3.41 -4.92 -9.30
N MET A 58 4.57 -4.33 -9.40
CA MET A 58 4.85 -3.43 -10.55
C MET A 58 6.32 -2.99 -10.54
N ALA A 59 7.19 -3.84 -10.06
CA ALA A 59 8.63 -3.47 -10.02
C ALA A 59 8.85 -2.26 -9.12
C1 NAG B . -0.50 13.34 4.43
C2 NAG B . -0.22 14.14 5.68
C3 NAG B . -1.56 14.59 6.27
C4 NAG B . -2.35 15.43 5.26
C5 NAG B . -2.56 14.59 3.95
C6 NAG B . -3.19 15.41 2.81
C7 NAG B . 1.65 13.83 7.22
C8 NAG B . 2.36 12.88 8.18
N2 NAG B . 0.53 13.36 6.64
O3 NAG B . -1.35 15.35 7.45
O4 NAG B . -3.59 15.81 5.86
O5 NAG B . -1.25 14.13 3.50
O6 NAG B . -2.16 15.85 1.94
O7 NAG B . 2.09 14.97 6.99
H1 NAG B . -1.08 12.44 4.70
H2 NAG B . 0.36 15.05 5.40
H3 NAG B . -2.13 13.69 6.51
H4 NAG B . -1.76 16.33 5.01
H5 NAG B . -3.20 13.72 4.16
H61 NAG B . -3.71 16.29 3.24
H62 NAG B . -3.91 14.80 2.26
H81 NAG B . 1.71 12.69 9.05
H82 NAG B . 3.30 13.34 8.53
H83 NAG B . 2.57 11.93 7.68
HN2 NAG B . 0.22 12.45 6.87
HO3 NAG B . -0.74 16.08 7.26
HO4 NAG B . -4.03 15.03 6.21
HO6 NAG B . -2.46 15.79 1.03
N VAL A 1 0.96 4.38 -14.64
CA VAL A 1 1.22 3.27 -13.66
C VAL A 1 -0.10 2.61 -13.25
N LEU A 2 -0.11 1.31 -13.16
CA LEU A 2 -1.35 0.60 -12.76
C LEU A 2 -1.07 -0.46 -11.69
N VAL A 3 -1.02 -0.07 -10.45
CA VAL A 3 -0.73 -1.05 -9.37
C VAL A 3 -2.06 -1.53 -8.75
N GLN A 4 -2.56 -2.65 -9.19
CA GLN A 4 -3.84 -3.16 -8.63
C GLN A 4 -3.57 -4.15 -7.50
N THR A 5 -4.28 -4.02 -6.40
CA THR A 5 -4.07 -4.95 -5.27
C THR A 5 -5.35 -5.74 -5.01
N ARG A 6 -5.24 -7.02 -4.77
CA ARG A 6 -6.46 -7.84 -4.51
C ARG A 6 -6.10 -9.10 -3.71
N GLY A 7 -5.99 -8.98 -2.42
CA GLY A 7 -5.62 -10.18 -1.60
C GLY A 7 -5.18 -9.72 -0.21
N GLY A 8 -4.59 -8.55 -0.12
CA GLY A 8 -4.14 -8.04 1.21
C GLY A 8 -5.34 -7.48 1.98
N ASN A 9 -5.29 -6.24 2.35
CA ASN A 9 -6.42 -5.63 3.09
C ASN A 9 -7.20 -4.67 2.19
N SER A 10 -7.32 -4.99 0.94
CA SER A 10 -8.08 -4.09 0.01
C SER A 10 -9.33 -4.80 -0.51
N ASN A 11 -9.48 -6.05 -0.19
CA ASN A 11 -10.68 -6.80 -0.66
C ASN A 11 -10.92 -6.56 -2.15
N GLY A 12 -9.90 -6.24 -2.89
CA GLY A 12 -10.08 -5.99 -4.35
C GLY A 12 -10.10 -4.49 -4.62
N ALA A 13 -9.00 -3.81 -4.41
CA ALA A 13 -8.96 -2.35 -4.65
C ALA A 13 -7.67 -1.97 -5.37
N LEU A 14 -7.43 -0.70 -5.56
CA LEU A 14 -6.18 -0.28 -6.26
C LEU A 14 -5.33 0.59 -5.33
N CYS A 15 -4.03 0.49 -5.44
CA CYS A 15 -3.14 1.31 -4.57
C CYS A 15 -3.53 2.78 -4.65
N HIS A 16 -3.25 3.55 -3.62
CA HIS A 16 -3.59 4.99 -3.66
C HIS A 16 -2.32 5.83 -3.72
N PHE A 17 -2.45 7.08 -4.07
CA PHE A 17 -1.27 7.97 -4.15
C PHE A 17 -1.68 9.42 -3.85
N PRO A 18 -1.07 10.01 -2.84
CA PRO A 18 -0.06 9.32 -2.02
C PRO A 18 -0.75 8.30 -1.10
N PHE A 19 -0.05 7.80 -0.12
CA PHE A 19 -0.68 6.83 0.81
C PHE A 19 -0.05 6.95 2.20
N LEU A 20 -0.75 7.54 3.13
CA LEU A 20 -0.19 7.71 4.49
C LEU A 20 0.05 6.34 5.13
N TYR A 21 1.05 6.21 5.94
CA TYR A 21 1.30 4.89 6.59
C TYR A 21 1.97 5.10 7.94
N ASN A 22 1.21 5.02 9.01
CA ASN A 22 1.79 5.24 10.36
C ASN A 22 2.26 6.69 10.50
N ASN A 23 1.47 7.62 10.03
CA ASN A 23 1.87 9.05 10.13
C ASN A 23 3.03 9.33 9.17
N HIS A 24 3.27 8.43 8.27
CA HIS A 24 4.38 8.62 7.28
C HIS A 24 3.81 8.64 5.87
N ASN A 25 3.63 9.81 5.31
CA ASN A 25 3.06 9.90 3.93
C ASN A 25 4.02 9.28 2.92
N TYR A 26 3.64 8.18 2.31
CA TYR A 26 4.51 7.53 1.31
C TYR A 26 3.93 7.70 -0.10
N THR A 27 4.65 8.36 -0.97
CA THR A 27 4.12 8.57 -2.35
C THR A 27 4.50 7.36 -3.22
N ASP A 28 5.00 6.32 -2.63
CA ASP A 28 5.39 5.12 -3.42
C ASP A 28 5.22 3.85 -2.57
N CYS A 29 5.67 2.73 -3.06
CA CYS A 29 5.54 1.47 -2.29
C CYS A 29 6.68 1.34 -1.28
N THR A 30 6.53 0.52 -0.29
CA THR A 30 7.62 0.36 0.72
C THR A 30 7.64 -1.07 1.25
N SER A 31 8.80 -1.56 1.61
CA SER A 31 8.90 -2.95 2.12
C SER A 31 9.26 -2.93 3.62
N GLU A 32 8.87 -1.90 4.31
CA GLU A 32 9.19 -1.82 5.76
C GLU A 32 8.29 -2.75 6.57
N GLY A 33 7.25 -3.22 5.97
CA GLY A 33 6.31 -4.14 6.68
C GLY A 33 6.38 -5.53 6.04
N ARG A 34 7.41 -5.79 5.29
CA ARG A 34 7.53 -7.12 4.62
C ARG A 34 8.72 -7.90 5.19
N ARG A 35 8.68 -9.20 5.06
CA ARG A 35 9.81 -10.02 5.60
C ARG A 35 10.56 -10.68 4.43
N ASP A 36 10.45 -10.14 3.25
CA ASP A 36 11.17 -10.76 2.09
C ASP A 36 11.92 -9.68 1.29
N ASN A 37 11.22 -8.90 0.51
CA ASN A 37 11.92 -7.86 -0.29
C ASN A 37 10.91 -7.06 -1.13
N MET A 38 9.88 -7.73 -1.61
CA MET A 38 8.86 -7.02 -2.43
C MET A 38 8.42 -5.73 -1.74
N LYS A 39 7.51 -5.00 -2.34
CA LYS A 39 7.04 -3.73 -1.71
C LYS A 39 5.51 -3.65 -1.76
N TRP A 40 4.91 -3.27 -0.66
CA TRP A 40 3.42 -3.16 -0.63
C TRP A 40 3.02 -1.68 -0.64
N CYS A 41 1.76 -1.39 -0.53
CA CYS A 41 1.35 0.04 -0.52
C CYS A 41 -0.10 0.19 -0.01
N GLY A 42 -0.37 1.25 0.68
CA GLY A 42 -1.75 1.46 1.24
C GLY A 42 -2.75 1.64 0.10
N THR A 43 -3.92 1.08 0.25
CA THR A 43 -4.96 1.22 -0.81
C THR A 43 -5.89 2.39 -0.48
N THR A 44 -5.92 2.79 0.76
CA THR A 44 -6.80 3.93 1.16
C THR A 44 -5.99 5.23 1.23
N GLN A 45 -6.60 6.30 1.64
CA GLN A 45 -5.85 7.59 1.73
C GLN A 45 -5.50 7.90 3.18
N ASN A 46 -6.15 7.26 4.12
CA ASN A 46 -5.86 7.53 5.55
C ASN A 46 -5.50 6.22 6.27
N TYR A 47 -4.39 5.64 5.93
CA TYR A 47 -3.98 4.37 6.59
C TYR A 47 -4.08 4.51 8.12
N ASP A 48 -3.71 5.64 8.65
CA ASP A 48 -3.79 5.83 10.12
C ASP A 48 -5.24 5.69 10.62
N ALA A 49 -6.17 6.17 9.85
CA ALA A 49 -7.60 6.08 10.27
C ALA A 49 -8.31 4.89 9.61
N ASP A 50 -7.59 4.11 8.86
CA ASP A 50 -8.24 2.94 8.18
C ASP A 50 -7.42 1.66 8.40
N GLN A 51 -6.16 1.70 8.05
CA GLN A 51 -5.28 0.50 8.22
C GLN A 51 -5.57 -0.53 7.14
N LYS A 52 -5.30 -0.20 5.91
CA LYS A 52 -5.55 -1.15 4.79
C LYS A 52 -4.41 -1.08 3.79
N PHE A 53 -3.64 -2.12 3.67
CA PHE A 53 -2.51 -2.09 2.70
C PHE A 53 -2.76 -3.08 1.55
N GLY A 54 -1.87 -3.11 0.60
CA GLY A 54 -2.03 -4.03 -0.55
C GLY A 54 -0.65 -4.37 -1.10
N PHE A 55 -0.53 -4.65 -2.35
CA PHE A 55 0.81 -4.98 -2.91
C PHE A 55 1.20 -3.95 -3.97
N CYS A 56 2.43 -3.97 -4.40
CA CYS A 56 2.86 -2.98 -5.43
C CYS A 56 3.34 -3.67 -6.73
N PRO A 57 2.55 -4.59 -7.22
CA PRO A 57 2.90 -5.30 -8.47
C PRO A 57 3.12 -4.29 -9.60
N MET A 58 3.28 -4.75 -10.80
CA MET A 58 3.48 -3.81 -11.95
C MET A 58 4.47 -2.70 -11.55
N ALA A 59 5.75 -2.99 -11.59
CA ALA A 59 6.74 -1.95 -11.22
C ALA A 59 7.15 -1.15 -12.46
C1 NAG B . -0.04 13.19 5.20
C2 NAG B . 0.14 14.05 6.43
C3 NAG B . -1.22 14.37 7.00
C4 NAG B . -2.11 15.10 5.97
C5 NAG B . -2.22 14.21 4.68
C6 NAG B . -2.93 14.93 3.52
C7 NAG B . 2.16 13.87 7.80
C8 NAG B . 2.91 13.06 8.85
N2 NAG B . 0.97 13.38 7.41
O3 NAG B . -1.10 15.19 8.15
O4 NAG B . -3.38 15.37 6.56
O5 NAG B . -0.87 13.87 4.24
O6 NAG B . -4.31 14.58 3.54
O7 NAG B . 2.62 14.93 7.34
H1 NAG B . -0.52 12.24 5.48
H2 NAG B . 0.63 15.01 6.13
H3 NAG B . -1.72 13.42 7.27
H4 NAG B . -1.61 16.06 5.69
H5 NAG B . -2.77 13.29 4.93
H61 NAG B . -2.82 16.01 3.65
H62 NAG B . -2.47 14.62 2.56
H81 NAG B . 2.45 12.07 8.95
H82 NAG B . 2.89 13.58 9.81
H83 NAG B . 3.96 12.92 8.53
HN2 NAG B . 0.65 12.54 7.81
HO3 NAG B . -1.86 15.04 8.74
HO4 NAG B . -3.62 16.29 6.39
HO6 NAG B . -4.85 15.37 3.46
N VAL A 1 2.71 4.66 -14.01
CA VAL A 1 2.71 3.95 -12.70
C VAL A 1 1.38 3.21 -12.51
N LEU A 2 1.45 1.99 -12.03
CA LEU A 2 0.19 1.21 -11.82
C LEU A 2 0.35 0.27 -10.63
N VAL A 3 -0.39 0.52 -9.57
CA VAL A 3 -0.29 -0.36 -8.37
C VAL A 3 -1.62 -1.11 -8.15
N GLN A 4 -1.68 -2.35 -8.53
CA GLN A 4 -2.94 -3.13 -8.33
C GLN A 4 -2.81 -4.07 -7.14
N THR A 5 -3.90 -4.38 -6.49
CA THR A 5 -3.83 -5.30 -5.31
C THR A 5 -5.09 -6.18 -5.27
N ARG A 6 -4.93 -7.44 -4.97
CA ARG A 6 -6.10 -8.34 -4.91
C ARG A 6 -5.90 -9.43 -3.85
N GLY A 7 -6.08 -9.10 -2.61
CA GLY A 7 -5.89 -10.10 -1.52
C GLY A 7 -5.56 -9.38 -0.21
N GLY A 8 -5.06 -8.18 -0.29
CA GLY A 8 -4.71 -7.44 0.94
C GLY A 8 -6.00 -7.10 1.71
N ASN A 9 -6.24 -5.84 1.96
CA ASN A 9 -7.47 -5.46 2.71
C ASN A 9 -8.56 -4.98 1.74
N SER A 10 -8.31 -5.07 0.46
CA SER A 10 -9.33 -4.62 -0.53
C SER A 10 -9.84 -5.81 -1.34
N ASN A 11 -9.23 -6.94 -1.19
CA ASN A 11 -9.68 -8.15 -1.95
C ASN A 11 -10.05 -7.78 -3.39
N GLY A 12 -9.36 -6.85 -3.98
CA GLY A 12 -9.68 -6.45 -5.38
C GLY A 12 -9.85 -4.94 -5.48
N ALA A 13 -8.77 -4.21 -5.32
CA ALA A 13 -8.87 -2.72 -5.41
C ALA A 13 -7.49 -2.13 -5.72
N LEU A 14 -7.39 -1.33 -6.75
CA LEU A 14 -6.08 -0.73 -7.11
C LEU A 14 -5.60 0.19 -5.99
N CYS A 15 -4.40 -0.01 -5.51
CA CYS A 15 -3.87 0.86 -4.43
C CYS A 15 -3.88 2.32 -4.87
N HIS A 16 -3.61 3.24 -3.98
CA HIS A 16 -3.61 4.67 -4.37
C HIS A 16 -2.46 5.41 -3.68
N PHE A 17 -2.14 6.56 -4.19
CA PHE A 17 -1.03 7.37 -3.59
C PHE A 17 -1.30 8.86 -3.80
N PRO A 18 -0.70 9.68 -2.96
CA PRO A 18 0.16 9.19 -1.86
C PRO A 18 -0.72 8.63 -0.73
N PHE A 19 -0.15 7.92 0.20
CA PHE A 19 -0.97 7.38 1.33
C PHE A 19 -0.24 7.51 2.67
N LEU A 20 -0.82 8.21 3.59
CA LEU A 20 -0.17 8.39 4.93
C LEU A 20 -0.09 7.05 5.67
N TYR A 21 1.07 6.46 5.72
CA TYR A 21 1.22 5.16 6.44
C TYR A 21 1.87 5.40 7.81
N ASN A 22 1.11 5.29 8.86
CA ASN A 22 1.68 5.51 10.22
C ASN A 22 2.22 6.93 10.33
N ASN A 23 1.41 7.89 9.96
CA ASN A 23 1.87 9.30 10.04
C ASN A 23 3.06 9.54 9.11
N HIS A 24 3.22 8.71 8.12
CA HIS A 24 4.35 8.89 7.17
C HIS A 24 3.83 8.92 5.73
N ASN A 25 3.55 10.07 5.21
CA ASN A 25 3.01 10.17 3.83
C ASN A 25 3.99 9.57 2.81
N TYR A 26 3.62 8.48 2.20
CA TYR A 26 4.51 7.85 1.19
C TYR A 26 3.86 7.98 -0.19
N THR A 27 4.55 7.58 -1.21
CA THR A 27 3.95 7.69 -2.57
C THR A 27 4.44 6.52 -3.44
N ASP A 28 4.84 5.45 -2.82
CA ASP A 28 5.34 4.27 -3.60
C ASP A 28 5.16 2.99 -2.78
N CYS A 29 5.85 1.96 -3.15
CA CYS A 29 5.73 0.67 -2.39
C CYS A 29 6.66 0.71 -1.19
N THR A 30 6.13 0.58 -0.01
CA THR A 30 7.00 0.61 1.20
C THR A 30 7.22 -0.81 1.74
N SER A 31 8.45 -1.20 1.92
CA SER A 31 8.72 -2.57 2.44
C SER A 31 9.13 -2.50 3.91
N GLU A 32 8.39 -1.75 4.70
CA GLU A 32 8.73 -1.64 6.14
C GLU A 32 8.09 -2.76 6.95
N GLY A 33 7.28 -3.57 6.32
CA GLY A 33 6.61 -4.68 7.05
C GLY A 33 6.76 -5.98 6.26
N ARG A 34 7.80 -6.10 5.47
CA ARG A 34 7.99 -7.35 4.69
C ARG A 34 9.24 -8.09 5.15
N ARG A 35 9.52 -9.22 4.56
CA ARG A 35 10.72 -10.00 4.94
C ARG A 35 11.31 -10.66 3.70
N ASP A 36 10.96 -10.18 2.54
CA ASP A 36 11.50 -10.79 1.29
C ASP A 36 12.22 -9.74 0.44
N ASN A 37 11.48 -8.89 -0.23
CA ASN A 37 12.13 -7.84 -1.07
C ASN A 37 11.07 -6.87 -1.61
N MET A 38 10.10 -7.37 -2.32
CA MET A 38 9.04 -6.47 -2.87
C MET A 38 8.45 -5.61 -1.75
N LYS A 39 7.43 -4.85 -2.02
CA LYS A 39 6.82 -4.00 -0.96
C LYS A 39 5.30 -3.96 -1.12
N TRP A 40 4.63 -3.28 -0.23
CA TRP A 40 3.15 -3.18 -0.31
C TRP A 40 2.75 -1.72 -0.39
N CYS A 41 1.48 -1.42 -0.44
CA CYS A 41 1.05 0.00 -0.51
C CYS A 41 -0.20 0.23 0.35
N GLY A 42 -0.81 1.37 0.25
CA GLY A 42 -2.03 1.62 1.06
C GLY A 42 -3.22 1.93 0.16
N THR A 43 -4.35 1.36 0.44
CA THR A 43 -5.55 1.62 -0.41
C THR A 43 -6.32 2.83 0.12
N THR A 44 -5.95 3.32 1.28
CA THR A 44 -6.67 4.50 1.85
C THR A 44 -5.76 5.74 1.82
N GLN A 45 -6.18 6.80 2.46
CA GLN A 45 -5.34 8.04 2.47
C GLN A 45 -4.78 8.29 3.87
N ASN A 46 -5.48 7.87 4.89
CA ASN A 46 -5.00 8.08 6.28
C ASN A 46 -4.81 6.72 6.96
N TYR A 47 -3.86 5.97 6.48
CA TYR A 47 -3.60 4.62 7.07
C TYR A 47 -3.69 4.66 8.60
N ASP A 48 -3.27 5.72 9.21
CA ASP A 48 -3.34 5.80 10.69
C ASP A 48 -4.79 5.68 11.16
N ALA A 49 -5.64 6.45 10.55
CA ALA A 49 -7.09 6.42 10.93
C ALA A 49 -7.87 5.48 10.01
N ASP A 50 -7.20 4.75 9.15
CA ASP A 50 -7.91 3.83 8.24
C ASP A 50 -7.36 2.40 8.38
N GLN A 51 -6.08 2.24 8.16
CA GLN A 51 -5.46 0.88 8.27
C GLN A 51 -5.86 0.01 7.08
N LYS A 52 -5.27 0.26 5.95
CA LYS A 52 -5.60 -0.55 4.73
C LYS A 52 -4.37 -0.64 3.82
N PHE A 53 -3.92 -1.82 3.52
CA PHE A 53 -2.72 -1.95 2.65
C PHE A 53 -2.92 -3.09 1.64
N GLY A 54 -2.20 -3.06 0.56
CA GLY A 54 -2.32 -4.13 -0.47
C GLY A 54 -0.91 -4.45 -0.96
N PHE A 55 -0.77 -4.84 -2.20
CA PHE A 55 0.58 -5.16 -2.72
C PHE A 55 1.00 -4.13 -3.76
N CYS A 56 2.28 -4.01 -4.01
CA CYS A 56 2.73 -3.00 -5.02
C CYS A 56 3.60 -3.65 -6.11
N PRO A 57 2.97 -4.44 -6.94
CA PRO A 57 3.71 -5.11 -8.04
C PRO A 57 4.24 -4.08 -9.04
N MET A 58 5.37 -3.50 -8.76
CA MET A 58 5.94 -2.48 -9.69
C MET A 58 7.21 -1.87 -9.12
N ALA A 59 8.06 -2.68 -8.53
CA ALA A 59 9.32 -2.14 -7.95
C ALA A 59 9.03 -0.85 -7.16
C1 NAG B . -0.29 13.56 4.43
C2 NAG B . -0.21 14.47 5.64
C3 NAG B . -1.61 14.81 6.08
C4 NAG B . -2.40 15.51 4.94
C5 NAG B . -2.41 14.55 3.69
C6 NAG B . -3.01 15.23 2.45
C7 NAG B . 1.81 14.13 6.99
C8 NAG B . 2.43 13.44 8.19
N2 NAG B . 0.53 13.82 6.72
O3 NAG B . -1.59 15.67 7.22
O4 NAG B . -3.71 15.80 5.42
O5 NAG B . -1.03 14.20 3.38
O6 NAG B . -4.11 14.44 1.98
O7 NAG B . 2.46 14.93 6.29
H1 NAG B . -0.80 12.62 4.72
H2 NAG B . 0.31 15.40 5.34
H3 NAG B . -2.13 13.88 6.35
H4 NAG B . -1.87 16.43 4.67
H5 NAG B . -2.98 13.65 3.93
H61 NAG B . -2.24 15.30 1.66
H62 NAG B . -3.36 16.24 2.71
H81 NAG B . 2.82 14.20 8.89
H82 NAG B . 3.26 12.79 7.87
H83 NAG B . 1.67 12.84 8.70
HN2 NAG B . 0.06 13.19 7.30
HO3 NAG B . -2.19 15.33 7.88
HO4 NAG B . -4.31 15.88 4.67
HO6 NAG B . -4.08 14.40 1.02
N VAL A 1 2.33 3.04 -14.11
CA VAL A 1 2.34 3.11 -12.62
C VAL A 1 0.95 2.76 -12.07
N LEU A 2 0.54 1.53 -12.22
CA LEU A 2 -0.80 1.13 -11.71
C LEU A 2 -0.73 -0.27 -11.07
N VAL A 3 -0.35 -0.33 -9.82
CA VAL A 3 -0.26 -1.64 -9.14
C VAL A 3 -1.60 -1.96 -8.47
N GLN A 4 -2.33 -2.89 -9.03
CA GLN A 4 -3.65 -3.24 -8.43
C GLN A 4 -3.49 -4.34 -7.38
N THR A 5 -4.10 -4.17 -6.24
CA THR A 5 -3.97 -5.21 -5.17
C THR A 5 -5.21 -6.09 -5.14
N ARG A 6 -5.04 -7.35 -4.81
CA ARG A 6 -6.22 -8.27 -4.76
C ARG A 6 -5.84 -9.54 -3.99
N GLY A 7 -5.60 -9.42 -2.71
CA GLY A 7 -5.24 -10.62 -1.90
C GLY A 7 -4.68 -10.16 -0.56
N GLY A 8 -4.01 -9.03 -0.54
CA GLY A 8 -3.44 -8.53 0.74
C GLY A 8 -4.59 -8.25 1.73
N ASN A 9 -4.77 -7.01 2.10
CA ASN A 9 -5.87 -6.69 3.05
C ASN A 9 -6.72 -5.54 2.50
N SER A 10 -7.04 -5.61 1.23
CA SER A 10 -7.88 -4.53 0.62
C SER A 10 -9.18 -5.11 0.07
N ASN A 11 -9.28 -6.41 0.04
CA ASN A 11 -10.53 -7.05 -0.47
C ASN A 11 -10.79 -6.65 -1.93
N GLY A 12 -9.75 -6.56 -2.72
CA GLY A 12 -9.94 -6.18 -4.15
C GLY A 12 -9.84 -4.67 -4.29
N ALA A 13 -8.68 -4.11 -4.10
CA ALA A 13 -8.53 -2.64 -4.21
C ALA A 13 -7.29 -2.29 -5.03
N LEU A 14 -6.91 -1.04 -5.06
CA LEU A 14 -5.71 -0.63 -5.85
C LEU A 14 -4.87 0.35 -5.02
N CYS A 15 -3.57 0.23 -5.10
CA CYS A 15 -2.68 1.15 -4.33
C CYS A 15 -2.88 2.59 -4.80
N HIS A 16 -2.62 3.54 -3.95
CA HIS A 16 -2.79 4.97 -4.35
C HIS A 16 -1.80 5.86 -3.60
N PHE A 17 -1.60 7.05 -4.09
CA PHE A 17 -0.66 7.99 -3.44
C PHE A 17 -1.10 9.44 -3.68
N PRO A 18 -0.70 10.33 -2.80
CA PRO A 18 0.11 9.96 -1.61
C PRO A 18 -0.79 9.27 -0.57
N PHE A 19 -0.28 8.28 0.12
CA PHE A 19 -1.12 7.61 1.14
C PHE A 19 -0.42 7.62 2.50
N LEU A 20 -1.01 8.28 3.47
CA LEU A 20 -0.38 8.35 4.82
C LEU A 20 -0.21 6.94 5.39
N TYR A 21 1.00 6.50 5.56
CA TYR A 21 1.24 5.13 6.11
C TYR A 21 1.88 5.24 7.50
N ASN A 22 1.16 4.87 8.52
CA ASN A 22 1.72 4.95 9.89
C ASN A 22 2.13 6.39 10.20
N ASN A 23 1.33 7.33 9.80
CA ASN A 23 1.65 8.76 10.05
C ASN A 23 2.83 9.19 9.20
N HIS A 24 3.01 8.58 8.05
CA HIS A 24 4.15 8.96 7.17
C HIS A 24 3.65 9.11 5.73
N ASN A 25 3.17 10.27 5.39
CA ASN A 25 2.65 10.50 4.01
C ASN A 25 3.64 9.99 2.97
N TYR A 26 3.30 8.91 2.30
CA TYR A 26 4.21 8.36 1.25
C TYR A 26 3.61 8.63 -0.13
N THR A 27 4.34 8.34 -1.17
CA THR A 27 3.81 8.58 -2.54
C THR A 27 4.26 7.46 -3.48
N ASP A 28 4.72 6.37 -2.94
CA ASP A 28 5.18 5.24 -3.81
C ASP A 28 5.15 3.94 -3.00
N CYS A 29 5.68 2.88 -3.56
CA CYS A 29 5.68 1.59 -2.82
C CYS A 29 6.77 1.61 -1.74
N THR A 30 6.59 0.86 -0.69
CA THR A 30 7.63 0.84 0.38
C THR A 30 7.69 -0.54 1.03
N SER A 31 8.86 -1.00 1.35
CA SER A 31 8.98 -2.34 1.98
C SER A 31 9.32 -2.19 3.47
N GLU A 32 8.72 -1.23 4.13
CA GLU A 32 9.01 -1.02 5.58
C GLU A 32 8.24 -2.02 6.44
N GLY A 33 7.32 -2.72 5.85
CA GLY A 33 6.53 -3.71 6.64
C GLY A 33 6.22 -4.94 5.79
N ARG A 34 7.20 -5.46 5.09
CA ARG A 34 6.94 -6.66 4.25
C ARG A 34 7.40 -7.92 4.95
N ARG A 35 6.60 -8.95 4.94
CA ARG A 35 7.02 -10.22 5.59
C ARG A 35 7.87 -11.02 4.60
N ASP A 36 8.26 -10.40 3.51
CA ASP A 36 9.08 -11.13 2.50
C ASP A 36 10.06 -10.17 1.82
N ASN A 37 9.57 -9.23 1.03
CA ASN A 37 10.49 -8.27 0.36
C ASN A 37 9.73 -7.36 -0.60
N MET A 38 9.00 -7.93 -1.53
CA MET A 38 8.24 -7.09 -2.51
C MET A 38 7.66 -5.84 -1.83
N LYS A 39 7.82 -4.70 -2.44
CA LYS A 39 7.28 -3.45 -1.84
C LYS A 39 5.75 -3.43 -1.88
N TRP A 40 5.13 -3.09 -0.79
CA TRP A 40 3.63 -3.04 -0.77
C TRP A 40 3.17 -1.59 -0.87
N CYS A 41 1.89 -1.37 -0.86
CA CYS A 41 1.38 0.03 -0.96
C CYS A 41 0.00 0.13 -0.31
N GLY A 42 -0.23 1.18 0.43
CA GLY A 42 -1.54 1.35 1.10
C GLY A 42 -2.62 1.63 0.04
N THR A 43 -3.78 1.07 0.20
CA THR A 43 -4.87 1.31 -0.79
C THR A 43 -5.76 2.46 -0.33
N THR A 44 -5.61 2.88 0.90
CA THR A 44 -6.44 4.01 1.42
C THR A 44 -5.63 5.30 1.45
N GLN A 45 -6.21 6.37 1.92
CA GLN A 45 -5.48 7.66 1.97
C GLN A 45 -5.04 7.96 3.41
N ASN A 46 -5.58 7.25 4.36
CA ASN A 46 -5.20 7.47 5.78
C ASN A 46 -4.92 6.13 6.46
N TYR A 47 -3.84 5.51 6.12
CA TYR A 47 -3.50 4.19 6.73
C TYR A 47 -3.64 4.24 8.24
N ASP A 48 -3.33 5.35 8.85
CA ASP A 48 -3.45 5.44 10.33
C ASP A 48 -4.91 5.27 10.76
N ALA A 49 -5.82 5.86 10.03
CA ALA A 49 -7.26 5.72 10.40
C ALA A 49 -7.93 4.62 9.59
N ASP A 50 -7.17 3.90 8.80
CA ASP A 50 -7.78 2.81 7.98
C ASP A 50 -7.04 1.49 8.22
N GLN A 51 -5.76 1.47 7.96
CA GLN A 51 -4.96 0.21 8.16
C GLN A 51 -5.26 -0.79 7.05
N LYS A 52 -5.10 -0.38 5.82
CA LYS A 52 -5.37 -1.31 4.68
C LYS A 52 -4.21 -1.24 3.68
N PHE A 53 -3.50 -2.32 3.50
CA PHE A 53 -2.36 -2.30 2.53
C PHE A 53 -2.53 -3.38 1.47
N GLY A 54 -1.73 -3.32 0.44
CA GLY A 54 -1.82 -4.35 -0.64
C GLY A 54 -0.42 -4.53 -1.22
N PHE A 55 -0.31 -4.91 -2.46
CA PHE A 55 1.04 -5.09 -3.07
C PHE A 55 1.29 -3.99 -4.10
N CYS A 56 2.52 -3.83 -4.53
CA CYS A 56 2.82 -2.78 -5.53
C CYS A 56 3.44 -3.38 -6.81
N PRO A 57 2.76 -4.36 -7.38
CA PRO A 57 3.25 -5.01 -8.61
C PRO A 57 3.42 -3.96 -9.73
N MET A 58 4.63 -3.56 -10.00
CA MET A 58 4.85 -2.55 -11.07
C MET A 58 6.11 -2.89 -11.88
N ALA A 59 6.02 -3.84 -12.77
CA ALA A 59 7.21 -4.22 -13.58
C ALA A 59 7.33 -3.29 -14.80
C1 NAG B . -0.68 13.81 4.93
C2 NAG B . -0.68 14.60 6.23
C3 NAG B . -2.13 14.91 6.59
C4 NAG B . -2.80 15.75 5.47
C5 NAG B . -2.71 14.94 4.12
C6 NAG B . -3.18 15.76 2.91
C7 NAG B . 1.23 13.99 7.63
C8 NAG B . 1.75 13.11 8.77
N2 NAG B . -0.06 13.82 7.31
O3 NAG B . -2.19 15.65 7.80
O4 NAG B . -4.14 16.00 5.85
O5 NAG B . -1.30 14.59 3.89
O6 NAG B . -2.16 16.68 2.57
O7 NAG B . 1.96 14.80 7.05
H1 NAG B . -1.22 12.87 5.07
H2 NAG B . -0.13 15.54 6.09
H3 NAG B . -2.68 13.97 6.70
H4 NAG B . -2.24 16.69 5.34
H5 NAG B . -3.31 14.02 4.21
H61 NAG B . -4.10 16.30 3.17
H62 NAG B . -3.38 15.09 2.06
H81 NAG B . 2.40 12.33 8.36
H82 NAG B . 0.90 12.65 9.30
H83 NAG B . 2.33 13.73 9.46
HN2 NAG B . -0.59 13.16 7.79
HO3 NAG B . -1.80 16.52 7.68
HO4 NAG B . -4.16 16.39 6.73
HO6 NAG B . -2.07 16.72 1.60
N VAL A 1 2.68 4.12 -14.70
CA VAL A 1 2.88 3.06 -13.67
C VAL A 1 1.62 2.86 -12.85
N LEU A 2 1.25 1.63 -12.60
CA LEU A 2 0.01 1.38 -11.80
C LEU A 2 0.25 0.24 -10.80
N VAL A 3 0.12 0.52 -9.54
CA VAL A 3 0.35 -0.55 -8.52
C VAL A 3 -0.99 -1.16 -8.10
N GLN A 4 -1.30 -2.33 -8.60
CA GLN A 4 -2.59 -2.97 -8.23
C GLN A 4 -2.37 -3.99 -7.10
N THR A 5 -3.22 -3.95 -6.11
CA THR A 5 -3.10 -4.92 -4.99
C THR A 5 -4.13 -6.03 -5.15
N ARG A 6 -3.88 -7.19 -4.61
CA ARG A 6 -4.85 -8.30 -4.73
C ARG A 6 -4.65 -9.31 -3.60
N GLY A 7 -5.13 -9.01 -2.43
CA GLY A 7 -4.96 -9.95 -1.28
C GLY A 7 -4.71 -9.16 0.00
N GLY A 8 -4.23 -7.95 -0.13
CA GLY A 8 -3.95 -7.13 1.08
C GLY A 8 -5.23 -6.99 1.91
N ASN A 9 -5.79 -5.82 1.99
CA ASN A 9 -7.03 -5.62 2.79
C ASN A 9 -8.15 -5.07 1.89
N SER A 10 -7.89 -4.95 0.61
CA SER A 10 -8.94 -4.43 -0.31
C SER A 10 -9.54 -5.57 -1.13
N ASN A 11 -8.98 -6.74 -1.00
CA ASN A 11 -9.50 -7.93 -1.76
C ASN A 11 -9.85 -7.54 -3.19
N GLY A 12 -8.89 -7.10 -3.96
CA GLY A 12 -9.19 -6.72 -5.37
C GLY A 12 -9.30 -5.20 -5.48
N ALA A 13 -8.20 -4.51 -5.42
CA ALA A 13 -8.25 -3.02 -5.52
C ALA A 13 -6.90 -2.46 -5.96
N LEU A 14 -6.73 -1.17 -5.94
CA LEU A 14 -5.44 -0.56 -6.35
C LEU A 14 -4.97 0.42 -5.27
N CYS A 15 -3.69 0.46 -4.99
CA CYS A 15 -3.20 1.40 -3.95
C CYS A 15 -3.37 2.84 -4.42
N HIS A 16 -3.29 3.78 -3.52
CA HIS A 16 -3.43 5.21 -3.93
C HIS A 16 -2.45 6.07 -3.15
N PHE A 17 -2.25 7.27 -3.61
CA PHE A 17 -1.30 8.18 -2.90
C PHE A 17 -1.71 9.65 -3.10
N PRO A 18 -1.17 10.52 -2.27
CA PRO A 18 -0.24 10.10 -1.20
C PRO A 18 -1.01 9.40 -0.08
N PHE A 19 -0.56 8.26 0.36
CA PHE A 19 -1.31 7.56 1.45
C PHE A 19 -0.52 7.60 2.76
N LEU A 20 -1.04 8.29 3.74
CA LEU A 20 -0.35 8.42 5.05
C LEU A 20 -0.13 7.03 5.68
N TYR A 21 1.08 6.55 5.63
CA TYR A 21 1.36 5.22 6.24
C TYR A 21 2.10 5.40 7.57
N ASN A 22 1.44 5.12 8.67
CA ASN A 22 2.12 5.30 9.99
C ASN A 22 2.53 6.75 10.17
N ASN A 23 1.67 7.66 9.81
CA ASN A 23 2.00 9.11 9.96
C ASN A 23 3.09 9.50 8.95
N HIS A 24 3.20 8.78 7.87
CA HIS A 24 4.24 9.09 6.85
C HIS A 24 3.62 9.14 5.46
N ASN A 25 3.12 10.28 5.05
CA ASN A 25 2.49 10.37 3.70
C ASN A 25 3.42 9.83 2.62
N TYR A 26 3.12 8.67 2.10
CA TYR A 26 3.98 8.09 1.03
C TYR A 26 3.31 8.30 -0.33
N THR A 27 3.98 7.96 -1.40
CA THR A 27 3.37 8.15 -2.74
C THR A 27 3.76 7.01 -3.67
N ASP A 28 4.16 5.89 -3.14
CA ASP A 28 4.55 4.73 -4.00
C ASP A 28 4.69 3.47 -3.16
N CYS A 29 5.20 2.41 -3.73
CA CYS A 29 5.36 1.15 -2.96
C CYS A 29 6.49 1.31 -1.95
N THR A 30 6.42 0.60 -0.86
CA THR A 30 7.51 0.69 0.15
C THR A 30 7.66 -0.63 0.89
N SER A 31 8.86 -0.98 1.28
CA SER A 31 9.05 -2.27 2.00
C SER A 31 9.34 -2.00 3.48
N GLU A 32 8.75 -0.97 4.03
CA GLU A 32 9.00 -0.64 5.47
C GLU A 32 8.19 -1.56 6.39
N GLY A 33 7.39 -2.41 5.82
CA GLY A 33 6.57 -3.33 6.65
C GLY A 33 6.26 -4.59 5.85
N ARG A 34 7.25 -5.25 5.35
CA ARG A 34 7.00 -6.49 4.54
C ARG A 34 7.27 -7.74 5.38
N ARG A 35 7.20 -8.89 4.78
CA ARG A 35 7.46 -10.15 5.52
C ARG A 35 8.20 -11.13 4.61
N ASP A 36 8.68 -10.67 3.49
CA ASP A 36 9.41 -11.57 2.54
C ASP A 36 10.31 -10.75 1.61
N ASN A 37 9.73 -10.07 0.66
CA ASN A 37 10.56 -9.25 -0.28
C ASN A 37 9.70 -8.72 -1.43
N MET A 38 8.70 -7.93 -1.13
CA MET A 38 7.83 -7.38 -2.21
C MET A 38 7.19 -6.06 -1.75
N LYS A 39 7.75 -4.95 -2.15
CA LYS A 39 7.19 -3.64 -1.74
C LYS A 39 5.66 -3.68 -1.79
N TRP A 40 5.01 -3.10 -0.81
CA TRP A 40 3.52 -3.09 -0.79
C TRP A 40 3.02 -1.66 -0.95
N CYS A 41 1.75 -1.45 -0.80
CA CYS A 41 1.22 -0.05 -0.96
C CYS A 41 -0.13 0.11 -0.24
N GLY A 42 -0.26 1.13 0.56
CA GLY A 42 -1.54 1.34 1.30
C GLY A 42 -2.66 1.71 0.31
N THR A 43 -3.83 1.19 0.52
CA THR A 43 -4.96 1.51 -0.40
C THR A 43 -5.82 2.64 0.19
N THR A 44 -5.60 2.99 1.43
CA THR A 44 -6.40 4.08 2.05
C THR A 44 -5.57 5.37 2.14
N GLN A 45 -6.22 6.51 2.13
CA GLN A 45 -5.46 7.80 2.21
C GLN A 45 -5.05 8.08 3.66
N ASN A 46 -5.47 7.28 4.59
CA ASN A 46 -5.11 7.50 6.01
C ASN A 46 -4.82 6.16 6.70
N TYR A 47 -3.69 5.58 6.41
CA TYR A 47 -3.33 4.27 7.03
C TYR A 47 -3.37 4.36 8.56
N ASP A 48 -2.92 5.45 9.11
CA ASP A 48 -2.91 5.56 10.61
C ASP A 48 -4.33 5.42 11.16
N ALA A 49 -5.32 5.71 10.37
CA ALA A 49 -6.72 5.59 10.88
C ALA A 49 -7.54 4.65 9.99
N ASP A 50 -6.93 4.02 9.03
CA ASP A 50 -7.69 3.09 8.14
C ASP A 50 -7.12 1.67 8.26
N GLN A 51 -5.83 1.54 8.35
CA GLN A 51 -5.21 0.19 8.45
C GLN A 51 -5.58 -0.65 7.23
N LYS A 52 -4.92 -0.42 6.13
CA LYS A 52 -5.23 -1.20 4.90
C LYS A 52 -4.06 -1.14 3.92
N PHE A 53 -3.46 -2.26 3.62
CA PHE A 53 -2.32 -2.26 2.67
C PHE A 53 -2.52 -3.31 1.57
N GLY A 54 -1.74 -3.25 0.54
CA GLY A 54 -1.87 -4.24 -0.56
C GLY A 54 -0.46 -4.57 -1.06
N PHE A 55 -0.32 -4.98 -2.28
CA PHE A 55 1.04 -5.30 -2.80
C PHE A 55 1.40 -4.39 -3.96
N CYS A 56 2.62 -4.44 -4.42
CA CYS A 56 3.03 -3.56 -5.56
C CYS A 56 3.51 -4.40 -6.75
N PRO A 57 2.68 -5.30 -7.21
CA PRO A 57 3.05 -6.15 -8.38
C PRO A 57 3.35 -5.27 -9.59
N MET A 58 4.58 -4.84 -9.74
CA MET A 58 4.93 -3.98 -10.91
C MET A 58 6.44 -3.72 -10.95
N ALA A 59 7.21 -4.76 -11.06
CA ALA A 59 8.70 -4.58 -11.10
C ALA A 59 9.18 -3.83 -9.86
C1 NAG B . -0.82 13.86 4.44
C2 NAG B . -0.52 14.68 5.69
C3 NAG B . -1.83 15.15 6.29
C4 NAG B . -2.63 15.99 5.28
C5 NAG B . -2.87 15.14 3.99
C6 NAG B . -3.51 15.97 2.84
C7 NAG B . 1.49 14.21 7.01
C8 NAG B . 2.17 13.28 8.01
N2 NAG B . 0.24 13.89 6.65
O3 NAG B . -1.60 15.91 7.46
O4 NAG B . -3.86 16.40 5.89
O5 NAG B . -1.58 14.66 3.52
O6 NAG B . -4.43 15.14 2.14
O7 NAG B . 2.07 15.21 6.55
H1 NAG B . -1.41 12.97 4.72
H2 NAG B . 0.07 15.57 5.40
H3 NAG B . -2.43 14.26 6.55
H4 NAG B . -2.03 16.88 5.02
H5 NAG B . -3.52 14.29 4.22
H61 NAG B . -2.71 16.30 2.15
H62 NAG B . -4.02 16.84 3.27
H81 NAG B . 3.14 13.69 8.30
H82 NAG B . 2.31 12.29 7.55
H83 NAG B . 1.54 13.18 8.90
HN2 NAG B . -0.18 13.09 7.05
HO3 NAG B . -2.44 16.14 7.86
HO4 NAG B . -4.01 17.33 5.73
HO6 NAG B . -4.65 15.55 1.30
N VAL A 1 0.58 6.11 -11.89
CA VAL A 1 0.29 5.42 -10.60
C VAL A 1 -0.87 4.42 -10.78
N LEU A 2 -0.70 3.44 -11.63
CA LEU A 2 -1.78 2.45 -11.84
C LEU A 2 -1.37 1.09 -11.26
N VAL A 3 -1.27 1.00 -9.96
CA VAL A 3 -0.89 -0.30 -9.33
C VAL A 3 -2.04 -0.83 -8.49
N GLN A 4 -2.80 -1.75 -9.03
CA GLN A 4 -3.95 -2.31 -8.26
C GLN A 4 -3.52 -3.57 -7.50
N THR A 5 -4.14 -3.85 -6.39
CA THR A 5 -3.77 -5.05 -5.61
C THR A 5 -4.97 -5.95 -5.37
N ARG A 6 -4.75 -7.15 -4.91
CA ARG A 6 -5.88 -8.08 -4.66
C ARG A 6 -5.40 -9.26 -3.80
N GLY A 7 -4.83 -8.98 -2.65
CA GLY A 7 -4.34 -10.09 -1.78
C GLY A 7 -4.06 -9.57 -0.37
N GLY A 8 -3.64 -8.33 -0.24
CA GLY A 8 -3.35 -7.79 1.12
C GLY A 8 -4.62 -7.85 1.98
N ASN A 9 -5.02 -6.74 2.54
CA ASN A 9 -6.24 -6.74 3.39
C ASN A 9 -7.43 -6.16 2.64
N SER A 10 -7.23 -5.75 1.41
CA SER A 10 -8.35 -5.17 0.62
C SER A 10 -8.99 -6.24 -0.25
N ASN A 11 -8.24 -7.27 -0.55
CA ASN A 11 -8.77 -8.39 -1.40
C ASN A 11 -9.69 -7.84 -2.50
N GLY A 12 -9.18 -6.98 -3.35
CA GLY A 12 -10.03 -6.42 -4.44
C GLY A 12 -10.05 -4.89 -4.33
N ALA A 13 -8.90 -4.27 -4.48
CA ALA A 13 -8.85 -2.79 -4.39
C ALA A 13 -7.68 -2.25 -5.22
N LEU A 14 -7.47 -0.96 -5.20
CA LEU A 14 -6.35 -0.37 -5.99
C LEU A 14 -5.48 0.52 -5.10
N CYS A 15 -4.20 0.30 -5.09
CA CYS A 15 -3.31 1.16 -4.24
C CYS A 15 -3.36 2.60 -4.75
N HIS A 16 -3.10 3.55 -3.90
CA HIS A 16 -3.14 4.97 -4.35
C HIS A 16 -1.96 5.75 -3.76
N PHE A 17 -1.74 6.93 -4.26
CA PHE A 17 -0.61 7.77 -3.75
C PHE A 17 -0.95 9.26 -3.88
N PRO A 18 -0.43 10.04 -2.97
CA PRO A 18 0.40 9.52 -1.85
C PRO A 18 -0.50 8.84 -0.81
N PHE A 19 0.04 8.00 0.03
CA PHE A 19 -0.80 7.33 1.06
C PHE A 19 -0.13 7.40 2.43
N LEU A 20 -0.72 8.11 3.35
CA LEU A 20 -0.13 8.22 4.72
C LEU A 20 -0.04 6.84 5.37
N TYR A 21 1.14 6.43 5.74
CA TYR A 21 1.29 5.09 6.38
C TYR A 21 1.94 5.25 7.76
N ASN A 22 1.15 5.20 8.81
CA ASN A 22 1.72 5.33 10.17
C ASN A 22 2.34 6.72 10.34
N ASN A 23 1.66 7.73 9.89
CA ASN A 23 2.19 9.13 10.02
C ASN A 23 3.34 9.36 9.04
N HIS A 24 3.51 8.48 8.10
CA HIS A 24 4.62 8.66 7.11
C HIS A 24 4.06 8.73 5.69
N ASN A 25 3.75 9.91 5.22
CA ASN A 25 3.19 10.07 3.85
C ASN A 25 4.14 9.44 2.81
N TYR A 26 3.82 8.28 2.32
CA TYR A 26 4.70 7.64 1.30
C TYR A 26 4.11 7.81 -0.09
N THR A 27 4.79 8.51 -0.95
CA THR A 27 4.25 8.72 -2.33
C THR A 27 4.59 7.53 -3.23
N ASP A 28 5.02 6.45 -2.65
CA ASP A 28 5.37 5.25 -3.47
C ASP A 28 5.20 3.97 -2.64
N CYS A 29 5.62 2.86 -3.15
CA CYS A 29 5.47 1.58 -2.39
C CYS A 29 6.58 1.48 -1.33
N THR A 30 6.28 0.88 -0.21
CA THR A 30 7.33 0.76 0.84
C THR A 30 7.36 -0.68 1.39
N SER A 31 8.52 -1.17 1.69
CA SER A 31 8.62 -2.56 2.22
C SER A 31 8.83 -2.53 3.74
N GLU A 32 8.30 -1.54 4.41
CA GLU A 32 8.45 -1.46 5.89
C GLU A 32 7.58 -2.51 6.57
N GLY A 33 6.77 -3.20 5.82
CA GLY A 33 5.89 -4.25 6.41
C GLY A 33 5.85 -5.46 5.47
N ARG A 34 6.98 -5.88 4.99
CA ARG A 34 7.00 -7.07 4.09
C ARG A 34 7.53 -8.30 4.81
N ARG A 35 7.82 -9.34 4.09
CA ARG A 35 8.36 -10.58 4.73
C ARG A 35 9.37 -11.24 3.77
N ASP A 36 9.79 -10.53 2.76
CA ASP A 36 10.77 -11.11 1.80
C ASP A 36 11.52 -10.00 1.07
N ASN A 37 10.82 -9.05 0.52
CA ASN A 37 11.50 -7.93 -0.21
C ASN A 37 10.48 -7.13 -1.02
N MET A 38 9.57 -7.79 -1.68
CA MET A 38 8.55 -7.05 -2.49
C MET A 38 8.05 -5.84 -1.70
N LYS A 39 7.39 -4.92 -2.35
CA LYS A 39 6.90 -3.71 -1.63
C LYS A 39 5.37 -3.63 -1.70
N TRP A 40 4.77 -3.10 -0.67
CA TRP A 40 3.28 -2.98 -0.66
C TRP A 40 2.89 -1.51 -0.68
N CYS A 41 1.61 -1.24 -0.70
CA CYS A 41 1.13 0.17 -0.71
C CYS A 41 -0.23 0.26 -0.03
N GLY A 42 -0.53 1.37 0.58
CA GLY A 42 -1.84 1.52 1.27
C GLY A 42 -2.93 1.77 0.22
N THR A 43 -4.12 1.33 0.50
CA THR A 43 -5.24 1.54 -0.47
C THR A 43 -6.07 2.77 -0.07
N THR A 44 -5.79 3.34 1.06
CA THR A 44 -6.57 4.54 1.51
C THR A 44 -5.66 5.76 1.65
N GLN A 45 -6.23 6.92 1.74
CA GLN A 45 -5.42 8.16 1.87
C GLN A 45 -5.06 8.41 3.35
N ASN A 46 -5.51 7.56 4.22
CA ASN A 46 -5.21 7.75 5.67
C ASN A 46 -5.03 6.39 6.35
N TYR A 47 -3.92 5.76 6.14
CA TYR A 47 -3.68 4.43 6.78
C TYR A 47 -3.88 4.53 8.30
N ASP A 48 -3.45 5.60 8.90
CA ASP A 48 -3.61 5.74 10.37
C ASP A 48 -5.10 5.76 10.75
N ALA A 49 -5.93 6.26 9.88
CA ALA A 49 -7.40 6.31 10.19
C ALA A 49 -8.16 5.28 9.35
N ASP A 50 -7.47 4.49 8.57
CA ASP A 50 -8.17 3.47 7.73
C ASP A 50 -7.67 2.07 8.08
N GLN A 51 -6.38 1.86 8.04
CA GLN A 51 -5.82 0.51 8.36
C GLN A 51 -6.13 -0.48 7.23
N LYS A 52 -5.49 -0.32 6.11
CA LYS A 52 -5.74 -1.25 4.97
C LYS A 52 -4.63 -1.11 3.93
N PHE A 53 -3.89 -2.17 3.70
CA PHE A 53 -2.79 -2.09 2.70
C PHE A 53 -3.04 -3.07 1.55
N GLY A 54 -2.12 -3.13 0.64
CA GLY A 54 -2.26 -4.04 -0.53
C GLY A 54 -0.87 -4.24 -1.13
N PHE A 55 -0.77 -4.86 -2.27
CA PHE A 55 0.58 -5.05 -2.87
C PHE A 55 0.85 -3.90 -3.85
N CYS A 56 2.07 -3.74 -4.28
CA CYS A 56 2.37 -2.63 -5.23
C CYS A 56 2.96 -3.16 -6.55
N PRO A 57 2.22 -4.01 -7.22
CA PRO A 57 2.68 -4.55 -8.51
C PRO A 57 2.89 -3.41 -9.51
N MET A 58 3.03 -3.72 -10.77
CA MET A 58 3.24 -2.64 -11.78
C MET A 58 4.55 -1.91 -11.49
N ALA A 59 5.65 -2.61 -11.53
CA ALA A 59 6.96 -1.95 -11.26
C ALA A 59 6.90 -1.15 -9.95
C1 NAG B . 0.17 13.44 5.10
C2 NAG B . 0.37 14.32 6.32
C3 NAG B . -0.98 14.64 6.91
C4 NAG B . -1.88 15.36 5.88
C5 NAG B . -2.02 14.46 4.61
C6 NAG B . -2.73 15.18 3.45
C7 NAG B . 2.53 13.89 7.41
C8 NAG B . 3.30 13.06 8.43
N2 NAG B . 1.20 13.64 7.30
O3 NAG B . -0.86 15.46 8.06
O4 NAG B . -3.14 15.63 6.48
O5 NAG B . -0.67 14.12 4.15
O6 NAG B . -4.06 15.51 3.86
O7 NAG B . 3.09 14.75 6.71
H1 NAG B . -0.31 12.50 5.40
H2 NAG B . 0.85 15.26 6.00
H3 NAG B . -1.48 13.70 7.20
H4 NAG B . -1.39 16.31 5.59
H5 NAG B . -2.56 13.54 4.86
H61 NAG B . -2.78 14.51 2.57
H62 NAG B . -2.18 16.09 3.19
H81 NAG B . 2.90 13.26 9.43
H82 NAG B . 4.36 13.32 8.39
H83 NAG B . 3.16 11.99 8.20
HN2 NAG B . 0.81 12.96 7.88
HO3 NAG B . -0.51 14.94 8.78
HO4 NAG B . -3.02 16.22 7.24
HO6 NAG B . -4.62 15.61 3.09
N VAL A 1 2.55 6.19 -12.82
CA VAL A 1 2.51 4.70 -12.69
C VAL A 1 1.27 4.27 -11.89
N LEU A 2 0.79 3.09 -12.12
CA LEU A 2 -0.41 2.61 -11.37
C LEU A 2 -0.27 1.13 -11.04
N VAL A 3 -0.30 0.78 -9.78
CA VAL A 3 -0.17 -0.65 -9.40
C VAL A 3 -1.44 -1.13 -8.68
N GLN A 4 -2.04 -2.18 -9.15
CA GLN A 4 -3.27 -2.69 -8.49
C GLN A 4 -2.96 -3.91 -7.63
N THR A 5 -3.78 -4.18 -6.64
CA THR A 5 -3.52 -5.36 -5.77
C THR A 5 -4.80 -6.18 -5.62
N ARG A 6 -4.70 -7.29 -4.95
CA ARG A 6 -5.91 -8.15 -4.75
C ARG A 6 -5.65 -9.19 -3.67
N GLY A 7 -5.75 -8.80 -2.42
CA GLY A 7 -5.52 -9.78 -1.32
C GLY A 7 -5.22 -9.03 -0.02
N GLY A 8 -4.79 -7.79 -0.12
CA GLY A 8 -4.48 -7.01 1.11
C GLY A 8 -5.72 -6.97 2.00
N ASN A 9 -6.29 -5.81 2.16
CA ASN A 9 -7.50 -5.70 3.03
C ASN A 9 -8.72 -5.27 2.19
N SER A 10 -8.52 -5.07 0.92
CA SER A 10 -9.66 -4.67 0.05
C SER A 10 -10.04 -5.82 -0.88
N ASN A 11 -9.22 -6.83 -0.94
CA ASN A 11 -9.51 -8.00 -1.83
C ASN A 11 -10.11 -7.54 -3.15
N GLY A 12 -9.57 -6.50 -3.74
CA GLY A 12 -10.12 -6.01 -5.04
C GLY A 12 -10.03 -4.48 -5.10
N ALA A 13 -8.84 -3.95 -5.16
CA ALA A 13 -8.69 -2.47 -5.22
C ALA A 13 -7.31 -2.10 -5.77
N LEU A 14 -7.12 -0.86 -6.15
CA LEU A 14 -5.80 -0.43 -6.69
C LEU A 14 -5.06 0.43 -5.67
N CYS A 15 -3.79 0.17 -5.44
CA CYS A 15 -3.03 0.99 -4.46
C CYS A 15 -3.23 2.48 -4.78
N HIS A 16 -3.05 3.33 -3.81
CA HIS A 16 -3.24 4.78 -4.08
C HIS A 16 -2.02 5.60 -3.60
N PHE A 17 -1.83 6.76 -4.15
CA PHE A 17 -0.68 7.61 -3.75
C PHE A 17 -1.03 9.09 -3.89
N PRO A 18 -0.55 9.91 -2.98
CA PRO A 18 0.28 9.42 -1.85
C PRO A 18 -0.62 8.75 -0.80
N PHE A 19 -0.06 7.92 0.03
CA PHE A 19 -0.92 7.26 1.08
C PHE A 19 -0.23 7.34 2.45
N LEU A 20 -0.85 8.02 3.38
CA LEU A 20 -0.25 8.14 4.74
C LEU A 20 -0.11 6.77 5.38
N TYR A 21 1.07 6.38 5.74
CA TYR A 21 1.26 5.05 6.39
C TYR A 21 1.89 5.22 7.76
N ASN A 22 1.17 4.93 8.80
CA ASN A 22 1.73 5.10 10.17
C ASN A 22 2.21 6.54 10.33
N ASN A 23 1.48 7.46 9.79
CA ASN A 23 1.87 8.90 9.88
C ASN A 23 3.07 9.16 8.97
N HIS A 24 3.14 8.49 7.85
CA HIS A 24 4.28 8.69 6.91
C HIS A 24 3.76 8.76 5.48
N ASN A 25 3.33 9.92 5.04
CA ASN A 25 2.81 10.06 3.65
C ASN A 25 3.81 9.48 2.66
N TYR A 26 3.58 8.28 2.20
CA TYR A 26 4.52 7.66 1.21
C TYR A 26 3.93 7.76 -0.20
N THR A 27 4.59 8.43 -1.10
CA THR A 27 4.06 8.54 -2.49
C THR A 27 4.51 7.34 -3.32
N ASP A 28 4.95 6.29 -2.68
CA ASP A 28 5.40 5.08 -3.43
C ASP A 28 5.21 3.83 -2.58
N CYS A 29 5.64 2.70 -3.05
CA CYS A 29 5.48 1.45 -2.25
C CYS A 29 6.50 1.43 -1.11
N THR A 30 6.21 0.70 -0.07
CA THR A 30 7.17 0.64 1.07
C THR A 30 7.24 -0.78 1.63
N SER A 31 8.42 -1.23 1.99
CA SER A 31 8.57 -2.60 2.54
C SER A 31 8.88 -2.54 4.04
N GLU A 32 8.36 -1.55 4.72
CA GLU A 32 8.64 -1.45 6.19
C GLU A 32 7.96 -2.60 6.93
N GLY A 33 7.16 -3.36 6.25
CA GLY A 33 6.47 -4.51 6.90
C GLY A 33 6.74 -5.79 6.09
N ARG A 34 7.66 -5.72 5.18
CA ARG A 34 7.97 -6.92 4.35
C ARG A 34 9.45 -7.28 4.46
N ARG A 35 10.29 -6.46 3.88
CA ARG A 35 11.75 -6.71 3.90
C ARG A 35 11.99 -8.21 3.71
N ASP A 36 11.10 -8.85 2.99
CA ASP A 36 11.25 -10.31 2.76
C ASP A 36 10.87 -10.67 1.31
N ASN A 37 9.84 -10.04 0.80
CA ASN A 37 9.41 -10.34 -0.59
C ASN A 37 9.54 -9.11 -1.48
N MET A 38 8.63 -8.17 -1.34
CA MET A 38 8.69 -6.95 -2.19
C MET A 38 8.19 -5.72 -1.40
N LYS A 39 7.41 -4.88 -2.02
CA LYS A 39 6.90 -3.67 -1.32
C LYS A 39 5.36 -3.62 -1.41
N TRP A 40 4.70 -3.22 -0.36
CA TRP A 40 3.21 -3.13 -0.39
C TRP A 40 2.79 -1.67 -0.47
N CYS A 41 1.51 -1.43 -0.56
CA CYS A 41 1.03 -0.01 -0.63
C CYS A 41 -0.33 0.12 0.06
N GLY A 42 -0.57 1.23 0.70
CA GLY A 42 -1.88 1.42 1.38
C GLY A 42 -2.96 1.68 0.34
N THR A 43 -4.16 1.25 0.61
CA THR A 43 -5.26 1.47 -0.36
C THR A 43 -6.07 2.71 0.03
N THR A 44 -5.93 3.17 1.25
CA THR A 44 -6.67 4.38 1.69
C THR A 44 -5.73 5.58 1.76
N GLN A 45 -6.26 6.74 2.03
CA GLN A 45 -5.40 7.96 2.10
C GLN A 45 -5.02 8.24 3.57
N ASN A 46 -5.44 7.40 4.47
CA ASN A 46 -5.10 7.60 5.91
C ASN A 46 -4.91 6.25 6.59
N TYR A 47 -3.80 5.60 6.34
CA TYR A 47 -3.55 4.27 6.97
C TYR A 47 -3.67 4.35 8.50
N ASP A 48 -3.14 5.38 9.09
CA ASP A 48 -3.23 5.49 10.58
C ASP A 48 -4.69 5.56 11.02
N ALA A 49 -5.56 6.02 10.17
CA ALA A 49 -7.01 6.12 10.55
C ALA A 49 -7.85 5.10 9.78
N ASP A 50 -7.23 4.27 8.97
CA ASP A 50 -8.04 3.27 8.20
C ASP A 50 -7.47 1.86 8.41
N GLN A 51 -6.18 1.70 8.25
CA GLN A 51 -5.56 0.35 8.42
C GLN A 51 -5.92 -0.54 7.23
N LYS A 52 -5.44 -0.20 6.07
CA LYS A 52 -5.76 -1.02 4.85
C LYS A 52 -4.56 -1.00 3.90
N PHE A 53 -4.02 -2.15 3.58
CA PHE A 53 -2.86 -2.17 2.65
C PHE A 53 -3.09 -3.14 1.50
N GLY A 54 -2.15 -3.23 0.61
CA GLY A 54 -2.25 -4.14 -0.56
C GLY A 54 -0.83 -4.42 -1.06
N PHE A 55 -0.70 -5.00 -2.21
CA PHE A 55 0.68 -5.27 -2.73
C PHE A 55 1.05 -4.21 -3.76
N CYS A 56 2.33 -4.11 -4.09
CA CYS A 56 2.74 -3.07 -5.08
C CYS A 56 3.51 -3.70 -6.26
N PRO A 57 2.93 -4.70 -6.86
CA PRO A 57 3.59 -5.38 -8.01
C PRO A 57 3.80 -4.38 -9.15
N MET A 58 4.89 -3.66 -9.13
CA MET A 58 5.15 -2.67 -10.22
C MET A 58 6.54 -2.05 -10.05
N ALA A 59 7.44 -2.33 -10.94
CA ALA A 59 8.81 -1.75 -10.84
C ALA A 59 9.25 -1.18 -12.19
C1 NAG B . -0.36 13.70 4.29
C2 NAG B . -0.08 14.52 5.53
C3 NAG B . -1.41 15.03 6.07
C4 NAG B . -2.15 15.88 5.03
C5 NAG B . -2.36 15.02 3.74
C6 NAG B . -2.92 15.84 2.57
C7 NAG B . 1.84 14.07 6.98
C8 NAG B . 2.46 13.12 8.00
N2 NAG B . 0.61 13.73 6.54
O3 NAG B . -1.20 15.81 7.25
O4 NAG B . -3.38 16.32 5.59
O5 NAG B . -1.05 14.49 3.32
O6 NAG B . -4.31 15.56 2.42
O7 NAG B . 2.43 15.08 6.59
H1 NAG B . -0.98 12.82 4.56
H2 NAG B . 0.54 15.38 5.25
H3 NAG B . -2.03 14.16 6.33
H4 NAG B . -1.52 16.75 4.77
H5 NAG B . -3.03 14.18 3.96
H61 NAG B . -2.40 15.57 1.64
H62 NAG B . -2.78 16.91 2.76
H81 NAG B . 1.73 12.88 8.79
H82 NAG B . 3.34 13.60 8.46
H83 NAG B . 2.77 12.19 7.51
HN2 NAG B . 0.19 12.91 6.88
HO3 NAG B . -0.61 16.54 7.04
HO4 NAG B . -3.21 17.03 6.23
HO6 NAG B . -4.82 16.35 2.62
N VAL A 1 1.30 5.80 -12.99
CA VAL A 1 1.68 4.65 -12.13
C VAL A 1 0.65 3.53 -12.25
N LEU A 2 1.05 2.31 -12.04
CA LEU A 2 0.09 1.18 -12.16
C LEU A 2 0.39 0.11 -11.10
N VAL A 3 -0.15 0.27 -9.92
CA VAL A 3 0.11 -0.73 -8.84
C VAL A 3 -1.22 -1.34 -8.38
N GLN A 4 -1.55 -2.51 -8.88
CA GLN A 4 -2.83 -3.16 -8.45
C GLN A 4 -2.60 -4.05 -7.23
N THR A 5 -3.66 -4.40 -6.55
CA THR A 5 -3.51 -5.27 -5.35
C THR A 5 -4.74 -6.17 -5.19
N ARG A 6 -4.56 -7.36 -4.71
CA ARG A 6 -5.72 -8.28 -4.55
C ARG A 6 -5.41 -9.33 -3.47
N GLY A 7 -5.52 -8.97 -2.23
CA GLY A 7 -5.23 -9.96 -1.14
C GLY A 7 -5.00 -9.22 0.17
N GLY A 8 -4.50 -8.01 0.12
CA GLY A 8 -4.26 -7.23 1.36
C GLY A 8 -5.59 -7.03 2.10
N ASN A 9 -5.95 -5.81 2.37
CA ASN A 9 -7.24 -5.56 3.08
C ASN A 9 -8.27 -4.98 2.10
N SER A 10 -7.85 -4.66 0.91
CA SER A 10 -8.80 -4.10 -0.09
C SER A 10 -9.59 -5.23 -0.76
N ASN A 11 -9.19 -6.44 -0.53
CA ASN A 11 -9.91 -7.60 -1.14
C ASN A 11 -10.20 -7.36 -2.62
N GLY A 12 -9.46 -6.50 -3.26
CA GLY A 12 -9.71 -6.24 -4.71
C GLY A 12 -9.70 -4.74 -4.99
N ALA A 13 -8.55 -4.14 -5.05
CA ALA A 13 -8.48 -2.68 -5.33
C ALA A 13 -7.10 -2.31 -5.88
N LEU A 14 -6.84 -1.04 -6.09
CA LEU A 14 -5.52 -0.63 -6.63
C LEU A 14 -4.84 0.36 -5.67
N CYS A 15 -3.62 0.09 -5.31
CA CYS A 15 -2.90 1.02 -4.39
C CYS A 15 -3.03 2.45 -4.90
N HIS A 16 -2.83 3.43 -4.05
CA HIS A 16 -2.96 4.85 -4.51
C HIS A 16 -1.96 5.74 -3.76
N PHE A 17 -1.82 6.96 -4.21
CA PHE A 17 -0.87 7.91 -3.55
C PHE A 17 -1.38 9.35 -3.70
N PRO A 18 -0.98 10.19 -2.79
CA PRO A 18 -0.12 9.80 -1.65
C PRO A 18 -0.96 9.04 -0.61
N PHE A 19 -0.35 8.23 0.21
CA PHE A 19 -1.14 7.50 1.24
C PHE A 19 -0.41 7.55 2.59
N LEU A 20 -1.01 8.20 3.55
CA LEU A 20 -0.37 8.30 4.90
C LEU A 20 -0.14 6.91 5.48
N TYR A 21 1.09 6.54 5.67
CA TYR A 21 1.38 5.19 6.24
C TYR A 21 2.11 5.34 7.58
N ASN A 22 1.51 4.89 8.65
CA ASN A 22 2.18 5.02 9.99
C ASN A 22 2.45 6.49 10.28
N ASN A 23 1.54 7.35 9.91
CA ASN A 23 1.73 8.81 10.15
C ASN A 23 2.85 9.35 9.27
N HIS A 24 3.03 8.79 8.10
CA HIS A 24 4.10 9.27 7.19
C HIS A 24 3.57 9.36 5.75
N ASN A 25 3.02 10.49 5.38
CA ASN A 25 2.48 10.64 4.00
C ASN A 25 3.49 10.15 2.97
N TYR A 26 3.25 9.01 2.39
CA TYR A 26 4.19 8.48 1.35
C TYR A 26 3.58 8.67 -0.03
N THR A 27 4.31 8.36 -1.07
CA THR A 27 3.76 8.52 -2.44
C THR A 27 4.08 7.30 -3.28
N ASP A 28 4.48 6.22 -2.66
CA ASP A 28 4.81 4.98 -3.43
C ASP A 28 4.73 3.76 -2.51
N CYS A 29 5.18 2.63 -2.98
CA CYS A 29 5.13 1.40 -2.14
C CYS A 29 6.31 1.39 -1.16
N THR A 30 6.11 0.88 0.02
CA THR A 30 7.22 0.82 1.01
C THR A 30 7.37 -0.59 1.55
N SER A 31 8.58 -1.02 1.82
CA SER A 31 8.77 -2.40 2.33
C SER A 31 9.06 -2.38 3.83
N GLU A 32 8.49 -1.43 4.54
CA GLU A 32 8.73 -1.37 6.00
C GLU A 32 8.07 -2.56 6.70
N GLY A 33 7.31 -3.33 5.97
CA GLY A 33 6.63 -4.50 6.58
C GLY A 33 6.73 -5.71 5.64
N ARG A 34 7.71 -5.71 4.77
CA ARG A 34 7.84 -6.86 3.83
C ARG A 34 8.95 -7.81 4.30
N ARG A 35 10.17 -7.40 4.13
CA ARG A 35 11.32 -8.26 4.51
C ARG A 35 11.02 -9.70 4.12
N ASP A 36 10.24 -9.86 3.09
CA ASP A 36 9.88 -11.24 2.65
C ASP A 36 9.78 -11.33 1.12
N ASN A 37 9.18 -10.35 0.49
CA ASN A 37 9.05 -10.41 -1.00
C ASN A 37 9.54 -9.11 -1.64
N MET A 38 8.76 -8.07 -1.59
CA MET A 38 9.18 -6.79 -2.21
C MET A 38 8.59 -5.59 -1.46
N LYS A 39 7.70 -4.86 -2.07
CA LYS A 39 7.12 -3.67 -1.38
C LYS A 39 5.59 -3.69 -1.47
N TRP A 40 4.93 -3.17 -0.47
CA TRP A 40 3.44 -3.13 -0.48
C TRP A 40 2.98 -1.68 -0.56
N CYS A 41 1.71 -1.45 -0.51
CA CYS A 41 1.21 -0.03 -0.56
C CYS A 41 -0.14 0.11 0.12
N GLY A 42 -0.51 1.31 0.47
CA GLY A 42 -1.83 1.50 1.14
C GLY A 42 -2.91 1.69 0.09
N THR A 43 -4.08 1.17 0.33
CA THR A 43 -5.19 1.31 -0.64
C THR A 43 -6.15 2.40 -0.18
N THR A 44 -5.75 3.19 0.77
CA THR A 44 -6.63 4.29 1.27
C THR A 44 -5.89 5.62 1.27
N GLN A 45 -6.39 6.56 2.02
CA GLN A 45 -5.74 7.90 2.09
C GLN A 45 -5.27 8.18 3.52
N ASN A 46 -5.60 7.32 4.45
CA ASN A 46 -5.17 7.54 5.87
C ASN A 46 -4.94 6.19 6.55
N TYR A 47 -3.81 5.58 6.28
CA TYR A 47 -3.52 4.26 6.90
C TYR A 47 -3.64 4.32 8.42
N ASP A 48 -3.15 5.36 9.02
CA ASP A 48 -3.24 5.47 10.50
C ASP A 48 -4.70 5.50 10.96
N ALA A 49 -5.59 5.99 10.13
CA ALA A 49 -7.02 6.06 10.52
C ALA A 49 -7.85 4.99 9.78
N ASP A 50 -7.21 4.18 8.98
CA ASP A 50 -7.98 3.14 8.23
C ASP A 50 -7.32 1.77 8.40
N GLN A 51 -6.04 1.68 8.14
CA GLN A 51 -5.32 0.38 8.27
C GLN A 51 -5.70 -0.54 7.10
N LYS A 52 -5.27 -0.20 5.92
CA LYS A 52 -5.59 -1.05 4.73
C LYS A 52 -4.43 -1.02 3.74
N PHE A 53 -3.82 -2.13 3.48
CA PHE A 53 -2.68 -2.15 2.52
C PHE A 53 -2.92 -3.14 1.39
N GLY A 54 -1.91 -3.33 0.57
CA GLY A 54 -2.01 -4.26 -0.58
C GLY A 54 -0.58 -4.56 -1.04
N PHE A 55 -0.41 -4.96 -2.27
CA PHE A 55 0.99 -5.24 -2.73
C PHE A 55 1.38 -4.29 -3.86
N CYS A 56 2.63 -4.29 -4.23
CA CYS A 56 3.07 -3.38 -5.32
C CYS A 56 3.67 -4.16 -6.51
N PRO A 57 2.87 -4.99 -7.11
CA PRO A 57 3.33 -5.79 -8.27
C PRO A 57 3.79 -4.86 -9.41
N MET A 58 5.03 -4.48 -9.41
CA MET A 58 5.53 -3.58 -10.49
C MET A 58 7.05 -3.45 -10.42
N ALA A 59 7.76 -4.54 -10.59
CA ALA A 59 9.24 -4.48 -10.54
C ALA A 59 9.70 -3.72 -9.28
C1 NAG B . -0.75 13.65 5.62
C2 NAG B . -0.52 14.36 6.94
C3 NAG B . -1.86 14.54 7.62
C4 NAG B . -2.83 15.37 6.75
C5 NAG B . -2.97 14.65 5.36
C6 NAG B . -3.77 15.49 4.34
C7 NAG B . 1.59 14.06 8.16
C8 NAG B . 2.45 13.14 9.02
N2 NAG B . 0.38 13.60 7.79
O3 NAG B . -1.70 15.20 8.87
O4 NAG B . -4.06 15.50 7.42
O5 NAG B . -1.65 14.43 4.80
O6 NAG B . -3.43 15.05 3.02
O7 NAG B . 1.99 15.20 7.83
H1 NAG B . -1.18 12.66 5.80
H2 NAG B . -0.08 15.36 6.75
H3 NAG B . -2.30 13.54 7.79
H4 NAG B . -2.38 16.36 6.57
H5 NAG B . -3.47 13.68 5.49
H61 NAG B . -4.85 15.35 4.50
H62 NAG B . -3.51 16.55 4.46
H81 NAG B . 3.50 13.42 8.93
H82 NAG B . 2.31 12.10 8.67
H83 NAG B . 2.13 13.22 10.07
HN2 NAG B . 0.12 12.70 8.07
HO3 NAG B . -1.35 16.08 8.72
HO4 NAG B . -4.40 14.63 7.65
HO6 NAG B . -3.99 14.31 2.78
N VAL A 1 3.12 3.00 -14.60
CA VAL A 1 3.16 2.76 -13.13
C VAL A 1 1.79 2.29 -12.64
N LEU A 2 1.67 1.03 -12.33
CA LEU A 2 0.35 0.51 -11.85
C LEU A 2 0.53 -0.31 -10.58
N VAL A 3 0.13 0.22 -9.45
CA VAL A 3 0.26 -0.54 -8.18
C VAL A 3 -1.08 -1.18 -7.81
N GLN A 4 -1.35 -2.34 -8.31
CA GLN A 4 -2.66 -3.01 -8.00
C GLN A 4 -2.48 -4.05 -6.89
N THR A 5 -3.37 -4.05 -5.94
CA THR A 5 -3.26 -5.04 -4.83
C THR A 5 -4.52 -5.90 -4.77
N ARG A 6 -4.38 -7.18 -4.58
CA ARG A 6 -5.58 -8.06 -4.51
C ARG A 6 -5.29 -9.28 -3.63
N GLY A 7 -4.82 -9.06 -2.44
CA GLY A 7 -4.50 -10.19 -1.53
C GLY A 7 -4.45 -9.69 -0.09
N GLY A 8 -3.93 -8.51 0.11
CA GLY A 8 -3.85 -7.95 1.50
C GLY A 8 -5.25 -7.90 2.10
N ASN A 9 -5.78 -6.73 2.30
CA ASN A 9 -7.14 -6.62 2.89
C ASN A 9 -7.99 -5.63 2.09
N SER A 10 -7.57 -5.30 0.90
CA SER A 10 -8.35 -4.33 0.07
C SER A 10 -9.39 -5.09 -0.76
N ASN A 11 -9.39 -6.39 -0.70
CA ASN A 11 -10.38 -7.18 -1.48
C ASN A 11 -10.18 -6.94 -2.99
N GLY A 12 -9.06 -6.41 -3.37
CA GLY A 12 -8.82 -6.15 -4.82
C GLY A 12 -8.93 -4.65 -5.09
N ALA A 13 -7.99 -3.88 -4.60
CA ALA A 13 -8.03 -2.41 -4.83
C ALA A 13 -6.63 -1.89 -5.19
N LEU A 14 -6.54 -0.97 -6.11
CA LEU A 14 -5.20 -0.44 -6.49
C LEU A 14 -4.72 0.56 -5.45
N CYS A 15 -3.50 0.42 -4.99
CA CYS A 15 -2.98 1.38 -3.97
C CYS A 15 -3.23 2.81 -4.43
N HIS A 16 -3.13 3.76 -3.55
CA HIS A 16 -3.36 5.18 -3.97
C HIS A 16 -2.21 6.06 -3.45
N PHE A 17 -2.14 7.25 -3.95
CA PHE A 17 -1.05 8.17 -3.51
C PHE A 17 -1.51 9.63 -3.58
N PRO A 18 -1.01 10.44 -2.66
CA PRO A 18 -0.09 9.96 -1.60
C PRO A 18 -0.89 9.22 -0.52
N PHE A 19 -0.36 8.15 0.02
CA PHE A 19 -1.12 7.42 1.07
C PHE A 19 -0.39 7.49 2.41
N LEU A 20 -1.01 8.11 3.38
CA LEU A 20 -0.38 8.24 4.73
C LEU A 20 -0.16 6.86 5.34
N TYR A 21 1.06 6.53 5.64
CA TYR A 21 1.35 5.20 6.25
C TYR A 21 2.08 5.40 7.59
N ASN A 22 1.36 5.34 8.68
CA ASN A 22 2.01 5.53 10.01
C ASN A 22 2.52 6.98 10.13
N ASN A 23 1.71 7.93 9.75
CA ASN A 23 2.14 9.36 9.82
C ASN A 23 3.21 9.62 8.77
N HIS A 24 3.43 8.71 7.88
CA HIS A 24 4.46 8.90 6.82
C HIS A 24 3.80 9.03 5.46
N ASN A 25 3.46 10.22 5.05
CA ASN A 25 2.81 10.41 3.72
C ASN A 25 3.75 9.90 2.61
N TYR A 26 3.42 8.79 2.03
CA TYR A 26 4.29 8.24 0.94
C TYR A 26 3.61 8.43 -0.41
N THR A 27 4.34 8.33 -1.48
CA THR A 27 3.73 8.51 -2.83
C THR A 27 4.14 7.35 -3.73
N ASP A 28 4.26 6.17 -3.18
CA ASP A 28 4.66 4.99 -4.00
C ASP A 28 4.70 3.75 -3.13
N CYS A 29 5.17 2.65 -3.65
CA CYS A 29 5.23 1.40 -2.83
C CYS A 29 6.41 1.48 -1.86
N THR A 30 6.28 0.93 -0.69
CA THR A 30 7.41 0.97 0.28
C THR A 30 7.68 -0.43 0.80
N SER A 31 8.81 -0.66 1.41
CA SER A 31 9.10 -2.02 1.91
C SER A 31 8.97 -2.09 3.43
N GLU A 32 8.22 -1.19 4.01
CA GLU A 32 8.04 -1.21 5.49
C GLU A 32 6.97 -2.24 5.87
N GLY A 33 7.17 -2.95 6.94
CA GLY A 33 6.18 -3.96 7.38
C GLY A 33 5.96 -4.99 6.27
N ARG A 34 7.01 -5.38 5.60
CA ARG A 34 6.86 -6.39 4.50
C ARG A 34 7.04 -7.79 5.02
N ARG A 35 8.18 -8.07 5.54
CA ARG A 35 8.47 -9.44 6.05
C ARG A 35 8.44 -10.43 4.88
N ASP A 36 8.45 -9.93 3.68
CA ASP A 36 8.43 -10.83 2.49
C ASP A 36 9.54 -10.43 1.51
N ASN A 37 9.31 -9.43 0.71
CA ASN A 37 10.36 -9.00 -0.27
C ASN A 37 9.84 -7.89 -1.20
N MET A 38 8.84 -8.19 -1.99
CA MET A 38 8.30 -7.17 -2.92
C MET A 38 7.76 -5.96 -2.15
N LYS A 39 7.79 -4.79 -2.73
CA LYS A 39 7.28 -3.59 -2.03
C LYS A 39 5.74 -3.61 -1.98
N TRP A 40 5.18 -3.17 -0.90
CA TRP A 40 3.69 -3.16 -0.77
C TRP A 40 3.17 -1.73 -0.92
N CYS A 41 1.92 -1.50 -0.65
CA CYS A 41 1.38 -0.11 -0.79
C CYS A 41 0.02 0.02 -0.09
N GLY A 42 -0.20 1.10 0.60
CA GLY A 42 -1.50 1.30 1.30
C GLY A 42 -2.60 1.59 0.29
N THR A 43 -3.76 1.02 0.47
CA THR A 43 -4.86 1.25 -0.50
C THR A 43 -5.77 2.41 -0.03
N THR A 44 -5.67 2.79 1.21
CA THR A 44 -6.52 3.90 1.71
C THR A 44 -5.71 5.20 1.83
N GLN A 45 -6.36 6.29 2.13
CA GLN A 45 -5.62 7.58 2.26
C GLN A 45 -5.34 7.89 3.73
N ASN A 46 -5.69 7.00 4.61
CA ASN A 46 -5.44 7.23 6.06
C ASN A 46 -5.06 5.92 6.74
N TYR A 47 -3.93 5.37 6.40
CA TYR A 47 -3.50 4.08 7.01
C TYR A 47 -3.57 4.15 8.54
N ASP A 48 -3.15 5.25 9.12
CA ASP A 48 -3.19 5.34 10.61
C ASP A 48 -4.62 5.26 11.13
N ALA A 49 -5.58 5.72 10.36
CA ALA A 49 -7.00 5.66 10.83
C ALA A 49 -7.79 4.59 10.08
N ASP A 50 -7.15 3.82 9.25
CA ASP A 50 -7.89 2.77 8.49
C ASP A 50 -7.18 1.41 8.61
N GLN A 51 -5.90 1.39 8.37
CA GLN A 51 -5.13 0.11 8.45
C GLN A 51 -5.49 -0.80 7.28
N LYS A 52 -4.93 -0.54 6.12
CA LYS A 52 -5.23 -1.38 4.94
C LYS A 52 -4.08 -1.28 3.92
N PHE A 53 -3.37 -2.35 3.72
CA PHE A 53 -2.24 -2.32 2.75
C PHE A 53 -2.43 -3.38 1.66
N GLY A 54 -1.57 -3.39 0.69
CA GLY A 54 -1.67 -4.38 -0.41
C GLY A 54 -0.27 -4.63 -0.95
N PHE A 55 -0.15 -5.01 -2.19
CA PHE A 55 1.21 -5.25 -2.75
C PHE A 55 1.49 -4.31 -3.93
N CYS A 56 2.69 -4.31 -4.42
CA CYS A 56 3.01 -3.41 -5.57
C CYS A 56 3.53 -4.22 -6.77
N PRO A 57 2.68 -5.01 -7.34
CA PRO A 57 3.07 -5.83 -8.52
C PRO A 57 3.48 -4.94 -9.69
N MET A 58 4.75 -4.84 -9.97
CA MET A 58 5.20 -3.98 -11.09
C MET A 58 6.65 -4.31 -11.47
N ALA A 59 6.87 -4.81 -12.65
CA ALA A 59 8.25 -5.15 -13.08
C ALA A 59 8.28 -5.46 -14.58
C1 NAG B . -0.10 13.80 5.40
C2 NAG B . 0.36 14.67 6.56
C3 NAG B . -0.85 14.99 7.41
C4 NAG B . -1.92 15.75 6.59
C5 NAG B . -2.31 14.86 5.36
C6 NAG B . -3.24 15.61 4.37
C7 NAG B . 2.68 14.27 7.26
C8 NAG B . 3.63 13.41 8.09
N2 NAG B . 1.37 13.97 7.36
O3 NAG B . -0.47 15.80 8.52
O4 NAG B . -3.02 16.03 7.45
O5 NAG B . -1.09 14.51 4.64
O6 NAG B . -2.43 16.30 3.43
O7 NAG B . 3.09 15.21 6.55
H1 NAG B . -0.52 12.88 5.79
H2 NAG B . 0.79 15.60 6.17
H3 NAG B . -1.28 14.05 7.78
H4 NAG B . -1.47 16.69 6.22
H5 NAG B . -2.81 13.94 5.71
H61 NAG B . -3.86 16.33 4.93
H62 NAG B . -3.88 14.88 3.86
H81 NAG B . 4.32 14.05 8.64
H82 NAG B . 4.19 12.75 7.41
H83 NAG B . 3.05 12.80 8.79
HN2 NAG B . 1.09 13.22 7.92
HO3 NAG B . -0.71 15.35 9.34
HO4 NAG B . -2.88 16.87 7.88
HO6 NAG B . -2.08 15.68 2.78
N VAL A 1 2.49 6.73 -10.70
CA VAL A 1 2.69 5.26 -10.90
C VAL A 1 1.33 4.54 -10.86
N LEU A 2 1.28 3.35 -11.40
CA LEU A 2 -0.01 2.59 -11.40
C LEU A 2 0.20 1.19 -10.84
N VAL A 3 -0.38 0.90 -9.71
CA VAL A 3 -0.21 -0.45 -9.10
C VAL A 3 -1.54 -0.92 -8.49
N GLN A 4 -2.06 -2.04 -8.95
CA GLN A 4 -3.34 -2.54 -8.40
C GLN A 4 -3.10 -3.80 -7.56
N THR A 5 -3.79 -3.94 -6.46
CA THR A 5 -3.59 -5.15 -5.61
C THR A 5 -4.89 -5.91 -5.45
N ARG A 6 -4.82 -7.11 -4.94
CA ARG A 6 -6.03 -7.93 -4.73
C ARG A 6 -5.73 -9.12 -3.81
N GLY A 7 -6.04 -9.00 -2.55
CA GLY A 7 -5.76 -10.11 -1.60
C GLY A 7 -5.52 -9.55 -0.21
N GLY A 8 -4.81 -8.47 -0.11
CA GLY A 8 -4.54 -7.87 1.23
C GLY A 8 -5.87 -7.52 1.91
N ASN A 9 -6.14 -6.27 2.09
CA ASN A 9 -7.42 -5.88 2.74
C ASN A 9 -8.31 -5.11 1.76
N SER A 10 -7.82 -4.83 0.58
CA SER A 10 -8.63 -4.10 -0.41
C SER A 10 -9.48 -5.08 -1.22
N ASN A 11 -9.31 -6.35 -0.99
CA ASN A 11 -10.10 -7.36 -1.73
C ASN A 11 -10.21 -6.99 -3.22
N GLY A 12 -9.15 -6.49 -3.80
CA GLY A 12 -9.20 -6.11 -5.24
C GLY A 12 -9.45 -4.61 -5.37
N ALA A 13 -8.48 -3.80 -5.04
CA ALA A 13 -8.66 -2.32 -5.15
C ALA A 13 -7.31 -1.64 -5.37
N LEU A 14 -7.19 -0.85 -6.40
CA LEU A 14 -5.90 -0.15 -6.66
C LEU A 14 -5.43 0.58 -5.40
N CYS A 15 -4.14 0.72 -5.22
CA CYS A 15 -3.64 1.41 -4.01
C CYS A 15 -3.96 2.91 -4.09
N HIS A 16 -3.58 3.67 -3.08
CA HIS A 16 -3.85 5.13 -3.12
C HIS A 16 -2.56 5.93 -3.13
N PHE A 17 -2.60 7.13 -3.62
CA PHE A 17 -1.38 7.99 -3.64
C PHE A 17 -1.77 9.47 -3.53
N PRO A 18 -1.20 10.17 -2.59
CA PRO A 18 -0.23 9.57 -1.63
C PRO A 18 -0.98 8.77 -0.57
N PHE A 19 -0.31 7.98 0.21
CA PHE A 19 -1.01 7.19 1.25
C PHE A 19 -0.25 7.29 2.58
N LEU A 20 -0.81 8.01 3.52
CA LEU A 20 -0.15 8.19 4.84
C LEU A 20 -0.02 6.86 5.58
N TYR A 21 1.18 6.39 5.77
CA TYR A 21 1.38 5.10 6.49
C TYR A 21 2.08 5.34 7.83
N ASN A 22 1.41 5.09 8.92
CA ASN A 22 2.03 5.32 10.24
C ASN A 22 2.52 6.76 10.34
N ASN A 23 1.71 7.68 9.89
CA ASN A 23 2.11 9.11 9.94
C ASN A 23 3.26 9.37 8.96
N HIS A 24 3.29 8.67 7.86
CA HIS A 24 4.38 8.88 6.86
C HIS A 24 3.82 8.85 5.45
N ASN A 25 3.36 9.97 4.97
CA ASN A 25 2.78 10.02 3.60
C ASN A 25 3.77 9.44 2.57
N TYR A 26 3.56 8.22 2.17
CA TYR A 26 4.46 7.59 1.16
C TYR A 26 3.79 7.63 -0.21
N THR A 27 4.48 8.08 -1.22
CA THR A 27 3.86 8.13 -2.58
C THR A 27 4.23 6.87 -3.38
N ASP A 28 4.68 5.85 -2.71
CA ASP A 28 5.06 4.60 -3.43
C ASP A 28 4.88 3.38 -2.51
N CYS A 29 5.37 2.24 -2.92
CA CYS A 29 5.23 1.03 -2.06
C CYS A 29 6.40 0.95 -1.09
N THR A 30 6.21 0.31 0.04
CA THR A 30 7.32 0.19 1.01
C THR A 30 7.39 -1.23 1.57
N SER A 31 8.56 -1.72 1.84
CA SER A 31 8.70 -3.10 2.38
C SER A 31 9.03 -3.06 3.88
N GLU A 32 8.54 -2.07 4.58
CA GLU A 32 8.83 -1.98 6.04
C GLU A 32 8.06 -3.04 6.81
N GLY A 33 7.06 -3.60 6.20
CA GLY A 33 6.26 -4.65 6.88
C GLY A 33 6.58 -6.01 6.25
N ARG A 34 7.37 -6.01 5.21
CA ARG A 34 7.74 -7.30 4.56
C ARG A 34 9.18 -7.66 4.88
N ARG A 35 10.09 -6.80 4.49
CA ARG A 35 11.53 -7.07 4.76
C ARG A 35 11.96 -8.38 4.10
N ASP A 36 11.21 -8.86 3.13
CA ASP A 36 11.59 -10.13 2.46
C ASP A 36 12.06 -9.86 1.03
N ASN A 37 11.29 -9.12 0.27
CA ASN A 37 11.70 -8.83 -1.13
C ASN A 37 10.62 -8.01 -1.84
N MET A 38 9.39 -8.40 -1.72
CA MET A 38 8.29 -7.64 -2.39
C MET A 38 7.95 -6.38 -1.57
N LYS A 39 7.12 -5.53 -2.10
CA LYS A 39 6.75 -4.29 -1.35
C LYS A 39 5.22 -4.11 -1.39
N TRP A 40 4.65 -3.65 -0.32
CA TRP A 40 3.17 -3.45 -0.29
C TRP A 40 2.84 -1.97 -0.42
N CYS A 41 1.59 -1.62 -0.36
CA CYS A 41 1.20 -0.18 -0.49
C CYS A 41 -0.18 0.06 0.11
N GLY A 42 -0.31 1.02 0.99
CA GLY A 42 -1.63 1.31 1.62
C GLY A 42 -2.61 1.80 0.54
N THR A 43 -3.76 1.18 0.46
CA THR A 43 -4.75 1.61 -0.58
C THR A 43 -5.71 2.69 -0.05
N THR A 44 -5.46 3.21 1.12
CA THR A 44 -6.36 4.25 1.68
C THR A 44 -5.68 5.63 1.66
N GLN A 45 -6.43 6.67 1.85
CA GLN A 45 -5.84 8.04 1.85
C GLN A 45 -5.25 8.35 3.24
N ASN A 46 -5.42 7.46 4.18
CA ASN A 46 -4.88 7.69 5.55
C ASN A 46 -4.75 6.36 6.29
N TYR A 47 -3.68 5.67 6.08
CA TYR A 47 -3.48 4.35 6.75
C TYR A 47 -3.72 4.48 8.27
N ASP A 48 -3.32 5.57 8.85
CA ASP A 48 -3.53 5.72 10.32
C ASP A 48 -5.02 5.77 10.65
N ALA A 49 -5.81 6.35 9.78
CA ALA A 49 -7.28 6.44 10.04
C ALA A 49 -8.04 5.38 9.23
N ASP A 50 -7.33 4.49 8.59
CA ASP A 50 -8.02 3.44 7.78
C ASP A 50 -7.48 2.06 8.15
N GLN A 51 -6.19 1.85 8.04
CA GLN A 51 -5.59 0.54 8.38
C GLN A 51 -5.91 -0.48 7.28
N LYS A 52 -5.51 -0.21 6.07
CA LYS A 52 -5.78 -1.16 4.95
C LYS A 52 -4.61 -1.14 3.96
N PHE A 53 -3.88 -2.22 3.87
CA PHE A 53 -2.73 -2.25 2.93
C PHE A 53 -2.96 -3.25 1.80
N GLY A 54 -2.20 -3.14 0.75
CA GLY A 54 -2.33 -4.06 -0.40
C GLY A 54 -0.94 -4.43 -0.86
N PHE A 55 -0.80 -5.02 -2.01
CA PHE A 55 0.57 -5.38 -2.48
C PHE A 55 0.99 -4.43 -3.61
N CYS A 56 2.24 -4.48 -4.01
CA CYS A 56 2.70 -3.56 -5.09
C CYS A 56 3.19 -4.32 -6.33
N PRO A 57 2.42 -5.27 -6.80
CA PRO A 57 2.80 -6.03 -8.00
C PRO A 57 2.98 -5.08 -9.19
N MET A 58 4.14 -4.50 -9.35
CA MET A 58 4.37 -3.57 -10.49
C MET A 58 5.86 -3.44 -10.79
N ALA A 59 6.31 -3.96 -11.90
CA ALA A 59 7.75 -3.86 -12.25
C ALA A 59 7.91 -3.30 -13.66
C1 NAG B . -0.54 13.18 4.74
C2 NAG B . -0.37 14.14 5.90
C3 NAG B . -1.73 14.38 6.54
C4 NAG B . -2.72 14.97 5.51
C5 NAG B . -2.82 13.99 4.29
C6 NAG B . -3.64 14.58 3.12
C7 NAG B . 1.89 13.84 6.82
C8 NAG B . 2.75 13.15 7.87
N2 NAG B . 0.56 13.60 6.88
O3 NAG B . -1.62 15.26 7.63
O4 NAG B . -3.97 15.17 6.15
O5 NAG B . -1.47 13.74 3.80
O6 NAG B . -4.99 14.73 3.55
O7 NAG B . 2.38 14.59 5.95
H1 NAG B . -0.92 12.23 5.11
H2 NAG B . 0.02 15.10 5.53
H3 NAG B . -2.12 13.41 6.89
H4 NAG B . -2.32 15.94 5.15
H5 NAG B . -3.27 13.04 4.61
H61 NAG B . -3.59 13.90 2.26
H62 NAG B . -3.23 15.56 2.85
H81 NAG B . 2.16 12.97 8.78
H82 NAG B . 3.61 13.80 8.12
H83 NAG B . 3.11 12.20 7.48
HN2 NAG B . 0.23 13.00 7.58
HO3 NAG B . -1.27 14.80 8.40
HO4 NAG B . -4.08 16.10 6.37
HO6 NAG B . -5.06 15.46 4.16
N VAL A 1 2.91 3.16 -15.06
CA VAL A 1 3.22 2.49 -13.77
C VAL A 1 1.91 2.21 -13.00
N LEU A 2 1.51 0.97 -12.93
CA LEU A 2 0.25 0.63 -12.22
C LEU A 2 0.56 -0.16 -10.94
N VAL A 3 0.14 0.33 -9.82
CA VAL A 3 0.39 -0.41 -8.54
C VAL A 3 -0.94 -0.82 -7.90
N GLN A 4 -1.52 -1.89 -8.36
CA GLN A 4 -2.81 -2.35 -7.78
C GLN A 4 -2.64 -3.68 -7.07
N THR A 5 -3.55 -4.01 -6.19
CA THR A 5 -3.43 -5.30 -5.45
C THR A 5 -4.78 -6.03 -5.44
N ARG A 6 -4.81 -7.20 -4.86
CA ARG A 6 -6.08 -7.98 -4.80
C ARG A 6 -5.97 -9.10 -3.78
N GLY A 7 -5.57 -8.79 -2.58
CA GLY A 7 -5.42 -9.83 -1.54
C GLY A 7 -5.37 -9.16 -0.16
N GLY A 8 -4.67 -8.07 -0.06
CA GLY A 8 -4.57 -7.36 1.25
C GLY A 8 -5.98 -7.00 1.74
N ASN A 9 -6.28 -5.74 1.79
CA ASN A 9 -7.63 -5.31 2.27
C ASN A 9 -8.30 -4.39 1.24
N SER A 10 -8.42 -4.85 0.01
CA SER A 10 -9.06 -4.00 -1.04
C SER A 10 -10.08 -4.81 -1.83
N ASN A 11 -10.26 -6.05 -1.49
CA ASN A 11 -11.25 -6.89 -2.22
C ASN A 11 -11.12 -6.68 -3.74
N GLY A 12 -9.96 -6.28 -4.19
CA GLY A 12 -9.78 -6.05 -5.65
C GLY A 12 -9.82 -4.55 -5.94
N ALA A 13 -8.80 -3.83 -5.54
CA ALA A 13 -8.79 -2.35 -5.79
C ALA A 13 -7.36 -1.86 -5.89
N LEU A 14 -7.07 -0.97 -6.82
CA LEU A 14 -5.68 -0.45 -6.94
C LEU A 14 -5.31 0.34 -5.69
N CYS A 15 -4.07 0.30 -5.30
CA CYS A 15 -3.66 1.06 -4.07
C CYS A 15 -4.00 2.54 -4.23
N HIS A 16 -3.79 3.33 -3.20
CA HIS A 16 -4.10 4.78 -3.31
C HIS A 16 -2.82 5.59 -3.52
N PHE A 17 -2.95 6.82 -3.92
CA PHE A 17 -1.75 7.67 -4.14
C PHE A 17 -2.09 9.15 -3.89
N PRO A 18 -1.41 9.76 -2.94
CA PRO A 18 -0.39 9.07 -2.13
C PRO A 18 -1.08 8.17 -1.09
N PHE A 19 -0.36 7.72 -0.10
CA PHE A 19 -1.01 6.86 0.93
C PHE A 19 -0.30 7.07 2.28
N LEU A 20 -0.91 7.85 3.14
CA LEU A 20 -0.29 8.13 4.47
C LEU A 20 -0.06 6.81 5.22
N TYR A 21 1.14 6.58 5.68
CA TYR A 21 1.41 5.32 6.42
C TYR A 21 2.11 5.63 7.75
N ASN A 22 1.40 5.59 8.84
CA ASN A 22 2.03 5.87 10.17
C ASN A 22 2.52 7.32 10.21
N ASN A 23 1.72 8.25 9.76
CA ASN A 23 2.15 9.67 9.77
C ASN A 23 3.27 9.89 8.77
N HIS A 24 3.43 8.98 7.85
CA HIS A 24 4.51 9.13 6.84
C HIS A 24 3.92 9.07 5.42
N ASN A 25 3.50 10.20 4.91
CA ASN A 25 2.91 10.21 3.54
C ASN A 25 3.81 9.45 2.56
N TYR A 26 3.44 8.26 2.18
CA TYR A 26 4.28 7.47 1.23
C TYR A 26 3.70 7.57 -0.19
N THR A 27 4.40 8.17 -1.10
CA THR A 27 3.87 8.28 -2.48
C THR A 27 4.38 7.12 -3.34
N ASP A 28 4.84 6.06 -2.71
CA ASP A 28 5.35 4.89 -3.48
C ASP A 28 5.27 3.62 -2.65
N CYS A 29 5.73 2.52 -3.18
CA CYS A 29 5.69 1.24 -2.42
C CYS A 29 6.76 1.25 -1.34
N THR A 30 6.58 0.51 -0.28
CA THR A 30 7.61 0.48 0.80
C THR A 30 7.61 -0.88 1.50
N SER A 31 8.77 -1.41 1.78
CA SER A 31 8.84 -2.74 2.48
C SER A 31 9.25 -2.55 3.93
N GLU A 32 8.79 -1.49 4.56
CA GLU A 32 9.15 -1.26 5.99
C GLU A 32 8.38 -2.21 6.89
N GLY A 33 7.49 -2.99 6.34
CA GLY A 33 6.70 -3.93 7.17
C GLY A 33 6.72 -5.33 6.53
N ARG A 34 7.75 -5.64 5.80
CA ARG A 34 7.82 -6.97 5.14
C ARG A 34 9.04 -7.75 5.65
N ARG A 35 9.29 -8.89 5.09
CA ARG A 35 10.46 -9.70 5.53
C ARG A 35 11.12 -10.38 4.32
N ASP A 36 10.72 -10.04 3.12
CA ASP A 36 11.33 -10.67 1.93
C ASP A 36 11.74 -9.61 0.91
N ASN A 37 10.82 -9.12 0.14
CA ASN A 37 11.15 -8.07 -0.87
C ASN A 37 9.93 -7.70 -1.71
N MET A 38 8.76 -7.80 -1.13
CA MET A 38 7.52 -7.44 -1.89
C MET A 38 6.95 -6.13 -1.37
N LYS A 39 7.58 -5.03 -1.68
CA LYS A 39 7.09 -3.71 -1.21
C LYS A 39 5.56 -3.66 -1.24
N TRP A 40 4.95 -3.21 -0.19
CA TRP A 40 3.47 -3.12 -0.16
C TRP A 40 3.03 -1.67 -0.27
N CYS A 41 1.76 -1.43 -0.37
CA CYS A 41 1.29 -0.02 -0.46
C CYS A 41 -0.09 0.11 0.22
N GLY A 42 -0.33 1.19 0.90
CA GLY A 42 -1.65 1.35 1.59
C GLY A 42 -2.73 1.72 0.56
N THR A 43 -3.84 1.04 0.60
CA THR A 43 -4.94 1.33 -0.36
C THR A 43 -5.88 2.40 0.19
N THR A 44 -5.65 2.86 1.38
CA THR A 44 -6.54 3.90 1.96
C THR A 44 -5.83 5.26 2.00
N GLN A 45 -6.56 6.32 2.18
CA GLN A 45 -5.92 7.67 2.22
C GLN A 45 -5.48 8.00 3.64
N ASN A 46 -5.67 7.09 4.57
CA ASN A 46 -5.26 7.34 5.98
C ASN A 46 -4.92 6.01 6.66
N TYR A 47 -3.77 5.47 6.40
CA TYR A 47 -3.37 4.18 7.02
C TYR A 47 -3.46 4.27 8.55
N ASP A 48 -3.08 5.38 9.11
CA ASP A 48 -3.13 5.52 10.59
C ASP A 48 -4.59 5.39 11.08
N ALA A 49 -5.53 5.77 10.27
CA ALA A 49 -6.96 5.66 10.69
C ALA A 49 -7.67 4.57 9.89
N ASP A 50 -6.95 3.84 9.09
CA ASP A 50 -7.59 2.76 8.28
C ASP A 50 -6.87 1.42 8.52
N GLN A 51 -5.57 1.41 8.32
CA GLN A 51 -4.77 0.17 8.52
C GLN A 51 -5.02 -0.83 7.38
N LYS A 52 -5.27 -0.33 6.20
CA LYS A 52 -5.52 -1.24 5.04
C LYS A 52 -4.32 -1.19 4.08
N PHE A 53 -3.65 -2.30 3.89
CA PHE A 53 -2.48 -2.30 2.97
C PHE A 53 -2.68 -3.32 1.85
N GLY A 54 -1.79 -3.33 0.90
CA GLY A 54 -1.88 -4.29 -0.23
C GLY A 54 -0.48 -4.53 -0.78
N PHE A 55 -0.37 -5.14 -1.91
CA PHE A 55 0.99 -5.38 -2.48
C PHE A 55 1.25 -4.42 -3.65
N CYS A 56 2.50 -4.21 -3.98
CA CYS A 56 2.83 -3.28 -5.09
C CYS A 56 3.51 -4.04 -6.24
N PRO A 57 2.71 -4.67 -7.06
CA PRO A 57 3.23 -5.45 -8.21
C PRO A 57 3.93 -4.51 -9.21
N MET A 58 5.18 -4.19 -8.97
CA MET A 58 5.90 -3.29 -9.93
C MET A 58 7.40 -3.34 -9.66
N ALA A 59 8.04 -4.43 -9.98
CA ALA A 59 9.51 -4.54 -9.74
C ALA A 59 10.21 -5.00 -11.03
C1 NAG B . 0.02 13.64 4.72
C2 NAG B . 0.29 14.43 5.98
C3 NAG B . -1.04 14.79 6.62
C4 NAG B . -1.92 15.62 5.65
C5 NAG B . -2.12 14.80 4.32
C6 NAG B . -2.81 15.63 3.23
C7 NAG B . 2.01 14.24 7.72
C8 NAG B . 2.76 13.30 8.67
N2 NAG B . 1.10 13.65 6.91
O3 NAG B . -0.85 15.53 7.81
O4 NAG B . -3.15 15.92 6.29
O5 NAG B . -0.80 14.42 3.83
O6 NAG B . -1.95 16.68 2.83
O7 NAG B . 2.24 15.46 7.69
H1 NAG B . -0.51 12.71 4.98
H2 NAG B . 0.82 15.36 5.72
H3 NAG B . -1.58 13.86 6.85
H4 NAG B . -1.38 16.56 5.41
H5 NAG B . -2.71 13.90 4.54
H61 NAG B . -3.75 16.04 3.62
H62 NAG B . -3.03 14.97 2.36
H81 NAG B . 2.43 13.50 9.70
H82 NAG B . 3.83 13.49 8.58
H83 NAG B . 2.54 12.26 8.40
HN2 NAG B . 0.96 12.70 6.97
HO3 NAG B . -0.28 16.28 7.63
HO4 NAG B . -2.98 16.45 7.08
HO6 NAG B . -2.46 17.36 2.37
N VAL A 1 3.16 4.67 -12.68
CA VAL A 1 3.37 3.58 -11.68
C VAL A 1 2.05 3.24 -10.97
N LEU A 2 1.13 2.65 -11.67
CA LEU A 2 -0.17 2.30 -11.04
C LEU A 2 -0.48 0.81 -11.20
N VAL A 3 -0.49 0.08 -10.12
CA VAL A 3 -0.78 -1.37 -10.21
C VAL A 3 -1.92 -1.75 -9.27
N GLN A 4 -2.75 -2.68 -9.65
CA GLN A 4 -3.88 -3.08 -8.77
C GLN A 4 -3.47 -4.23 -7.85
N THR A 5 -4.09 -4.36 -6.72
CA THR A 5 -3.74 -5.47 -5.79
C THR A 5 -4.99 -6.18 -5.32
N ARG A 6 -4.84 -7.32 -4.71
CA ARG A 6 -6.02 -8.09 -4.22
C ARG A 6 -5.57 -9.16 -3.23
N GLY A 7 -4.85 -8.78 -2.23
CA GLY A 7 -4.38 -9.78 -1.22
C GLY A 7 -4.45 -9.17 0.18
N GLY A 8 -4.11 -7.92 0.31
CA GLY A 8 -4.15 -7.27 1.65
C GLY A 8 -5.57 -7.36 2.21
N ASN A 9 -6.24 -6.25 2.34
CA ASN A 9 -7.62 -6.27 2.88
C ASN A 9 -8.52 -5.30 2.12
N SER A 10 -8.23 -5.05 0.86
CA SER A 10 -9.06 -4.12 0.07
C SER A 10 -10.18 -4.88 -0.65
N ASN A 11 -10.20 -6.18 -0.50
CA ASN A 11 -11.27 -6.98 -1.17
C ASN A 11 -11.29 -6.66 -2.68
N GLY A 12 -10.19 -6.24 -3.23
CA GLY A 12 -10.15 -5.92 -4.67
C GLY A 12 -10.01 -4.40 -4.86
N ALA A 13 -8.84 -3.87 -4.63
CA ALA A 13 -8.64 -2.40 -4.79
C ALA A 13 -7.26 -2.11 -5.36
N LEU A 14 -7.06 -0.95 -5.93
CA LEU A 14 -5.72 -0.62 -6.51
C LEU A 14 -4.92 0.23 -5.52
N CYS A 15 -3.62 0.20 -5.64
CA CYS A 15 -2.78 1.02 -4.71
C CYS A 15 -2.90 2.50 -5.08
N HIS A 16 -2.71 3.38 -4.14
CA HIS A 16 -2.81 4.83 -4.46
C HIS A 16 -1.88 5.65 -3.58
N PHE A 17 -1.63 6.86 -3.98
CA PHE A 17 -0.73 7.76 -3.19
C PHE A 17 -1.16 9.22 -3.39
N PRO A 18 -0.71 10.08 -2.50
CA PRO A 18 0.12 9.65 -1.35
C PRO A 18 -0.74 8.96 -0.30
N PHE A 19 -0.30 7.83 0.21
CA PHE A 19 -1.11 7.14 1.25
C PHE A 19 -0.42 7.24 2.62
N LEU A 20 -1.00 7.98 3.51
CA LEU A 20 -0.40 8.16 4.87
C LEU A 20 -0.21 6.81 5.55
N TYR A 21 1.02 6.37 5.67
CA TYR A 21 1.28 5.07 6.34
C TYR A 21 2.07 5.30 7.64
N ASN A 22 1.52 4.90 8.75
CA ASN A 22 2.24 5.11 10.03
C ASN A 22 2.50 6.61 10.24
N ASN A 23 1.57 7.43 9.84
CA ASN A 23 1.74 8.90 9.99
C ASN A 23 2.82 9.43 9.03
N HIS A 24 2.96 8.80 7.89
CA HIS A 24 3.97 9.26 6.91
C HIS A 24 3.42 9.15 5.48
N ASN A 25 2.95 10.24 4.94
CA ASN A 25 2.39 10.20 3.55
C ASN A 25 3.43 9.68 2.57
N TYR A 26 3.31 8.44 2.16
CA TYR A 26 4.29 7.87 1.19
C TYR A 26 3.68 7.88 -0.22
N THR A 27 4.34 8.47 -1.16
CA THR A 27 3.79 8.50 -2.54
C THR A 27 4.38 7.36 -3.38
N ASP A 28 4.56 6.20 -2.77
CA ASP A 28 5.14 5.05 -3.51
C ASP A 28 4.99 3.77 -2.66
N CYS A 29 5.49 2.67 -3.14
CA CYS A 29 5.40 1.41 -2.35
C CYS A 29 6.49 1.37 -1.28
N THR A 30 6.19 0.83 -0.13
CA THR A 30 7.22 0.76 0.94
C THR A 30 7.27 -0.64 1.54
N SER A 31 8.46 -1.10 1.87
CA SER A 31 8.58 -2.47 2.45
C SER A 31 8.84 -2.36 3.96
N GLU A 32 8.29 -1.36 4.59
CA GLU A 32 8.51 -1.19 6.05
C GLU A 32 7.79 -2.29 6.82
N GLY A 33 7.02 -3.09 6.14
CA GLY A 33 6.28 -4.19 6.83
C GLY A 33 6.53 -5.51 6.11
N ARG A 34 7.55 -5.58 5.29
CA ARG A 34 7.84 -6.85 4.58
C ARG A 34 9.29 -7.28 4.78
N ARG A 35 10.19 -6.70 4.04
CA ARG A 35 11.62 -7.07 4.19
C ARG A 35 11.79 -8.58 4.00
N ASP A 36 10.82 -9.23 3.41
CA ASP A 36 10.93 -10.70 3.19
C ASP A 36 10.28 -11.10 1.87
N ASN A 37 9.94 -10.16 1.05
CA ASN A 37 9.31 -10.49 -0.26
C ASN A 37 9.47 -9.33 -1.24
N MET A 38 8.74 -8.28 -1.05
CA MET A 38 8.86 -7.10 -1.97
C MET A 38 8.31 -5.84 -1.29
N LYS A 39 7.61 -5.01 -2.01
CA LYS A 39 7.07 -3.77 -1.39
C LYS A 39 5.55 -3.72 -1.55
N TRP A 40 4.86 -3.18 -0.57
CA TRP A 40 3.38 -3.08 -0.66
C TRP A 40 2.96 -1.62 -0.76
N CYS A 41 1.69 -1.36 -0.85
CA CYS A 41 1.23 0.06 -0.95
C CYS A 41 -0.18 0.19 -0.36
N GLY A 42 -0.41 1.23 0.40
CA GLY A 42 -1.76 1.41 1.01
C GLY A 42 -2.76 1.85 -0.05
N THR A 43 -3.99 1.43 0.08
CA THR A 43 -5.02 1.82 -0.92
C THR A 43 -5.91 2.93 -0.36
N THR A 44 -5.76 3.25 0.90
CA THR A 44 -6.59 4.32 1.51
C THR A 44 -5.77 5.63 1.62
N GLN A 45 -6.36 6.67 2.14
CA GLN A 45 -5.63 7.96 2.27
C GLN A 45 -5.24 8.21 3.72
N ASN A 46 -5.53 7.27 4.59
CA ASN A 46 -5.18 7.44 6.03
C ASN A 46 -4.94 6.07 6.66
N TYR A 47 -3.82 5.49 6.39
CA TYR A 47 -3.50 4.13 6.95
C TYR A 47 -3.61 4.13 8.47
N ASP A 48 -3.09 5.13 9.14
CA ASP A 48 -3.16 5.15 10.62
C ASP A 48 -4.61 5.04 11.09
N ALA A 49 -5.53 5.45 10.26
CA ALA A 49 -6.98 5.37 10.66
C ALA A 49 -7.72 4.39 9.72
N ASP A 50 -7.02 3.79 8.81
CA ASP A 50 -7.68 2.84 7.87
C ASP A 50 -7.05 1.44 7.99
N GLN A 51 -5.75 1.36 7.83
CA GLN A 51 -5.06 0.05 7.93
C GLN A 51 -5.37 -0.81 6.70
N LYS A 52 -5.48 -0.20 5.56
CA LYS A 52 -5.77 -0.97 4.32
C LYS A 52 -4.55 -0.96 3.40
N PHE A 53 -3.99 -2.11 3.12
CA PHE A 53 -2.80 -2.13 2.23
C PHE A 53 -2.97 -3.16 1.11
N GLY A 54 -2.06 -3.15 0.18
CA GLY A 54 -2.12 -4.11 -0.96
C GLY A 54 -0.69 -4.38 -1.40
N PHE A 55 -0.49 -5.02 -2.52
CA PHE A 55 0.90 -5.28 -2.97
C PHE A 55 1.28 -4.31 -4.07
N CYS A 56 2.54 -4.21 -4.40
CA CYS A 56 2.97 -3.26 -5.46
C CYS A 56 3.74 -3.97 -6.58
N PRO A 57 3.09 -4.90 -7.23
CA PRO A 57 3.73 -5.65 -8.34
C PRO A 57 4.14 -4.68 -9.45
N MET A 58 5.36 -4.24 -9.45
CA MET A 58 5.82 -3.29 -10.51
C MET A 58 7.35 -3.27 -10.59
N ALA A 59 7.89 -3.18 -11.77
CA ALA A 59 9.38 -3.16 -11.91
C ALA A 59 9.76 -2.87 -13.36
C1 NAG B . -0.38 13.85 5.15
C2 NAG B . 0.03 14.70 6.35
C3 NAG B . -1.23 15.31 6.94
C4 NAG B . -1.97 16.18 5.89
C5 NAG B . -2.29 15.30 4.63
C6 NAG B . -2.84 16.12 3.46
C7 NAG B . 1.48 14.43 8.29
C8 NAG B . 2.17 13.46 9.26
N2 NAG B . 0.70 13.88 7.35
O3 NAG B . -0.92 16.11 8.06
O4 NAG B . -3.13 16.73 6.49
O5 NAG B . -1.05 14.67 4.19
O6 NAG B . -3.92 15.39 2.85
O7 NAG B . 1.66 15.66 8.38
H1 NAG B . -1.03 13.04 5.48
H2 NAG B . 0.69 15.50 6.01
H3 NAG B . -1.91 14.50 7.24
H4 NAG B . -1.28 16.99 5.57
H5 NAG B . -3.02 14.52 4.92
H61 NAG B . -2.05 16.28 2.72
H62 NAG B . -3.22 17.09 3.83
H81 NAG B . 3.17 13.83 9.51
H82 NAG B . 2.26 12.47 8.78
H83 NAG B . 1.57 13.37 10.17
HN2 NAG B . 0.60 12.91 7.32
HO3 NAG B . -1.69 16.19 8.63
HO4 NAG B . -2.97 17.65 6.73
HO6 NAG B . -4.61 16.00 2.60
N VAL A 1 0.82 4.61 -14.12
CA VAL A 1 0.89 4.10 -12.72
C VAL A 1 -0.42 3.38 -12.35
N LEU A 2 -0.50 2.11 -12.63
CA LEU A 2 -1.75 1.36 -12.30
C LEU A 2 -1.41 0.08 -11.52
N VAL A 3 -0.97 0.23 -10.30
CA VAL A 3 -0.63 -0.97 -9.49
C VAL A 3 -1.83 -1.38 -8.63
N GLN A 4 -2.54 -2.38 -9.04
CA GLN A 4 -3.73 -2.82 -8.25
C GLN A 4 -3.38 -3.95 -7.29
N THR A 5 -4.00 -3.99 -6.15
CA THR A 5 -3.70 -5.07 -5.17
C THR A 5 -4.92 -5.99 -5.00
N ARG A 6 -4.71 -7.14 -4.44
CA ARG A 6 -5.85 -8.08 -4.23
C ARG A 6 -5.44 -9.19 -3.25
N GLY A 7 -4.98 -8.82 -2.09
CA GLY A 7 -4.57 -9.85 -1.09
C GLY A 7 -4.66 -9.26 0.32
N GLY A 8 -4.26 -8.02 0.48
CA GLY A 8 -4.33 -7.40 1.83
C GLY A 8 -5.77 -7.41 2.35
N ASN A 9 -6.33 -6.26 2.59
CA ASN A 9 -7.75 -6.22 3.08
C ASN A 9 -8.61 -5.37 2.16
N SER A 10 -8.16 -5.14 0.95
CA SER A 10 -8.96 -4.32 0.00
C SER A 10 -9.89 -5.22 -0.83
N ASN A 11 -9.90 -6.50 -0.54
CA ASN A 11 -10.78 -7.42 -1.30
C ASN A 11 -10.66 -7.16 -2.81
N GLY A 12 -9.57 -6.60 -3.24
CA GLY A 12 -9.40 -6.32 -4.69
C GLY A 12 -9.57 -4.82 -4.94
N ALA A 13 -8.60 -4.05 -4.57
CA ALA A 13 -8.69 -2.57 -4.79
C ALA A 13 -7.45 -2.07 -5.53
N LEU A 14 -7.25 -0.78 -5.57
CA LEU A 14 -6.05 -0.25 -6.29
C LEU A 14 -5.24 0.66 -5.35
N CYS A 15 -3.95 0.49 -5.32
CA CYS A 15 -3.12 1.36 -4.43
C CYS A 15 -3.22 2.82 -4.89
N HIS A 16 -3.04 3.74 -3.99
CA HIS A 16 -3.13 5.18 -4.39
C HIS A 16 -2.02 5.99 -3.71
N PHE A 17 -1.82 7.20 -4.15
CA PHE A 17 -0.76 8.07 -3.55
C PHE A 17 -1.16 9.55 -3.65
N PRO A 18 -0.66 10.34 -2.74
CA PRO A 18 0.20 9.83 -1.63
C PRO A 18 -0.66 9.11 -0.59
N PHE A 19 -0.12 8.16 0.10
CA PHE A 19 -0.94 7.46 1.12
C PHE A 19 -0.24 7.47 2.49
N LEU A 20 -0.84 8.12 3.45
CA LEU A 20 -0.22 8.17 4.82
C LEU A 20 -0.09 6.77 5.40
N TYR A 21 1.10 6.34 5.68
CA TYR A 21 1.28 4.99 6.26
C TYR A 21 2.04 5.09 7.58
N ASN A 22 1.42 4.72 8.67
CA ASN A 22 2.10 4.81 9.98
C ASN A 22 2.50 6.27 10.25
N ASN A 23 1.64 7.19 9.89
CA ASN A 23 1.96 8.62 10.09
C ASN A 23 3.13 9.03 9.20
N HIS A 24 3.22 8.45 8.03
CA HIS A 24 4.34 8.81 7.11
C HIS A 24 3.82 8.91 5.67
N ASN A 25 3.38 10.06 5.27
CA ASN A 25 2.85 10.23 3.89
C ASN A 25 3.85 9.72 2.85
N TYR A 26 3.51 8.68 2.15
CA TYR A 26 4.45 8.14 1.12
C TYR A 26 3.84 8.36 -0.27
N THR A 27 4.56 8.01 -1.30
CA THR A 27 4.02 8.21 -2.68
C THR A 27 4.38 7.02 -3.57
N ASP A 28 4.93 5.99 -2.99
CA ASP A 28 5.31 4.79 -3.79
C ASP A 28 5.18 3.53 -2.92
N CYS A 29 5.58 2.40 -3.43
CA CYS A 29 5.47 1.15 -2.63
C CYS A 29 6.59 1.10 -1.59
N THR A 30 6.32 0.58 -0.42
CA THR A 30 7.37 0.48 0.62
C THR A 30 7.38 -0.93 1.23
N SER A 31 8.54 -1.42 1.56
CA SER A 31 8.61 -2.79 2.15
C SER A 31 8.91 -2.72 3.64
N GLU A 32 8.35 -1.76 4.33
CA GLU A 32 8.61 -1.63 5.79
C GLU A 32 7.70 -2.56 6.58
N GLY A 33 6.72 -3.11 5.93
CA GLY A 33 5.78 -4.03 6.64
C GLY A 33 6.01 -5.46 6.14
N ARG A 34 6.96 -5.66 5.27
CA ARG A 34 7.21 -7.03 4.75
C ARG A 34 8.47 -7.62 5.40
N ARG A 35 8.78 -8.84 5.11
CA ARG A 35 9.98 -9.47 5.71
C ARG A 35 10.77 -10.24 4.64
N ASP A 36 10.52 -9.94 3.39
CA ASP A 36 11.25 -10.65 2.29
C ASP A 36 12.00 -9.65 1.41
N ASN A 37 11.30 -8.95 0.56
CA ASN A 37 11.98 -7.95 -0.32
C ASN A 37 10.95 -7.22 -1.17
N MET A 38 9.89 -7.89 -1.56
CA MET A 38 8.84 -7.23 -2.39
C MET A 38 8.39 -5.93 -1.73
N LYS A 39 7.38 -5.29 -2.27
CA LYS A 39 6.90 -4.01 -1.66
C LYS A 39 5.37 -3.90 -1.80
N TRP A 40 4.74 -3.30 -0.83
CA TRP A 40 3.26 -3.15 -0.87
C TRP A 40 2.88 -1.67 -0.89
N CYS A 41 1.62 -1.38 -0.92
CA CYS A 41 1.17 0.04 -0.91
C CYS A 41 -0.19 0.16 -0.21
N GLY A 42 -0.51 1.31 0.29
CA GLY A 42 -1.80 1.48 0.99
C GLY A 42 -2.91 1.74 -0.04
N THR A 43 -4.10 1.31 0.24
CA THR A 43 -5.22 1.54 -0.72
C THR A 43 -6.10 2.69 -0.23
N THR A 44 -5.92 3.11 0.99
CA THR A 44 -6.74 4.23 1.53
C THR A 44 -5.96 5.54 1.47
N GLN A 45 -6.34 6.48 2.29
CA GLN A 45 -5.64 7.79 2.31
C GLN A 45 -5.04 8.06 3.70
N ASN A 46 -5.57 7.42 4.70
CA ASN A 46 -5.05 7.62 6.08
C ASN A 46 -4.84 6.24 6.74
N TYR A 47 -3.84 5.54 6.32
CA TYR A 47 -3.55 4.20 6.88
C TYR A 47 -3.67 4.21 8.42
N ASP A 48 -3.27 5.27 9.05
CA ASP A 48 -3.37 5.31 10.53
C ASP A 48 -4.83 5.21 10.98
N ALA A 49 -5.71 5.89 10.32
CA ALA A 49 -7.16 5.84 10.70
C ALA A 49 -7.91 4.81 9.86
N ASP A 50 -7.23 4.13 8.98
CA ASP A 50 -7.92 3.11 8.13
C ASP A 50 -7.24 1.75 8.27
N GLN A 51 -5.96 1.67 7.99
CA GLN A 51 -5.24 0.37 8.10
C GLN A 51 -5.61 -0.55 6.95
N LYS A 52 -5.41 -0.10 5.73
CA LYS A 52 -5.75 -0.94 4.56
C LYS A 52 -4.59 -0.93 3.55
N PHE A 53 -4.03 -2.07 3.26
CA PHE A 53 -2.89 -2.10 2.30
C PHE A 53 -3.15 -3.09 1.17
N GLY A 54 -2.17 -3.27 0.33
CA GLY A 54 -2.29 -4.21 -0.81
C GLY A 54 -0.89 -4.45 -1.35
N PHE A 55 -0.73 -5.24 -2.36
CA PHE A 55 0.65 -5.46 -2.88
C PHE A 55 0.94 -4.44 -3.99
N CYS A 56 2.17 -4.35 -4.44
CA CYS A 56 2.48 -3.37 -5.50
C CYS A 56 3.01 -4.06 -6.77
N PRO A 57 2.30 -5.06 -7.24
CA PRO A 57 2.72 -5.78 -8.46
C PRO A 57 2.83 -4.81 -9.64
N MET A 58 3.96 -4.17 -9.79
CA MET A 58 4.13 -3.22 -10.92
C MET A 58 5.60 -2.83 -11.05
N ALA A 59 6.48 -3.78 -11.01
CA ALA A 59 7.93 -3.47 -11.13
C ALA A 59 8.75 -4.75 -11.26
C1 NAG B . -0.32 13.57 5.22
C2 NAG B . -0.15 14.41 6.48
C3 NAG B . -1.53 14.77 6.99
C4 NAG B . -2.33 15.56 5.93
C5 NAG B . -2.41 14.70 4.62
C6 NAG B . -3.01 15.48 3.43
C7 NAG B . 1.92 13.81 7.64
C8 NAG B . 2.57 12.98 8.75
N2 NAG B . 0.59 13.67 7.50
O3 NAG B . -1.44 15.55 8.17
O4 NAG B . -3.61 15.88 6.46
O5 NAG B . -1.05 14.32 4.25
O6 NAG B . -2.71 14.80 2.22
O7 NAG B . 2.59 14.57 6.93
H1 NAG B . -0.85 12.65 5.47
H2 NAG B . 0.39 15.34 6.22
H3 NAG B . -2.08 13.84 7.21
H4 NAG B . -1.78 16.49 5.70
H5 NAG B . -3.01 13.80 4.80
H61 NAG B . -2.59 16.50 3.41
H62 NAG B . -4.10 15.55 3.56
H81 NAG B . 3.21 12.21 8.30
H82 NAG B . 1.78 12.50 9.35
H83 NAG B . 3.18 13.63 9.39
HN2 NAG B . 0.11 13.06 8.09
HO3 NAG B . -1.51 14.99 8.94
HO4 NAG B . -4.02 15.07 6.80
HO6 NAG B . -3.11 15.26 1.48
N VAL A 1 2.31 5.49 -10.82
CA VAL A 1 2.21 4.08 -11.28
C VAL A 1 0.79 3.55 -11.05
N LEU A 2 0.33 2.65 -11.88
CA LEU A 2 -1.04 2.09 -11.70
C LEU A 2 -0.97 0.62 -11.34
N VAL A 3 -0.97 0.30 -10.08
CA VAL A 3 -0.89 -1.13 -9.66
C VAL A 3 -2.16 -1.52 -8.89
N GLN A 4 -2.87 -2.51 -9.37
CA GLN A 4 -4.12 -2.95 -8.67
C GLN A 4 -3.83 -4.18 -7.81
N THR A 5 -4.36 -4.23 -6.62
CA THR A 5 -4.11 -5.41 -5.74
C THR A 5 -5.41 -6.15 -5.47
N ARG A 6 -5.32 -7.34 -4.94
CA ARG A 6 -6.54 -8.14 -4.65
C ARG A 6 -6.21 -9.31 -3.73
N GLY A 7 -6.09 -9.05 -2.45
CA GLY A 7 -5.77 -10.16 -1.50
C GLY A 7 -5.11 -9.57 -0.25
N GLY A 8 -4.56 -8.40 -0.36
CA GLY A 8 -3.90 -7.78 0.83
C GLY A 8 -4.91 -7.67 1.97
N ASN A 9 -5.31 -6.48 2.29
CA ASN A 9 -6.29 -6.30 3.41
C ASN A 9 -7.62 -5.79 2.86
N SER A 10 -7.66 -5.47 1.59
CA SER A 10 -8.93 -4.97 1.00
C SER A 10 -9.54 -6.03 0.09
N ASN A 11 -8.79 -7.05 -0.21
CA ASN A 11 -9.31 -8.13 -1.09
C ASN A 11 -10.09 -7.55 -2.27
N GLY A 12 -9.72 -6.38 -2.72
CA GLY A 12 -10.44 -5.78 -3.88
C GLY A 12 -10.26 -4.26 -3.86
N ALA A 13 -9.09 -3.79 -4.22
CA ALA A 13 -8.86 -2.31 -4.23
C ALA A 13 -7.66 -1.98 -5.12
N LEU A 14 -7.43 -0.73 -5.37
CA LEU A 14 -6.27 -0.34 -6.24
C LEU A 14 -5.25 0.49 -5.44
N CYS A 15 -4.02 0.09 -5.46
CA CYS A 15 -2.97 0.86 -4.73
C CYS A 15 -3.06 2.35 -5.06
N HIS A 16 -2.98 3.21 -4.08
CA HIS A 16 -3.08 4.67 -4.37
C HIS A 16 -1.87 5.41 -3.78
N PHE A 17 -1.56 6.56 -4.31
CA PHE A 17 -0.40 7.34 -3.78
C PHE A 17 -0.65 8.84 -3.97
N PRO A 18 -0.12 9.64 -3.06
CA PRO A 18 0.63 9.12 -1.90
C PRO A 18 -0.34 8.51 -0.88
N PHE A 19 0.17 7.90 0.15
CA PHE A 19 -0.74 7.31 1.17
C PHE A 19 -0.11 7.41 2.58
N LEU A 20 -0.75 8.13 3.46
CA LEU A 20 -0.18 8.28 4.84
C LEU A 20 -0.11 6.91 5.51
N TYR A 21 1.05 6.51 5.95
CA TYR A 21 1.18 5.19 6.62
C TYR A 21 1.80 5.35 8.01
N ASN A 22 1.03 5.16 9.05
CA ASN A 22 1.58 5.33 10.42
C ASN A 22 2.13 6.75 10.58
N ASN A 23 1.42 7.71 10.07
CA ASN A 23 1.89 9.12 10.16
C ASN A 23 3.11 9.32 9.27
N HIS A 24 3.19 8.58 8.19
CA HIS A 24 4.37 8.72 7.27
C HIS A 24 3.89 8.78 5.82
N ASN A 25 3.60 9.95 5.33
CA ASN A 25 3.13 10.06 3.92
C ASN A 25 4.13 9.40 2.97
N TYR A 26 3.77 8.28 2.41
CA TYR A 26 4.70 7.58 1.48
C TYR A 26 4.16 7.69 0.05
N THR A 27 4.80 8.46 -0.78
CA THR A 27 4.31 8.61 -2.19
C THR A 27 4.71 7.40 -3.02
N ASP A 28 5.30 6.40 -2.41
CA ASP A 28 5.71 5.18 -3.18
C ASP A 28 5.48 3.94 -2.33
N CYS A 29 5.56 2.77 -2.93
CA CYS A 29 5.34 1.52 -2.15
C CYS A 29 6.48 1.35 -1.13
N THR A 30 6.18 0.82 0.02
CA THR A 30 7.25 0.63 1.05
C THR A 30 7.24 -0.81 1.55
N SER A 31 8.40 -1.37 1.79
CA SER A 31 8.47 -2.78 2.28
C SER A 31 8.78 -2.79 3.78
N GLU A 32 8.44 -1.74 4.47
CA GLU A 32 8.73 -1.68 5.94
C GLU A 32 7.79 -2.63 6.70
N GLY A 33 6.87 -3.23 6.00
CA GLY A 33 5.93 -4.17 6.67
C GLY A 33 6.12 -5.58 6.11
N ARG A 34 7.07 -5.75 5.23
CA ARG A 34 7.29 -7.11 4.64
C ARG A 34 8.61 -7.70 5.16
N ARG A 35 8.97 -8.84 4.65
CA ARG A 35 10.23 -9.48 5.09
C ARG A 35 10.82 -10.30 3.94
N ASP A 36 10.38 -10.04 2.74
CA ASP A 36 10.91 -10.81 1.57
C ASP A 36 11.70 -9.89 0.64
N ASN A 37 11.05 -8.96 0.01
CA ASN A 37 11.77 -8.04 -0.91
C ASN A 37 10.78 -7.13 -1.65
N MET A 38 9.68 -7.68 -2.09
CA MET A 38 8.68 -6.84 -2.81
C MET A 38 8.26 -5.65 -1.94
N LYS A 39 7.27 -4.92 -2.38
CA LYS A 39 6.81 -3.74 -1.58
C LYS A 39 5.29 -3.62 -1.64
N TRP A 40 4.68 -3.10 -0.60
CA TRP A 40 3.21 -2.95 -0.60
C TRP A 40 2.85 -1.47 -0.55
N CYS A 41 1.59 -1.16 -0.58
CA CYS A 41 1.19 0.28 -0.52
C CYS A 41 -0.24 0.41 0.01
N GLY A 42 -0.51 1.46 0.73
CA GLY A 42 -1.88 1.65 1.29
C GLY A 42 -2.88 1.86 0.16
N THR A 43 -4.09 1.42 0.36
CA THR A 43 -5.13 1.59 -0.71
C THR A 43 -5.94 2.87 -0.44
N THR A 44 -5.90 3.38 0.77
CA THR A 44 -6.68 4.62 1.08
C THR A 44 -5.72 5.81 1.27
N GLN A 45 -6.26 6.97 1.49
CA GLN A 45 -5.40 8.18 1.69
C GLN A 45 -5.15 8.43 3.18
N ASN A 46 -5.46 7.48 4.01
CA ASN A 46 -5.23 7.68 5.48
C ASN A 46 -5.07 6.32 6.17
N TYR A 47 -3.91 5.74 6.08
CA TYR A 47 -3.68 4.42 6.72
C TYR A 47 -3.91 4.50 8.23
N ASP A 48 -3.47 5.57 8.85
CA ASP A 48 -3.65 5.69 10.32
C ASP A 48 -5.15 5.61 10.67
N ALA A 49 -6.00 5.89 9.73
CA ALA A 49 -7.46 5.84 10.01
C ALA A 49 -8.17 4.84 9.09
N ASP A 50 -7.43 4.10 8.31
CA ASP A 50 -8.08 3.11 7.40
C ASP A 50 -7.55 1.69 7.67
N GLN A 51 -6.27 1.55 7.88
CA GLN A 51 -5.65 0.22 8.14
C GLN A 51 -5.88 -0.72 6.95
N LYS A 52 -5.80 -0.21 5.76
CA LYS A 52 -6.00 -1.06 4.55
C LYS A 52 -4.78 -0.97 3.64
N PHE A 53 -4.08 -2.06 3.45
CA PHE A 53 -2.90 -2.03 2.55
C PHE A 53 -3.09 -3.01 1.39
N GLY A 54 -2.22 -2.96 0.43
CA GLY A 54 -2.32 -3.88 -0.74
C GLY A 54 -0.91 -4.14 -1.24
N PHE A 55 -0.76 -4.78 -2.36
CA PHE A 55 0.61 -5.03 -2.86
C PHE A 55 0.99 -4.01 -3.93
N CYS A 56 2.24 -3.98 -4.32
CA CYS A 56 2.67 -3.00 -5.35
C CYS A 56 3.31 -3.70 -6.57
N PRO A 57 2.65 -4.72 -7.07
CA PRO A 57 3.16 -5.46 -8.25
C PRO A 57 3.32 -4.51 -9.44
N MET A 58 4.47 -3.93 -9.61
CA MET A 58 4.65 -3.00 -10.76
C MET A 58 6.14 -2.64 -10.93
N ALA A 59 6.55 -2.32 -12.12
CA ALA A 59 7.98 -1.97 -12.35
C ALA A 59 8.14 -0.45 -12.51
C1 NAG B . 0.08 13.72 4.50
C2 NAG B . 0.23 14.62 5.71
C3 NAG B . -1.15 15.10 6.13
C4 NAG B . -1.84 15.87 4.98
C5 NAG B . -1.92 14.94 3.73
C6 NAG B . -2.41 15.68 2.47
C7 NAG B . 2.20 13.95 7.01
C8 NAG B . 2.74 13.11 8.17
N2 NAG B . 0.87 13.90 6.80
O3 NAG B . -1.06 15.94 7.27
O4 NAG B . -3.12 16.30 5.43
O5 NAG B . -0.57 14.45 3.44
O6 NAG B . -1.70 16.91 2.37
O7 NAG B . 2.95 14.64 6.30
H1 NAG B . -0.53 12.85 4.77
H2 NAG B . 0.85 15.49 5.44
H3 NAG B . -1.76 14.22 6.38
H4 NAG B . -1.21 16.75 4.74
H5 NAG B . -2.58 14.09 3.94
H61 NAG B . -3.49 15.88 2.57
H62 NAG B . -2.23 15.07 1.58
H81 NAG B . 3.71 12.67 7.88
H82 NAG B . 2.03 12.31 8.40
H83 NAG B . 2.88 13.75 9.05
HN2 NAG B . 0.32 13.33 7.40
HO3 NAG B . -0.63 16.76 7.02
HO4 NAG B . -3.47 16.96 4.83
HO6 NAG B . -1.00 16.83 1.72
N VAL A 1 1.82 3.04 -15.78
CA VAL A 1 2.45 2.79 -14.45
C VAL A 1 1.37 2.64 -13.38
N LEU A 2 0.72 1.51 -13.34
CA LEU A 2 -0.35 1.30 -12.31
C LEU A 2 -0.04 0.07 -11.46
N VAL A 3 -0.38 0.12 -10.21
CA VAL A 3 -0.11 -1.05 -9.32
C VAL A 3 -1.41 -1.55 -8.69
N GLN A 4 -1.94 -2.64 -9.19
CA GLN A 4 -3.21 -3.17 -8.62
C GLN A 4 -2.94 -4.34 -7.68
N THR A 5 -3.65 -4.43 -6.58
CA THR A 5 -3.42 -5.55 -5.64
C THR A 5 -4.65 -6.47 -5.60
N ARG A 6 -4.55 -7.56 -4.89
CA ARG A 6 -5.69 -8.50 -4.79
C ARG A 6 -5.47 -9.48 -3.63
N GLY A 7 -5.69 -9.05 -2.42
CA GLY A 7 -5.49 -9.96 -1.26
C GLY A 7 -5.28 -9.14 0.01
N GLY A 8 -4.80 -7.94 -0.13
CA GLY A 8 -4.58 -7.08 1.08
C GLY A 8 -5.93 -6.80 1.74
N ASN A 9 -6.32 -5.56 1.81
CA ASN A 9 -7.63 -5.23 2.45
C ASN A 9 -8.57 -4.63 1.40
N SER A 10 -8.26 -4.78 0.15
CA SER A 10 -9.14 -4.20 -0.91
C SER A 10 -9.97 -5.32 -1.56
N ASN A 11 -9.77 -6.54 -1.15
CA ASN A 11 -10.55 -7.66 -1.74
C ASN A 11 -10.52 -7.59 -3.27
N GLY A 12 -9.54 -6.92 -3.83
CA GLY A 12 -9.46 -6.82 -5.31
C GLY A 12 -9.65 -5.36 -5.73
N ALA A 13 -8.62 -4.56 -5.57
CA ALA A 13 -8.74 -3.12 -5.96
C ALA A 13 -7.35 -2.52 -6.19
N LEU A 14 -7.26 -1.46 -6.93
CA LEU A 14 -5.93 -0.82 -7.18
C LEU A 14 -5.51 0.02 -5.97
N CYS A 15 -4.25 0.06 -5.66
CA CYS A 15 -3.80 0.86 -4.49
C CYS A 15 -3.87 2.35 -4.84
N HIS A 16 -3.67 3.22 -3.88
CA HIS A 16 -3.73 4.68 -4.19
C HIS A 16 -2.54 5.40 -3.58
N PHE A 17 -2.30 6.60 -4.03
CA PHE A 17 -1.15 7.39 -3.50
C PHE A 17 -1.46 8.88 -3.56
N PRO A 18 -0.84 9.64 -2.69
CA PRO A 18 0.07 9.07 -1.66
C PRO A 18 -0.74 8.42 -0.54
N PHE A 19 -0.09 7.87 0.46
CA PHE A 19 -0.86 7.26 1.57
C PHE A 19 -0.11 7.39 2.90
N LEU A 20 -0.72 8.04 3.86
CA LEU A 20 -0.07 8.23 5.19
C LEU A 20 0.16 6.88 5.87
N TYR A 21 1.29 6.29 5.66
CA TYR A 21 1.57 4.97 6.30
C TYR A 21 2.30 5.18 7.64
N ASN A 22 1.63 4.92 8.73
CA ASN A 22 2.27 5.11 10.06
C ASN A 22 2.63 6.60 10.23
N ASN A 23 1.70 7.46 9.98
CA ASN A 23 1.97 8.91 10.11
C ASN A 23 3.14 9.29 9.20
N HIS A 24 3.33 8.54 8.16
CA HIS A 24 4.45 8.83 7.21
C HIS A 24 3.89 8.94 5.79
N ASN A 25 3.50 10.11 5.39
CA ASN A 25 2.93 10.29 4.03
C ASN A 25 3.91 9.84 2.95
N TYR A 26 3.72 8.65 2.42
CA TYR A 26 4.61 8.16 1.34
C TYR A 26 3.91 8.30 0.00
N THR A 27 4.56 7.98 -1.08
CA THR A 27 3.90 8.09 -2.41
C THR A 27 4.27 6.88 -3.27
N ASP A 28 4.74 5.83 -2.65
CA ASP A 28 5.13 4.62 -3.43
C ASP A 28 4.98 3.37 -2.55
N CYS A 29 5.51 2.27 -2.99
CA CYS A 29 5.39 1.01 -2.18
C CYS A 29 6.49 0.97 -1.11
N THR A 30 6.16 0.59 0.10
CA THR A 30 7.18 0.51 1.16
C THR A 30 7.25 -0.91 1.73
N SER A 31 8.43 -1.39 1.99
CA SER A 31 8.56 -2.78 2.52
C SER A 31 8.81 -2.73 4.04
N GLU A 32 8.29 -1.71 4.69
CA GLU A 32 8.50 -1.60 6.17
C GLU A 32 7.76 -2.71 6.90
N GLY A 33 7.00 -3.49 6.22
CA GLY A 33 6.26 -4.60 6.88
C GLY A 33 6.53 -5.90 6.13
N ARG A 34 7.48 -5.90 5.23
CA ARG A 34 7.79 -7.13 4.47
C ARG A 34 9.26 -7.51 4.61
N ARG A 35 10.12 -6.61 4.24
CA ARG A 35 11.59 -6.87 4.31
C ARG A 35 11.86 -8.31 3.86
N ASP A 36 11.02 -8.82 3.00
CA ASP A 36 11.21 -10.21 2.51
C ASP A 36 11.63 -10.19 1.04
N ASN A 37 11.05 -9.32 0.26
CA ASN A 37 11.43 -9.26 -1.19
C ASN A 37 10.61 -8.20 -1.92
N MET A 38 9.31 -8.32 -1.89
CA MET A 38 8.45 -7.33 -2.60
C MET A 38 8.04 -6.19 -1.65
N LYS A 39 7.25 -5.27 -2.13
CA LYS A 39 6.81 -4.12 -1.29
C LYS A 39 5.29 -3.99 -1.34
N TRP A 40 4.68 -3.36 -0.36
CA TRP A 40 3.20 -3.20 -0.39
C TRP A 40 2.83 -1.72 -0.47
N CYS A 41 1.56 -1.43 -0.54
CA CYS A 41 1.13 0.00 -0.64
C CYS A 41 -0.16 0.22 0.18
N GLY A 42 -0.51 1.44 0.42
CA GLY A 42 -1.75 1.72 1.21
C GLY A 42 -2.92 1.97 0.25
N THR A 43 -4.06 1.43 0.56
CA THR A 43 -5.24 1.61 -0.33
C THR A 43 -6.09 2.81 0.13
N THR A 44 -5.85 3.29 1.32
CA THR A 44 -6.64 4.45 1.83
C THR A 44 -5.79 5.74 1.80
N GLN A 45 -6.30 6.80 2.37
CA GLN A 45 -5.52 8.08 2.37
C GLN A 45 -4.98 8.36 3.77
N ASN A 46 -5.31 7.53 4.73
CA ASN A 46 -4.81 7.73 6.11
C ASN A 46 -4.63 6.38 6.80
N TYR A 47 -3.57 5.70 6.51
CA TYR A 47 -3.34 4.36 7.13
C TYR A 47 -3.53 4.42 8.65
N ASP A 48 -3.06 5.45 9.29
CA ASP A 48 -3.23 5.53 10.76
C ASP A 48 -4.71 5.68 11.12
N ALA A 49 -5.46 6.34 10.30
CA ALA A 49 -6.91 6.53 10.60
C ALA A 49 -7.77 5.56 9.77
N ASP A 50 -7.15 4.68 9.05
CA ASP A 50 -7.93 3.70 8.22
C ASP A 50 -7.41 2.28 8.45
N GLN A 51 -6.13 2.07 8.28
CA GLN A 51 -5.54 0.71 8.46
C GLN A 51 -5.91 -0.18 7.27
N LYS A 52 -5.46 0.18 6.11
CA LYS A 52 -5.78 -0.64 4.90
C LYS A 52 -4.59 -0.63 3.93
N PHE A 53 -4.05 -1.79 3.63
CA PHE A 53 -2.89 -1.83 2.70
C PHE A 53 -3.20 -2.75 1.52
N GLY A 54 -2.20 -3.07 0.74
CA GLY A 54 -2.39 -3.96 -0.42
C GLY A 54 -0.99 -4.34 -0.93
N PHE A 55 -0.89 -5.04 -2.01
CA PHE A 55 0.46 -5.39 -2.51
C PHE A 55 0.85 -4.42 -3.62
N CYS A 56 2.11 -4.40 -3.99
CA CYS A 56 2.54 -3.45 -5.06
C CYS A 56 3.22 -4.19 -6.22
N PRO A 57 2.51 -5.14 -6.80
CA PRO A 57 3.07 -5.91 -7.93
C PRO A 57 3.43 -4.97 -9.08
N MET A 58 4.67 -4.56 -9.16
CA MET A 58 5.09 -3.64 -10.26
C MET A 58 6.58 -3.82 -10.57
N ALA A 59 6.93 -3.89 -11.81
CA ALA A 59 8.37 -4.06 -12.18
C ALA A 59 8.96 -5.27 -11.44
C1 NAG B . -0.44 13.54 5.14
C2 NAG B . -0.32 14.44 6.36
C3 NAG B . -1.72 14.74 6.88
C4 NAG B . -2.57 15.43 5.81
C5 NAG B . -2.63 14.52 4.53
C6 NAG B . -3.30 15.21 3.33
C7 NAG B . 1.80 14.02 7.51
C8 NAG B . 2.52 13.25 8.63
N2 NAG B . 0.48 13.78 7.39
O3 NAG B . -1.65 15.57 8.03
O4 NAG B . -3.86 15.69 6.35
O5 NAG B . -1.25 14.20 4.14
O6 NAG B . -4.65 15.51 3.67
O7 NAG B . 2.41 14.81 6.77
H1 NAG B . -0.93 12.59 5.43
H2 NAG B . 0.16 15.38 6.06
H3 NAG B . -2.20 13.79 7.14
H4 NAG B . -2.08 16.39 5.53
H5 NAG B . -3.16 13.59 4.76
H61 NAG B . -2.76 16.15 3.11
H62 NAG B . -3.26 14.55 2.46
H81 NAG B . 3.39 12.74 8.21
H82 NAG B . 1.83 12.52 9.07
H83 NAG B . 2.85 13.96 9.40
HN2 NAG B . 0.05 13.15 8.00
HO3 NAG B . -1.19 15.11 8.74
HO4 NAG B . -4.34 16.29 5.76
HO6 NAG B . -5.23 15.10 3.02
N VAL A 1 2.10 4.18 -13.90
CA VAL A 1 2.29 3.16 -12.83
C VAL A 1 1.06 2.24 -12.73
N LEU A 2 1.27 1.01 -12.38
CA LEU A 2 0.11 0.08 -12.26
C LEU A 2 0.30 -0.87 -11.07
N VAL A 3 -0.12 -0.46 -9.91
CA VAL A 3 0.02 -1.32 -8.70
C VAL A 3 -1.34 -1.81 -8.24
N GLN A 4 -1.91 -2.77 -8.91
CA GLN A 4 -3.24 -3.30 -8.51
C GLN A 4 -3.08 -4.45 -7.52
N THR A 5 -3.85 -4.47 -6.47
CA THR A 5 -3.74 -5.59 -5.49
C THR A 5 -5.07 -6.32 -5.34
N ARG A 6 -5.03 -7.45 -4.70
CA ARG A 6 -6.28 -8.24 -4.50
C ARG A 6 -6.05 -9.30 -3.42
N GLY A 7 -5.55 -8.89 -2.30
CA GLY A 7 -5.29 -9.86 -1.19
C GLY A 7 -5.20 -9.10 0.14
N GLY A 8 -4.63 -7.93 0.13
CA GLY A 8 -4.50 -7.14 1.38
C GLY A 8 -5.89 -6.92 1.98
N ASN A 9 -6.32 -5.68 2.03
CA ASN A 9 -7.66 -5.39 2.61
C ASN A 9 -8.56 -4.75 1.55
N SER A 10 -8.09 -4.62 0.34
CA SER A 10 -8.92 -4.00 -0.72
C SER A 10 -9.75 -5.05 -1.46
N ASN A 11 -9.54 -6.31 -1.15
CA ASN A 11 -10.31 -7.39 -1.82
C ASN A 11 -10.41 -7.11 -3.33
N GLY A 12 -9.35 -6.61 -3.92
CA GLY A 12 -9.39 -6.33 -5.38
C GLY A 12 -9.56 -4.83 -5.61
N ALA A 13 -8.55 -4.05 -5.32
CA ALA A 13 -8.67 -2.57 -5.52
C ALA A 13 -7.28 -1.95 -5.73
N LEU A 14 -7.10 -1.25 -6.82
CA LEU A 14 -5.78 -0.62 -7.08
C LEU A 14 -5.26 0.04 -5.80
N CYS A 15 -4.01 0.44 -5.77
CA CYS A 15 -3.47 1.11 -4.55
C CYS A 15 -3.56 2.63 -4.77
N HIS A 16 -3.25 3.43 -3.77
CA HIS A 16 -3.33 4.90 -3.99
C HIS A 16 -2.18 5.64 -3.31
N PHE A 17 -1.91 6.82 -3.79
CA PHE A 17 -0.81 7.64 -3.21
C PHE A 17 -1.14 9.14 -3.38
N PRO A 18 -0.60 9.95 -2.52
CA PRO A 18 0.28 9.48 -1.42
C PRO A 18 -0.57 8.85 -0.32
N PHE A 19 -0.11 7.81 0.31
CA PHE A 19 -0.94 7.19 1.39
C PHE A 19 -0.23 7.31 2.74
N LEU A 20 -0.81 8.05 3.65
CA LEU A 20 -0.19 8.22 4.99
C LEU A 20 -0.06 6.86 5.66
N TYR A 21 1.13 6.48 6.04
CA TYR A 21 1.30 5.16 6.70
C TYR A 21 2.04 5.32 8.04
N ASN A 22 1.41 5.00 9.13
CA ASN A 22 2.08 5.14 10.44
C ASN A 22 2.55 6.58 10.60
N ASN A 23 1.76 7.51 10.16
CA ASN A 23 2.15 8.94 10.27
C ASN A 23 3.32 9.23 9.33
N HIS A 24 3.32 8.61 8.17
CA HIS A 24 4.43 8.84 7.20
C HIS A 24 3.85 8.90 5.78
N ASN A 25 3.52 10.08 5.33
CA ASN A 25 2.95 10.21 3.96
C ASN A 25 3.90 9.63 2.92
N TYR A 26 3.54 8.53 2.32
CA TYR A 26 4.40 7.92 1.28
C TYR A 26 3.75 8.10 -0.09
N THR A 27 4.49 7.90 -1.16
CA THR A 27 3.88 8.06 -2.50
C THR A 27 4.14 6.81 -3.35
N ASP A 28 4.88 5.88 -2.82
CA ASP A 28 5.16 4.64 -3.59
C ASP A 28 5.02 3.42 -2.68
N CYS A 29 5.40 2.26 -3.14
CA CYS A 29 5.28 1.04 -2.29
C CYS A 29 6.45 0.99 -1.30
N THR A 30 6.20 0.57 -0.09
CA THR A 30 7.31 0.50 0.90
C THR A 30 7.39 -0.92 1.50
N SER A 31 8.57 -1.39 1.76
CA SER A 31 8.73 -2.76 2.33
C SER A 31 9.09 -2.67 3.82
N GLU A 32 8.60 -1.66 4.50
CA GLU A 32 8.91 -1.53 5.94
C GLU A 32 8.24 -2.65 6.75
N GLY A 33 7.43 -3.44 6.09
CA GLY A 33 6.74 -4.57 6.79
C GLY A 33 7.01 -5.86 6.04
N ARG A 34 7.91 -5.85 5.10
CA ARG A 34 8.22 -7.08 4.33
C ARG A 34 9.69 -7.44 4.46
N ARG A 35 10.53 -6.56 4.02
CA ARG A 35 12.01 -6.80 4.09
C ARG A 35 12.31 -8.25 3.74
N ASP A 36 11.47 -8.85 2.92
CA ASP A 36 11.70 -10.27 2.54
C ASP A 36 11.93 -10.39 1.03
N ASN A 37 11.09 -9.78 0.23
CA ASN A 37 11.28 -9.87 -1.26
C ASN A 37 10.09 -9.22 -1.98
N MET A 38 9.70 -8.06 -1.57
CA MET A 38 8.55 -7.39 -2.24
C MET A 38 8.15 -6.13 -1.49
N LYS A 39 7.22 -5.38 -2.02
CA LYS A 39 6.78 -4.13 -1.33
C LYS A 39 5.25 -4.00 -1.37
N TRP A 40 4.67 -3.37 -0.39
CA TRP A 40 3.18 -3.21 -0.39
C TRP A 40 2.82 -1.73 -0.42
N CYS A 41 1.55 -1.43 -0.45
CA CYS A 41 1.14 0.01 -0.48
C CYS A 41 -0.26 0.15 0.15
N GLY A 42 -0.53 1.28 0.73
CA GLY A 42 -1.87 1.48 1.38
C GLY A 42 -2.94 1.63 0.30
N THR A 43 -4.13 1.18 0.58
CA THR A 43 -5.24 1.30 -0.42
C THR A 43 -6.12 2.50 -0.08
N THR A 44 -6.04 2.98 1.14
CA THR A 44 -6.88 4.15 1.53
C THR A 44 -6.05 5.44 1.47
N GLN A 45 -6.60 6.53 1.93
CA GLN A 45 -5.86 7.82 1.88
C GLN A 45 -5.39 8.20 3.29
N ASN A 46 -5.65 7.38 4.26
CA ASN A 46 -5.24 7.69 5.66
C ASN A 46 -5.06 6.39 6.44
N TYR A 47 -3.94 5.73 6.27
CA TYR A 47 -3.70 4.45 6.98
C TYR A 47 -3.88 4.61 8.50
N ASP A 48 -3.44 5.69 9.05
CA ASP A 48 -3.58 5.88 10.52
C ASP A 48 -5.06 5.91 10.92
N ALA A 49 -5.92 6.32 10.03
CA ALA A 49 -7.37 6.37 10.37
C ALA A 49 -8.16 5.31 9.59
N ASP A 50 -7.51 4.53 8.78
CA ASP A 50 -8.24 3.48 8.00
C ASP A 50 -7.64 2.10 8.27
N GLN A 51 -6.35 1.98 8.22
CA GLN A 51 -5.69 0.66 8.47
C GLN A 51 -6.01 -0.30 7.32
N LYS A 52 -5.52 -0.01 6.15
CA LYS A 52 -5.79 -0.90 4.98
C LYS A 52 -4.59 -0.88 4.04
N PHE A 53 -4.01 -2.02 3.77
CA PHE A 53 -2.84 -2.06 2.85
C PHE A 53 -3.12 -2.99 1.66
N GLY A 54 -2.16 -3.14 0.80
CA GLY A 54 -2.33 -4.02 -0.38
C GLY A 54 -0.94 -4.39 -0.88
N PHE A 55 -0.84 -5.10 -1.96
CA PHE A 55 0.53 -5.46 -2.45
C PHE A 55 0.92 -4.53 -3.61
N CYS A 56 2.17 -4.53 -3.98
CA CYS A 56 2.61 -3.65 -5.09
C CYS A 56 3.33 -4.47 -6.17
N PRO A 57 2.58 -5.32 -6.83
CA PRO A 57 3.17 -6.16 -7.91
C PRO A 57 3.72 -5.27 -9.03
N MET A 58 4.93 -4.81 -8.89
CA MET A 58 5.51 -3.94 -9.96
C MET A 58 6.98 -3.63 -9.64
N ALA A 59 7.88 -3.98 -10.51
CA ALA A 59 9.32 -3.71 -10.25
C ALA A 59 9.51 -2.29 -9.72
C1 NAG B . -0.28 13.80 4.42
C2 NAG B . -0.07 14.53 5.73
C3 NAG B . -1.43 15.01 6.22
C4 NAG B . -2.08 15.97 5.19
C5 NAG B . -2.21 15.21 3.82
C6 NAG B . -2.67 16.12 2.67
C7 NAG B . 1.52 14.06 7.54
C8 NAG B . 2.13 13.00 8.45
N2 NAG B . 0.54 13.64 6.71
O3 NAG B . -1.29 15.70 7.45
O4 NAG B . -3.35 16.39 5.70
O5 NAG B . -0.89 14.69 3.47
O6 NAG B . -3.67 17.01 3.17
O7 NAG B . 1.91 15.24 7.54
H1 NAG B . -0.92 12.93 4.57
H2 NAG B . 0.58 15.40 5.56
H3 NAG B . -2.08 14.14 6.36
H4 NAG B . -1.41 16.83 5.05
H5 NAG B . -2.91 14.36 3.92
H61 NAG B . -3.09 15.52 1.86
H62 NAG B . -1.81 16.70 2.30
H81 NAG B . 1.33 12.37 8.85
H82 NAG B . 2.65 13.50 9.29
H83 NAG B . 2.83 12.40 7.89
HN2 NAG B . 0.26 12.70 6.75
HO3 NAG B . -0.81 16.52 7.32
HO4 NAG B . -3.87 15.62 5.92
HO6 NAG B . -3.25 17.75 3.62
#